data_7XIG
#
_entry.id   7XIG
#
_cell.length_a   77.828
_cell.length_b   80.392
_cell.length_c   97.844
_cell.angle_alpha   72.46
_cell.angle_beta   89.13
_cell.angle_gamma   88.08
#
_symmetry.space_group_name_H-M   'P 1'
#
loop_
_entity.id
_entity.type
_entity.pdbx_description
1 polymer 'Polyamine aminopropyltransferase'
2 non-polymer "5'-DEOXY-5'-METHYLTHIOADENOSINE"
3 non-polymer SPERMINE
4 non-polymer '4-(2-HYDROXYETHYL)-1-PIPERAZINE ETHANESULFONIC ACID'
5 water water
#
_entity_poly.entity_id   1
_entity_poly.type   'polypeptide(L)'
_entity_poly.pdbx_seq_one_letter_code
;MGSSHHHHHHSSGLVPRGSHMRKVPGPITLIEPLSGNTSLLIKINAIHSVKKSPYQEIIIADTEDYGRVLILDDYIQSSY
VDEQYYHESLVHPAMATHPNPRDVLILGGGEGATLREALKHGTVKRAVMVDIDRDVVELSRAYLPQMHQGAFDDPRAKVV
IQDGFVYVEEAIKAGDKYDVIIMDLTDPYSSDIAKQLYTREFFAKIRRILNDDGVVVTQAGNSFYFPAEYDMVLEGVKAN
FPIVAEYEVWIPSFGYAVNFILGSLRYDPHALTPSEVDERLRARGVKTAFYTGRVHLALMNMPIHRKLR
;
_entity_poly.pdbx_strand_id   A,B,C,D,E,F,G,H
#
# COMPACT_ATOMS: atom_id res chain seq x y z
N VAL A 24 -14.99 51.89 5.66
CA VAL A 24 -15.56 51.18 4.43
C VAL A 24 -14.63 51.38 3.21
N PRO A 25 -14.31 50.30 2.43
CA PRO A 25 -13.13 50.30 1.58
C PRO A 25 -13.36 51.13 0.34
N GLY A 26 -12.30 51.80 -0.12
CA GLY A 26 -12.32 52.65 -1.27
C GLY A 26 -11.39 53.84 -1.07
N PRO A 27 -11.26 54.75 -2.07
CA PRO A 27 -12.08 54.70 -3.28
C PRO A 27 -11.78 53.61 -4.31
N ILE A 28 -10.53 53.13 -4.35
CA ILE A 28 -10.14 52.08 -5.30
C ILE A 28 -10.14 50.74 -4.55
N THR A 29 -10.73 49.72 -5.17
CA THR A 29 -11.15 48.51 -4.48
C THR A 29 -10.85 47.29 -5.35
N LEU A 30 -10.37 46.20 -4.74
CA LEU A 30 -10.36 44.91 -5.40
C LEU A 30 -11.63 44.15 -4.99
N ILE A 31 -12.32 43.59 -5.98
CA ILE A 31 -13.42 42.68 -5.66
C ILE A 31 -12.90 41.25 -5.77
N GLU A 32 -12.64 40.61 -4.63
CA GLU A 32 -12.07 39.27 -4.67
C GLU A 32 -13.19 38.25 -4.54
N PRO A 33 -13.40 37.36 -5.52
CA PRO A 33 -14.44 36.34 -5.44
C PRO A 33 -14.04 35.42 -4.28
N LEU A 34 -15.04 34.92 -3.58
CA LEU A 34 -14.77 33.93 -2.57
C LEU A 34 -15.54 32.69 -2.97
N SER A 35 -16.88 32.71 -2.79
CA SER A 35 -17.65 31.51 -2.97
C SER A 35 -18.58 31.62 -4.17
N GLY A 36 -18.68 32.80 -4.77
CA GLY A 36 -19.80 33.02 -5.66
C GLY A 36 -20.97 33.71 -4.93
N ASN A 37 -21.21 33.37 -3.66
CA ASN A 37 -22.29 33.99 -2.90
C ASN A 37 -21.74 34.97 -1.87
N THR A 38 -20.41 35.02 -1.74
CA THR A 38 -19.69 35.94 -0.88
C THR A 38 -18.45 36.38 -1.68
N SER A 39 -18.10 37.67 -1.61
CA SER A 39 -16.87 38.19 -2.16
C SER A 39 -16.28 39.17 -1.13
N LEU A 40 -14.99 39.49 -1.27
CA LEU A 40 -14.34 40.49 -0.42
C LEU A 40 -14.19 41.78 -1.20
N LEU A 41 -14.42 42.92 -0.53
CA LEU A 41 -14.04 44.22 -1.07
C LEU A 41 -12.80 44.69 -0.32
N ILE A 42 -11.71 44.94 -1.03
CA ILE A 42 -10.42 45.21 -0.40
C ILE A 42 -9.87 46.53 -0.95
N LYS A 43 -9.60 47.49 -0.06
CA LYS A 43 -8.99 48.75 -0.46
C LYS A 43 -7.62 48.55 -1.09
N ILE A 44 -7.40 49.16 -2.25
CA ILE A 44 -6.16 49.15 -3.02
C ILE A 44 -5.50 50.52 -2.87
N ASN A 45 -4.19 50.54 -2.58
CA ASN A 45 -3.44 51.81 -2.51
C ASN A 45 -2.71 52.10 -3.82
N ALA A 46 -2.32 51.06 -4.57
CA ALA A 46 -1.54 51.22 -5.80
C ALA A 46 -1.57 49.93 -6.60
N ILE A 47 -1.39 50.04 -7.93
CA ILE A 47 -1.21 48.90 -8.80
C ILE A 47 0.20 48.99 -9.40
N HIS A 48 1.03 47.97 -9.16
CA HIS A 48 2.41 47.96 -9.63
C HIS A 48 2.53 47.32 -11.01
N SER A 49 1.62 46.40 -11.34
CA SER A 49 1.77 45.66 -12.58
C SER A 49 0.49 44.91 -12.95
N VAL A 50 0.15 44.96 -14.24
CA VAL A 50 -0.97 44.22 -14.81
C VAL A 50 -0.46 43.51 -16.06
N LYS A 51 -0.65 42.20 -16.13
CA LYS A 51 -0.14 41.46 -17.27
C LYS A 51 -1.13 40.35 -17.62
N LYS A 52 -1.62 40.36 -18.86
CA LYS A 52 -2.36 39.23 -19.38
C LYS A 52 -1.36 38.25 -19.96
N SER A 53 -1.05 37.18 -19.20
CA SER A 53 -0.15 36.13 -19.66
C SER A 53 -0.95 35.17 -20.55
N PRO A 54 -0.29 34.24 -21.28
CA PRO A 54 -1.03 33.20 -22.01
C PRO A 54 -1.92 32.31 -21.13
N TYR A 55 -1.68 32.29 -19.81
CA TYR A 55 -2.36 31.35 -18.94
C TYR A 55 -3.40 32.01 -18.06
N GLN A 56 -3.14 33.25 -17.62
CA GLN A 56 -3.96 33.88 -16.60
C GLN A 56 -3.66 35.38 -16.53
N GLU A 57 -4.58 36.12 -15.91
CA GLU A 57 -4.42 37.55 -15.71
C GLU A 57 -3.72 37.78 -14.38
N ILE A 58 -2.63 38.56 -14.40
CA ILE A 58 -1.79 38.74 -13.23
C ILE A 58 -1.85 40.21 -12.82
N ILE A 59 -2.04 40.45 -11.51
CA ILE A 59 -1.97 41.80 -11.01
C ILE A 59 -1.10 41.80 -9.76
N ILE A 60 -0.22 42.79 -9.64
CA ILE A 60 0.49 43.00 -8.39
C ILE A 60 0.08 44.37 -7.87
N ALA A 61 -0.36 44.41 -6.60
CA ALA A 61 -0.98 45.62 -6.07
C ALA A 61 -0.60 45.77 -4.60
N ASP A 62 -0.79 46.98 -4.08
CA ASP A 62 -0.66 47.22 -2.65
C ASP A 62 -2.06 47.37 -2.08
N THR A 63 -2.34 46.62 -1.01
CA THR A 63 -3.61 46.74 -0.34
C THR A 63 -3.33 47.40 1.02
N GLU A 64 -4.32 48.13 1.52
CA GLU A 64 -4.17 48.74 2.84
C GLU A 64 -4.03 47.65 3.92
N ASP A 65 -4.90 46.64 3.88
CA ASP A 65 -4.96 45.67 4.97
C ASP A 65 -3.82 44.65 4.90
N TYR A 66 -3.39 44.26 3.69
CA TYR A 66 -2.59 43.06 3.55
C TYR A 66 -1.23 43.38 2.94
N GLY A 67 -0.96 44.68 2.69
CA GLY A 67 0.27 45.06 2.02
C GLY A 67 0.24 44.56 0.57
N ARG A 68 1.42 44.26 0.05
CA ARG A 68 1.53 43.85 -1.35
C ARG A 68 0.93 42.46 -1.57
N VAL A 69 0.23 42.29 -2.70
CA VAL A 69 -0.46 41.05 -3.02
C VAL A 69 -0.15 40.66 -4.46
N LEU A 70 -0.15 39.35 -4.71
CA LEU A 70 -0.22 38.81 -6.05
C LEU A 70 -1.65 38.32 -6.26
N ILE A 71 -2.24 38.71 -7.41
CA ILE A 71 -3.60 38.35 -7.77
C ILE A 71 -3.55 37.61 -9.11
N LEU A 72 -4.19 36.43 -9.17
CA LEU A 72 -4.32 35.69 -10.41
C LEU A 72 -5.79 35.41 -10.66
N ASP A 73 -6.30 35.93 -11.79
CA ASP A 73 -7.70 35.80 -12.17
C ASP A 73 -8.63 36.28 -11.04
N ASP A 74 -8.26 37.37 -10.37
CA ASP A 74 -9.09 38.04 -9.38
C ASP A 74 -8.88 37.49 -7.96
N TYR A 75 -8.19 36.35 -7.80
CA TYR A 75 -7.96 35.79 -6.48
C TYR A 75 -6.58 36.17 -5.95
N ILE A 76 -6.52 36.72 -4.73
CA ILE A 76 -5.27 36.93 -4.03
C ILE A 76 -4.61 35.56 -3.79
N GLN A 77 -3.34 35.46 -4.18
CA GLN A 77 -2.60 34.21 -4.06
C GLN A 77 -1.72 34.29 -2.82
N SER A 78 -1.41 35.51 -2.39
CA SER A 78 -0.35 35.71 -1.41
C SER A 78 -0.35 37.18 -1.03
N SER A 79 -0.16 37.47 0.27
CA SER A 79 -0.04 38.84 0.67
C SER A 79 1.16 38.95 1.60
N TYR A 80 1.80 40.12 1.64
CA TYR A 80 2.94 40.32 2.51
C TYR A 80 2.58 40.08 3.97
N VAL A 81 1.38 40.50 4.42
CA VAL A 81 1.16 40.43 5.86
C VAL A 81 0.78 39.01 6.32
N ASP A 82 0.33 38.13 5.42
CA ASP A 82 -0.15 36.85 5.93
C ASP A 82 0.37 35.63 5.16
N GLU A 83 1.22 35.84 4.14
CA GLU A 83 1.71 34.73 3.32
C GLU A 83 2.50 33.70 4.15
N GLN A 84 3.18 34.14 5.21
CA GLN A 84 3.94 33.20 6.03
C GLN A 84 3.05 32.17 6.71
N TYR A 85 1.81 32.56 7.06
CA TYR A 85 0.90 31.59 7.64
C TYR A 85 0.61 30.51 6.61
N TYR A 86 0.45 30.92 5.36
CA TYR A 86 0.12 29.97 4.33
C TYR A 86 1.32 29.07 4.03
N HIS A 87 2.50 29.67 3.79
CA HIS A 87 3.62 28.92 3.24
C HIS A 87 4.24 28.04 4.31
N GLU A 88 4.24 28.51 5.56
CA GLU A 88 4.75 27.69 6.65
C GLU A 88 3.81 26.51 6.91
N SER A 89 2.50 26.73 6.82
CA SER A 89 1.51 25.68 7.02
C SER A 89 1.59 24.64 5.91
N LEU A 90 1.87 25.09 4.68
CA LEU A 90 1.94 24.19 3.55
C LEU A 90 3.18 23.30 3.64
N VAL A 91 4.31 23.88 4.06
CA VAL A 91 5.60 23.24 3.82
C VAL A 91 6.06 22.45 5.05
N HIS A 92 6.03 23.08 6.23
CA HIS A 92 6.76 22.53 7.37
C HIS A 92 6.14 21.24 7.95
N PRO A 93 4.82 21.08 8.09
CA PRO A 93 4.31 19.80 8.60
C PRO A 93 4.84 18.61 7.79
N ALA A 94 4.85 18.74 6.46
CA ALA A 94 5.34 17.65 5.61
C ALA A 94 6.84 17.46 5.78
N MET A 95 7.60 18.56 5.74
CA MET A 95 9.05 18.46 5.79
C MET A 95 9.49 17.92 7.16
N ALA A 96 8.75 18.30 8.21
CA ALA A 96 9.09 17.85 9.56
C ALA A 96 8.68 16.40 9.78
N THR A 97 7.65 15.94 9.07
CA THR A 97 7.20 14.55 9.17
C THR A 97 8.26 13.60 8.60
N HIS A 98 8.86 13.99 7.48
CA HIS A 98 9.92 13.22 6.85
C HIS A 98 11.18 13.33 7.69
N PRO A 99 11.81 12.21 8.10
CA PRO A 99 13.02 12.25 8.93
C PRO A 99 14.26 12.80 8.22
N ASN A 100 14.29 12.80 6.88
CA ASN A 100 15.47 13.23 6.17
C ASN A 100 15.14 13.64 4.74
N PRO A 101 14.41 14.76 4.50
CA PRO A 101 14.02 15.10 3.12
C PRO A 101 15.18 15.76 2.37
N ARG A 102 15.64 15.11 1.29
CA ARG A 102 16.84 15.56 0.58
C ARG A 102 16.47 16.13 -0.78
N ASP A 103 15.45 15.53 -1.41
CA ASP A 103 14.98 15.91 -2.74
C ASP A 103 13.52 16.32 -2.65
N VAL A 104 13.24 17.58 -3.03
CA VAL A 104 11.92 18.17 -2.91
C VAL A 104 11.47 18.64 -4.29
N LEU A 105 10.22 18.34 -4.63
CA LEU A 105 9.59 18.87 -5.81
C LEU A 105 8.42 19.77 -5.39
N ILE A 106 8.33 20.95 -6.02
CA ILE A 106 7.25 21.90 -5.81
C ILE A 106 6.55 22.14 -7.14
N LEU A 107 5.24 21.85 -7.20
CA LEU A 107 4.44 22.18 -8.36
C LEU A 107 3.66 23.46 -8.05
N GLY A 108 3.81 24.47 -8.91
CA GLY A 108 3.28 25.81 -8.66
C GLY A 108 4.29 26.68 -7.91
N GLY A 109 3.82 27.43 -6.90
CA GLY A 109 4.69 28.19 -6.03
C GLY A 109 5.39 29.33 -6.74
N GLY A 110 4.71 29.91 -7.74
CA GLY A 110 5.28 30.90 -8.66
C GLY A 110 5.91 32.11 -7.96
N GLU A 111 5.47 32.47 -6.75
CA GLU A 111 6.06 33.62 -6.11
C GLU A 111 7.35 33.27 -5.36
N GLY A 112 7.64 31.97 -5.20
CA GLY A 112 8.92 31.55 -4.64
C GLY A 112 8.94 31.43 -3.12
N ALA A 113 7.79 31.68 -2.44
CA ALA A 113 7.76 31.58 -0.99
C ALA A 113 7.78 30.11 -0.54
N THR A 114 7.19 29.20 -1.34
CA THR A 114 7.17 27.79 -1.01
C THR A 114 8.61 27.27 -1.05
N LEU A 115 9.31 27.60 -2.13
CA LEU A 115 10.73 27.29 -2.29
C LEU A 115 11.53 27.87 -1.12
N ARG A 116 11.30 29.14 -0.77
CA ARG A 116 11.96 29.77 0.38
C ARG A 116 11.82 28.91 1.65
N GLU A 117 10.60 28.42 1.94
CA GLU A 117 10.36 27.66 3.17
C GLU A 117 11.04 26.28 3.11
N ALA A 118 10.94 25.60 1.95
CA ALA A 118 11.51 24.28 1.80
C ALA A 118 13.04 24.32 1.96
N LEU A 119 13.68 25.34 1.37
CA LEU A 119 15.14 25.45 1.40
C LEU A 119 15.68 25.69 2.81
N LYS A 120 14.80 26.06 3.76
CA LYS A 120 15.25 26.30 5.13
C LYS A 120 15.72 25.01 5.80
N HIS A 121 15.19 23.86 5.34
CA HIS A 121 15.59 22.58 5.90
C HIS A 121 17.00 22.23 5.41
N GLY A 122 17.95 22.16 6.36
CA GLY A 122 19.37 21.93 6.08
C GLY A 122 19.63 20.60 5.37
N THR A 123 18.68 19.65 5.47
CA THR A 123 18.83 18.35 4.85
C THR A 123 18.61 18.41 3.33
N VAL A 124 17.97 19.47 2.84
CA VAL A 124 17.59 19.52 1.44
C VAL A 124 18.83 19.74 0.59
N LYS A 125 19.02 18.88 -0.43
CA LYS A 125 20.17 18.97 -1.32
C LYS A 125 19.72 19.47 -2.69
N ARG A 126 18.47 19.16 -3.05
CA ARG A 126 17.91 19.53 -4.35
C ARG A 126 16.43 19.88 -4.16
N ALA A 127 16.06 21.09 -4.58
CA ALA A 127 14.67 21.53 -4.60
C ALA A 127 14.34 21.98 -6.02
N VAL A 128 13.35 21.35 -6.63
CA VAL A 128 12.91 21.71 -7.96
C VAL A 128 11.53 22.36 -7.85
N MET A 129 11.36 23.50 -8.51
CA MET A 129 10.11 24.24 -8.54
C MET A 129 9.64 24.31 -9.98
N VAL A 130 8.41 23.85 -10.25
CA VAL A 130 7.88 23.78 -11.60
C VAL A 130 6.61 24.63 -11.67
N ASP A 131 6.64 25.72 -12.45
CA ASP A 131 5.48 26.56 -12.66
C ASP A 131 5.22 26.67 -14.16
N ILE A 132 3.93 26.67 -14.55
CA ILE A 132 3.55 26.72 -15.96
C ILE A 132 3.79 28.11 -16.55
N ASP A 133 3.91 29.16 -15.71
CA ASP A 133 3.76 30.53 -16.19
C ASP A 133 4.98 31.39 -15.87
N ARG A 134 5.81 31.61 -16.91
CA ARG A 134 7.04 32.38 -16.80
C ARG A 134 6.77 33.79 -16.25
N ASP A 135 5.62 34.36 -16.63
CA ASP A 135 5.27 35.73 -16.26
C ASP A 135 5.11 35.87 -14.76
N VAL A 136 4.53 34.85 -14.10
CA VAL A 136 4.32 34.91 -12.66
C VAL A 136 5.69 34.96 -11.97
N VAL A 137 6.59 34.05 -12.39
CA VAL A 137 7.91 33.96 -11.80
C VAL A 137 8.68 35.26 -12.02
N GLU A 138 8.62 35.82 -13.24
CA GLU A 138 9.33 37.06 -13.56
C GLU A 138 8.78 38.23 -12.76
N LEU A 139 7.46 38.38 -12.73
CA LEU A 139 6.87 39.50 -12.00
C LEU A 139 7.11 39.37 -10.49
N SER A 140 7.18 38.13 -9.98
CA SER A 140 7.50 37.93 -8.57
C SER A 140 8.94 38.35 -8.29
N ARG A 141 9.86 37.94 -9.18
CA ARG A 141 11.26 38.30 -9.01
C ARG A 141 11.37 39.82 -8.85
N ALA A 142 10.70 40.54 -9.76
CA ALA A 142 10.74 42.00 -9.78
C ALA A 142 10.00 42.62 -8.59
N TYR A 143 8.77 42.16 -8.27
CA TYR A 143 7.90 42.98 -7.44
C TYR A 143 7.57 42.36 -6.07
N LEU A 144 7.95 41.09 -5.84
CA LEU A 144 7.59 40.46 -4.58
C LEU A 144 8.83 39.96 -3.85
N PRO A 145 9.86 40.82 -3.62
CA PRO A 145 11.11 40.39 -3.00
C PRO A 145 10.94 39.76 -1.62
N GLN A 146 9.97 40.22 -0.83
CA GLN A 146 9.76 39.67 0.51
C GLN A 146 9.18 38.26 0.46
N MET A 147 8.70 37.83 -0.71
CA MET A 147 8.22 36.46 -0.81
C MET A 147 9.35 35.50 -1.15
N HIS A 148 10.04 35.73 -2.27
CA HIS A 148 11.07 34.78 -2.69
C HIS A 148 12.32 34.90 -1.81
N GLN A 149 12.66 36.12 -1.40
CA GLN A 149 13.85 36.41 -0.61
C GLN A 149 15.10 35.75 -1.20
N GLY A 150 15.26 35.76 -2.53
CA GLY A 150 16.44 35.23 -3.18
C GLY A 150 16.45 33.71 -3.37
N ALA A 151 15.37 33.03 -2.97
CA ALA A 151 15.24 31.59 -3.14
C ALA A 151 15.44 31.11 -4.58
N PHE A 152 15.05 31.92 -5.57
CA PHE A 152 15.17 31.48 -6.96
C PHE A 152 16.63 31.23 -7.34
N ASP A 153 17.57 31.89 -6.63
CA ASP A 153 18.99 31.84 -6.98
C ASP A 153 19.80 31.00 -5.99
N ASP A 154 19.11 30.23 -5.14
CA ASP A 154 19.82 29.30 -4.27
C ASP A 154 20.45 28.21 -5.14
N PRO A 155 21.75 27.89 -4.92
CA PRO A 155 22.42 26.84 -5.70
C PRO A 155 21.72 25.48 -5.63
N ARG A 156 20.92 25.24 -4.57
CA ARG A 156 20.19 23.99 -4.41
C ARG A 156 18.89 23.96 -5.21
N ALA A 157 18.50 25.11 -5.77
CA ALA A 157 17.19 25.26 -6.40
C ALA A 157 17.32 25.20 -7.92
N LYS A 158 16.31 24.57 -8.56
CA LYS A 158 16.13 24.63 -10.00
C LYS A 158 14.71 25.08 -10.29
N VAL A 159 14.57 26.15 -11.09
CA VAL A 159 13.27 26.65 -11.50
C VAL A 159 12.99 26.21 -12.94
N VAL A 160 11.93 25.43 -13.11
CA VAL A 160 11.52 24.90 -14.41
C VAL A 160 10.19 25.53 -14.78
N ILE A 161 10.11 26.05 -16.01
CA ILE A 161 8.86 26.56 -16.55
C ILE A 161 8.23 25.47 -17.43
N GLN A 162 7.15 24.87 -16.92
CA GLN A 162 6.50 23.77 -17.61
C GLN A 162 5.20 23.45 -16.89
N ASP A 163 4.22 22.92 -17.61
CA ASP A 163 3.04 22.33 -17.02
C ASP A 163 3.49 21.18 -16.12
N GLY A 164 3.02 21.20 -14.87
CA GLY A 164 3.42 20.20 -13.88
C GLY A 164 2.94 18.81 -14.25
N PHE A 165 1.85 18.71 -15.02
CA PHE A 165 1.35 17.44 -15.51
C PHE A 165 2.40 16.80 -16.43
N VAL A 166 2.95 17.58 -17.36
CA VAL A 166 3.94 17.11 -18.31
C VAL A 166 5.22 16.76 -17.55
N TYR A 167 5.61 17.59 -16.59
CA TYR A 167 6.84 17.37 -15.85
C TYR A 167 6.79 16.03 -15.10
N VAL A 168 5.63 15.72 -14.51
CA VAL A 168 5.52 14.50 -13.74
C VAL A 168 5.53 13.27 -14.66
N GLU A 169 4.89 13.37 -15.83
CA GLU A 169 4.94 12.30 -16.83
C GLU A 169 6.38 12.02 -17.24
N GLU A 170 7.16 13.09 -17.45
CA GLU A 170 8.54 12.95 -17.88
C GLU A 170 9.38 12.38 -16.74
N ALA A 171 9.04 12.69 -15.49
CA ALA A 171 9.79 12.18 -14.35
C ALA A 171 9.55 10.68 -14.16
N ILE A 172 8.32 10.21 -14.46
CA ILE A 172 8.01 8.78 -14.40
C ILE A 172 8.85 8.03 -15.42
N LYS A 173 8.87 8.52 -16.66
CA LYS A 173 9.68 7.99 -17.76
C LYS A 173 11.14 7.90 -17.33
N ALA A 174 11.68 8.96 -16.69
CA ALA A 174 13.08 9.01 -16.32
C ALA A 174 13.36 8.20 -15.06
N GLY A 175 12.30 7.75 -14.37
CA GLY A 175 12.39 7.14 -13.06
C GLY A 175 12.93 8.07 -11.95
N ASP A 176 12.58 9.37 -12.00
CA ASP A 176 12.96 10.33 -10.97
C ASP A 176 12.22 10.01 -9.67
N LYS A 177 12.85 10.30 -8.52
CA LYS A 177 12.26 10.07 -7.23
C LYS A 177 12.46 11.27 -6.31
N TYR A 178 11.42 11.58 -5.52
CA TYR A 178 11.51 12.66 -4.54
C TYR A 178 11.14 12.17 -3.15
N ASP A 179 11.62 12.89 -2.13
CA ASP A 179 11.25 12.63 -0.74
C ASP A 179 9.93 13.31 -0.39
N VAL A 180 9.78 14.57 -0.83
CA VAL A 180 8.63 15.39 -0.48
C VAL A 180 8.17 16.08 -1.76
N ILE A 181 6.88 15.93 -2.08
CA ILE A 181 6.28 16.71 -3.14
C ILE A 181 5.21 17.63 -2.55
N ILE A 182 5.37 18.93 -2.85
CA ILE A 182 4.51 19.98 -2.35
C ILE A 182 3.76 20.54 -3.57
N MET A 183 2.43 20.47 -3.53
CA MET A 183 1.64 21.08 -4.58
C MET A 183 1.06 22.40 -4.11
N ASP A 184 1.50 23.48 -4.76
CA ASP A 184 1.14 24.84 -4.41
C ASP A 184 0.53 25.52 -5.63
N LEU A 185 -0.63 25.01 -6.03
CA LEU A 185 -1.26 25.43 -7.28
C LEU A 185 -2.38 26.42 -7.01
N THR A 186 -2.93 26.97 -8.11
CA THR A 186 -4.17 27.70 -8.08
C THR A 186 -5.28 26.73 -7.68
N ASP A 187 -6.46 27.25 -7.32
CA ASP A 187 -7.44 26.49 -6.57
C ASP A 187 -8.09 25.38 -7.40
N PRO A 188 -8.42 24.23 -6.78
CA PRO A 188 -9.13 23.16 -7.48
C PRO A 188 -10.57 23.50 -7.87
N TYR A 189 -11.13 24.57 -7.29
CA TYR A 189 -12.53 24.86 -7.56
C TYR A 189 -12.67 25.93 -8.63
N SER A 190 -11.57 26.51 -9.10
CA SER A 190 -11.72 27.66 -9.96
C SER A 190 -10.75 27.63 -11.14
N SER A 191 -9.69 26.82 -11.08
CA SER A 191 -8.55 27.04 -11.96
C SER A 191 -8.51 25.99 -13.07
N ASP A 192 -8.68 26.46 -14.30
CA ASP A 192 -8.64 25.60 -15.47
C ASP A 192 -7.25 25.00 -15.64
N ILE A 193 -6.21 25.83 -15.51
CA ILE A 193 -4.85 25.38 -15.82
C ILE A 193 -4.37 24.33 -14.83
N ALA A 194 -5.03 24.19 -13.67
CA ALA A 194 -4.50 23.27 -12.67
C ALA A 194 -5.36 22.02 -12.53
N LYS A 195 -6.49 21.94 -13.26
CA LYS A 195 -7.51 20.95 -12.96
C LYS A 195 -6.98 19.52 -13.06
N GLN A 196 -6.07 19.28 -14.03
CA GLN A 196 -5.56 17.94 -14.29
C GLN A 196 -4.68 17.47 -13.12
N LEU A 197 -4.19 18.40 -12.29
CA LEU A 197 -3.27 18.00 -11.25
C LEU A 197 -4.01 17.59 -9.98
N TYR A 198 -5.35 17.65 -10.01
CA TYR A 198 -6.07 17.37 -8.77
C TYR A 198 -6.86 16.06 -8.84
N THR A 199 -6.61 15.23 -9.87
CA THR A 199 -7.38 14.01 -10.08
C THR A 199 -6.74 12.83 -9.32
N ARG A 200 -7.55 11.79 -9.07
CA ARG A 200 -7.15 10.49 -8.54
C ARG A 200 -5.97 9.93 -9.32
N GLU A 201 -6.02 10.08 -10.66
CA GLU A 201 -5.01 9.58 -11.57
C GLU A 201 -3.70 10.35 -11.38
N PHE A 202 -3.78 11.67 -11.18
CA PHE A 202 -2.56 12.42 -10.95
C PHE A 202 -1.89 12.00 -9.64
N PHE A 203 -2.67 11.68 -8.61
CA PHE A 203 -2.06 11.29 -7.34
C PHE A 203 -1.41 9.91 -7.44
N ALA A 204 -1.92 9.06 -8.34
CA ALA A 204 -1.27 7.80 -8.69
C ALA A 204 0.09 8.06 -9.32
N LYS A 205 0.18 9.09 -10.16
CA LYS A 205 1.44 9.47 -10.77
C LYS A 205 2.40 10.04 -9.73
N ILE A 206 1.88 10.84 -8.79
CA ILE A 206 2.68 11.44 -7.74
C ILE A 206 3.34 10.31 -6.93
N ARG A 207 2.55 9.30 -6.57
CA ARG A 207 3.08 8.17 -5.83
C ARG A 207 4.25 7.50 -6.58
N ARG A 208 4.20 7.51 -7.91
CA ARG A 208 5.21 6.82 -8.70
C ARG A 208 6.54 7.59 -8.68
N ILE A 209 6.51 8.89 -8.35
CA ILE A 209 7.75 9.66 -8.31
C ILE A 209 8.18 9.97 -6.87
N LEU A 210 7.57 9.28 -5.89
CA LEU A 210 8.00 9.37 -4.51
C LEU A 210 8.90 8.17 -4.18
N ASN A 211 9.90 8.38 -3.31
CA ASN A 211 10.56 7.26 -2.65
C ASN A 211 9.53 6.50 -1.81
N ASP A 212 9.94 5.36 -1.26
CA ASP A 212 9.04 4.43 -0.57
C ASP A 212 8.51 5.04 0.73
N ASP A 213 9.26 5.99 1.30
CA ASP A 213 8.88 6.65 2.53
C ASP A 213 8.53 8.12 2.29
N GLY A 214 8.05 8.45 1.07
CA GLY A 214 7.88 9.83 0.68
C GLY A 214 6.59 10.45 1.22
N VAL A 215 6.49 11.79 1.11
CA VAL A 215 5.26 12.45 1.50
C VAL A 215 4.86 13.50 0.47
N VAL A 216 3.55 13.62 0.28
CA VAL A 216 2.98 14.64 -0.56
C VAL A 216 2.10 15.52 0.31
N VAL A 217 2.05 16.82 -0.03
CA VAL A 217 1.11 17.73 0.60
C VAL A 217 0.60 18.65 -0.49
N THR A 218 -0.71 18.96 -0.42
CA THR A 218 -1.34 19.86 -1.35
C THR A 218 -2.33 20.75 -0.60
N GLN A 219 -2.54 21.97 -1.11
CA GLN A 219 -3.70 22.73 -0.67
C GLN A 219 -4.90 22.22 -1.46
N ALA A 220 -6.08 22.21 -0.83
CA ALA A 220 -7.26 21.57 -1.40
C ALA A 220 -8.46 22.53 -1.41
N GLY A 221 -8.19 23.83 -1.54
CA GLY A 221 -9.27 24.81 -1.56
C GLY A 221 -9.84 25.03 -0.16
N ASN A 222 -11.16 24.86 -0.05
CA ASN A 222 -11.83 25.13 1.19
C ASN A 222 -13.01 24.17 1.33
N SER A 223 -13.03 23.41 2.42
CA SER A 223 -14.04 22.39 2.68
C SER A 223 -15.36 23.00 3.11
N PHE A 224 -15.37 24.29 3.52
CA PHE A 224 -16.60 24.91 3.98
C PHE A 224 -17.39 25.39 2.76
N TYR A 225 -16.73 26.14 1.88
CA TYR A 225 -17.42 26.75 0.76
C TYR A 225 -17.45 25.82 -0.46
N PHE A 226 -16.44 24.94 -0.60
CA PHE A 226 -16.35 24.06 -1.77
C PHE A 226 -16.14 22.62 -1.35
N PRO A 227 -17.11 22.00 -0.62
CA PRO A 227 -16.94 20.65 -0.08
C PRO A 227 -16.78 19.60 -1.18
N ALA A 228 -17.49 19.76 -2.31
CA ALA A 228 -17.44 18.75 -3.36
C ALA A 228 -16.02 18.69 -3.96
N GLU A 229 -15.46 19.85 -4.30
CA GLU A 229 -14.11 19.91 -4.84
C GLU A 229 -13.11 19.41 -3.79
N TYR A 230 -13.37 19.74 -2.50
CA TYR A 230 -12.48 19.31 -1.43
C TYR A 230 -12.48 17.78 -1.35
N ASP A 231 -13.68 17.19 -1.27
CA ASP A 231 -13.85 15.75 -1.14
C ASP A 231 -13.21 15.00 -2.31
N MET A 232 -13.26 15.57 -3.51
CA MET A 232 -12.65 14.95 -4.67
C MET A 232 -11.14 14.87 -4.49
N VAL A 233 -10.51 15.95 -4.04
CA VAL A 233 -9.07 15.92 -3.82
C VAL A 233 -8.75 14.92 -2.72
N LEU A 234 -9.56 14.90 -1.64
CA LEU A 234 -9.33 14.02 -0.51
C LEU A 234 -9.44 12.55 -0.94
N GLU A 235 -10.50 12.19 -1.67
CA GLU A 235 -10.68 10.83 -2.19
C GLU A 235 -9.50 10.41 -3.04
N GLY A 236 -9.03 11.31 -3.91
CA GLY A 236 -7.85 11.08 -4.72
C GLY A 236 -6.62 10.74 -3.90
N VAL A 237 -6.40 11.45 -2.79
CA VAL A 237 -5.20 11.24 -1.98
C VAL A 237 -5.35 9.91 -1.22
N LYS A 238 -6.54 9.66 -0.67
CA LYS A 238 -6.83 8.49 0.13
C LYS A 238 -6.68 7.20 -0.70
N ALA A 239 -7.06 7.25 -1.98
CA ALA A 239 -6.97 6.09 -2.86
C ALA A 239 -5.51 5.70 -3.09
N ASN A 240 -4.57 6.60 -2.79
CA ASN A 240 -3.19 6.40 -3.21
C ASN A 240 -2.22 6.37 -2.04
N PHE A 241 -2.65 6.79 -0.84
CA PHE A 241 -1.74 6.94 0.28
C PHE A 241 -2.39 6.34 1.51
N PRO A 242 -1.66 5.51 2.29
CA PRO A 242 -2.22 4.88 3.48
C PRO A 242 -2.41 5.84 4.65
N ILE A 243 -1.57 6.88 4.75
CA ILE A 243 -1.66 7.85 5.82
C ILE A 243 -2.04 9.20 5.24
N VAL A 244 -3.16 9.75 5.74
CA VAL A 244 -3.66 11.03 5.26
C VAL A 244 -4.00 11.91 6.46
N ALA A 245 -3.43 13.13 6.50
CA ALA A 245 -3.79 14.14 7.49
C ALA A 245 -4.45 15.32 6.80
N GLU A 246 -5.52 15.85 7.41
CA GLU A 246 -6.23 17.04 6.93
C GLU A 246 -6.07 18.14 7.97
N TYR A 247 -5.70 19.35 7.55
CA TYR A 247 -5.61 20.46 8.49
C TYR A 247 -5.90 21.76 7.74
N GLU A 248 -6.26 22.80 8.48
CA GLU A 248 -6.63 24.06 7.85
C GLU A 248 -6.02 25.22 8.62
N VAL A 249 -5.81 26.35 7.94
CA VAL A 249 -5.35 27.57 8.60
C VAL A 249 -6.07 28.75 7.98
N TRP A 250 -6.51 29.67 8.84
CA TRP A 250 -7.18 30.89 8.39
C TRP A 250 -6.15 31.81 7.72
N ILE A 251 -6.43 32.22 6.49
CA ILE A 251 -5.57 33.16 5.81
C ILE A 251 -6.41 34.42 5.56
N PRO A 252 -6.23 35.50 6.35
CA PRO A 252 -7.12 36.66 6.23
C PRO A 252 -7.32 37.15 4.79
N SER A 253 -6.25 37.23 4.00
CA SER A 253 -6.36 37.82 2.67
C SER A 253 -7.21 36.98 1.71
N PHE A 254 -7.36 35.66 1.97
CA PHE A 254 -8.20 34.82 1.12
C PHE A 254 -9.67 34.89 1.53
N GLY A 255 -9.94 35.26 2.78
CA GLY A 255 -11.31 35.24 3.27
C GLY A 255 -11.74 33.87 3.82
N TYR A 256 -10.81 32.92 3.96
CA TYR A 256 -11.20 31.62 4.49
C TYR A 256 -9.99 30.86 5.01
N ALA A 257 -10.27 29.72 5.66
CA ALA A 257 -9.24 28.82 6.15
C ALA A 257 -8.89 27.85 5.03
N VAL A 258 -7.65 27.90 4.56
CA VAL A 258 -7.20 27.02 3.49
C VAL A 258 -7.10 25.61 4.06
N ASN A 259 -7.56 24.62 3.29
CA ASN A 259 -7.42 23.23 3.66
C ASN A 259 -6.18 22.62 3.02
N PHE A 260 -5.41 21.88 3.81
CA PHE A 260 -4.27 21.15 3.30
C PHE A 260 -4.52 19.67 3.52
N ILE A 261 -3.95 18.85 2.64
CA ILE A 261 -4.03 17.40 2.73
C ILE A 261 -2.63 16.86 2.59
N LEU A 262 -2.20 16.13 3.62
CA LEU A 262 -0.88 15.52 3.63
C LEU A 262 -1.05 14.02 3.45
N GLY A 263 -0.40 13.47 2.41
CA GLY A 263 -0.37 12.04 2.15
C GLY A 263 1.01 11.48 2.40
N SER A 264 1.08 10.35 3.11
CA SER A 264 2.36 9.81 3.52
C SER A 264 2.38 8.30 3.27
N LEU A 265 3.56 7.80 2.90
CA LEU A 265 3.74 6.39 2.59
C LEU A 265 4.18 5.59 3.82
N ARG A 266 4.84 6.24 4.78
CA ARG A 266 5.37 5.52 5.94
C ARG A 266 5.17 6.28 7.25
N TYR A 267 5.59 7.55 7.30
CA TYR A 267 5.66 8.31 8.55
C TYR A 267 4.38 9.09 8.80
N ASP A 268 3.93 9.06 10.06
CA ASP A 268 2.62 9.58 10.43
C ASP A 268 2.81 10.94 11.12
N PRO A 269 2.25 12.05 10.58
CA PRO A 269 2.38 13.35 11.23
C PRO A 269 1.69 13.38 12.59
N HIS A 270 0.71 12.50 12.80
CA HIS A 270 -0.01 12.42 14.07
C HIS A 270 0.85 11.86 15.19
N ALA A 271 1.95 11.19 14.86
CA ALA A 271 2.79 10.52 15.84
C ALA A 271 3.90 11.44 16.31
N LEU A 272 4.05 12.62 15.71
CA LEU A 272 5.07 13.57 16.13
C LEU A 272 4.62 14.30 17.40
N THR A 273 5.50 14.36 18.40
CA THR A 273 5.22 15.21 19.56
C THR A 273 5.71 16.62 19.28
N PRO A 274 5.20 17.65 20.00
CA PRO A 274 5.75 19.00 19.86
C PRO A 274 7.28 19.02 19.97
N SER A 275 7.83 18.27 20.93
CA SER A 275 9.26 18.25 21.20
C SER A 275 10.04 17.70 20.00
N GLU A 276 9.53 16.64 19.37
CA GLU A 276 10.15 16.06 18.19
C GLU A 276 10.13 17.06 17.02
N VAL A 277 9.02 17.79 16.89
CA VAL A 277 8.92 18.78 15.83
C VAL A 277 9.99 19.87 16.05
N ASP A 278 10.07 20.37 17.27
CA ASP A 278 10.97 21.45 17.61
C ASP A 278 12.42 21.01 17.46
N GLU A 279 12.71 19.75 17.80
CA GLU A 279 14.06 19.20 17.68
C GLU A 279 14.46 19.14 16.21
N ARG A 280 13.55 18.65 15.35
CA ARG A 280 13.87 18.59 13.93
C ARG A 280 14.05 19.99 13.34
N LEU A 281 13.21 20.96 13.72
CA LEU A 281 13.37 22.32 13.22
C LEU A 281 14.75 22.88 13.63
N ARG A 282 15.11 22.69 14.90
CA ARG A 282 16.39 23.17 15.41
C ARG A 282 17.55 22.49 14.68
N ALA A 283 17.51 21.15 14.58
CA ALA A 283 18.61 20.39 14.00
C ALA A 283 18.86 20.83 12.57
N ARG A 284 17.79 21.26 11.87
CA ARG A 284 17.88 21.57 10.46
C ARG A 284 18.09 23.05 10.21
N GLY A 285 18.12 23.86 11.29
CA GLY A 285 18.36 25.29 11.21
C GLY A 285 17.17 26.08 10.65
N VAL A 286 15.94 25.60 10.93
CA VAL A 286 14.73 26.17 10.36
C VAL A 286 14.22 27.26 11.29
N LYS A 287 14.15 28.50 10.80
CA LYS A 287 13.54 29.59 11.55
C LYS A 287 12.17 29.89 10.93
N THR A 288 11.15 30.09 11.79
CA THR A 288 9.78 30.29 11.31
C THR A 288 9.18 31.49 12.05
N ALA A 289 8.13 32.08 11.47
CA ALA A 289 7.35 33.13 12.12
C ALA A 289 6.14 32.53 12.83
N PHE A 290 5.76 31.29 12.49
CA PHE A 290 4.50 30.75 12.94
C PHE A 290 4.63 29.31 13.41
N TYR A 291 5.10 28.44 12.53
CA TYR A 291 5.09 27.00 12.76
C TYR A 291 6.03 26.63 13.91
N THR A 292 5.50 25.84 14.86
CA THR A 292 6.27 25.26 15.97
C THR A 292 5.66 23.90 16.27
N GLY A 293 6.22 23.19 17.27
CA GLY A 293 5.71 21.90 17.67
C GLY A 293 4.29 22.00 18.20
N ARG A 294 4.00 23.07 18.93
CA ARG A 294 2.66 23.26 19.45
C ARG A 294 1.68 23.54 18.33
N VAL A 295 2.11 24.28 17.31
CA VAL A 295 1.24 24.54 16.16
C VAL A 295 0.93 23.21 15.46
N HIS A 296 1.95 22.37 15.32
CA HIS A 296 1.78 21.07 14.68
C HIS A 296 0.69 20.29 15.40
N LEU A 297 0.78 20.24 16.73
CA LEU A 297 -0.19 19.52 17.54
C LEU A 297 -1.60 20.11 17.30
N ALA A 298 -1.72 21.45 17.28
CA ALA A 298 -3.00 22.07 17.03
C ALA A 298 -3.55 21.70 15.66
N LEU A 299 -2.71 21.77 14.63
CA LEU A 299 -3.14 21.46 13.27
C LEU A 299 -3.65 20.02 13.17
N MET A 300 -2.97 19.11 13.89
CA MET A 300 -3.28 17.68 13.82
C MET A 300 -4.57 17.38 14.58
N ASN A 301 -5.03 18.26 15.47
CA ASN A 301 -6.16 17.94 16.33
C ASN A 301 -7.40 18.76 16.02
N MET A 302 -7.26 19.83 15.22
CA MET A 302 -8.41 20.69 14.92
C MET A 302 -9.16 20.12 13.72
N PRO A 303 -10.46 19.75 13.85
CA PRO A 303 -11.24 19.25 12.71
C PRO A 303 -11.45 20.40 11.72
N ILE A 304 -11.65 20.08 10.44
CA ILE A 304 -11.83 21.11 9.44
C ILE A 304 -13.28 21.58 9.47
N HIS A 305 -13.53 22.79 8.95
CA HIS A 305 -14.86 23.38 8.97
C HIS A 305 -15.74 22.81 7.84
N ARG A 306 -17.01 22.55 8.16
CA ARG A 306 -18.03 22.18 7.20
C ARG A 306 -19.26 23.00 7.54
N LYS A 307 -20.14 23.25 6.57
CA LYS A 307 -21.44 23.83 6.85
C LYS A 307 -22.18 22.88 7.79
N LEU A 308 -22.70 23.38 8.91
CA LEU A 308 -23.26 22.49 9.92
C LEU A 308 -24.76 22.35 9.75
N ARG A 309 -25.38 23.25 8.98
CA ARG A 309 -26.80 23.14 8.68
C ARG A 309 -27.03 23.31 7.16
N ARG B 22 -19.67 33.70 -10.17
CA ARG B 22 -20.28 35.04 -9.81
C ARG B 22 -19.26 35.87 -9.03
N LYS B 23 -18.69 36.89 -9.69
CA LYS B 23 -17.63 37.70 -9.07
C LYS B 23 -18.25 38.68 -8.08
N VAL B 24 -19.43 39.20 -8.46
CA VAL B 24 -20.19 40.12 -7.61
C VAL B 24 -21.47 39.39 -7.18
N PRO B 25 -21.64 39.06 -5.87
CA PRO B 25 -22.83 38.36 -5.38
C PRO B 25 -24.03 39.30 -5.44
N GLY B 26 -25.21 38.75 -5.66
CA GLY B 26 -26.33 39.63 -6.00
C GLY B 26 -27.47 38.84 -6.58
N PRO B 27 -28.57 39.50 -7.02
CA PRO B 27 -28.64 40.97 -7.06
C PRO B 27 -28.76 41.72 -5.73
N ILE B 28 -29.33 41.08 -4.70
CA ILE B 28 -29.49 41.72 -3.39
C ILE B 28 -28.36 41.24 -2.49
N THR B 29 -27.72 42.17 -1.78
CA THR B 29 -26.41 41.94 -1.19
C THR B 29 -26.35 42.63 0.17
N LEU B 30 -25.77 41.96 1.17
CA LEU B 30 -25.38 42.63 2.40
C LEU B 30 -23.92 43.06 2.28
N ILE B 31 -23.66 44.31 2.65
CA ILE B 31 -22.27 44.75 2.74
C ILE B 31 -21.87 44.71 4.21
N GLU B 32 -21.09 43.71 4.57
CA GLU B 32 -20.73 43.53 5.97
C GLU B 32 -19.36 44.17 6.18
N PRO B 33 -19.24 45.18 7.07
CA PRO B 33 -17.94 45.81 7.33
C PRO B 33 -17.08 44.75 8.00
N LEU B 34 -15.79 44.77 7.71
CA LEU B 34 -14.91 43.84 8.38
C LEU B 34 -13.88 44.67 9.12
N SER B 35 -12.95 45.26 8.38
CA SER B 35 -11.87 45.99 9.02
C SER B 35 -11.95 47.48 8.76
N GLY B 36 -12.87 47.91 7.90
CA GLY B 36 -12.72 49.27 7.39
C GLY B 36 -11.96 49.29 6.04
N ASN B 37 -10.96 48.43 5.88
CA ASN B 37 -10.22 48.36 4.62
C ASN B 37 -10.62 47.12 3.80
N THR B 38 -11.45 46.27 4.39
CA THR B 38 -11.98 45.06 3.79
C THR B 38 -13.44 44.97 4.26
N SER B 39 -14.35 44.58 3.36
CA SER B 39 -15.73 44.28 3.71
C SER B 39 -16.13 43.00 3.00
N LEU B 40 -17.23 42.37 3.43
CA LEU B 40 -17.75 41.18 2.77
C LEU B 40 -19.00 41.59 1.99
N LEU B 41 -19.15 41.03 0.78
CA LEU B 41 -20.38 41.15 0.02
C LEU B 41 -21.08 39.81 0.07
N ILE B 42 -22.30 39.77 0.61
CA ILE B 42 -22.96 38.52 0.90
C ILE B 42 -24.34 38.53 0.23
N LYS B 43 -24.59 37.58 -0.67
CA LYS B 43 -25.88 37.45 -1.32
C LYS B 43 -26.98 37.18 -0.30
N ILE B 44 -28.07 37.96 -0.39
CA ILE B 44 -29.26 37.86 0.43
C ILE B 44 -30.38 37.24 -0.40
N ASN B 45 -31.09 36.23 0.13
CA ASN B 45 -32.22 35.62 -0.55
C ASN B 45 -33.55 36.23 -0.11
N ALA B 46 -33.64 36.71 1.14
CA ALA B 46 -34.88 37.24 1.68
C ALA B 46 -34.56 38.06 2.93
N ILE B 47 -35.41 39.04 3.23
CA ILE B 47 -35.36 39.80 4.47
C ILE B 47 -36.64 39.51 5.26
N HIS B 48 -36.50 38.94 6.46
CA HIS B 48 -37.65 38.55 7.27
C HIS B 48 -38.08 39.66 8.21
N SER B 49 -37.17 40.55 8.58
CA SER B 49 -37.49 41.59 9.53
C SER B 49 -36.43 42.67 9.56
N VAL B 50 -36.87 43.93 9.65
CA VAL B 50 -36.02 45.10 9.83
C VAL B 50 -36.63 45.94 10.94
N LYS B 51 -35.83 46.26 11.96
CA LYS B 51 -36.34 46.93 13.14
C LYS B 51 -35.28 47.90 13.63
N LYS B 52 -35.63 49.18 13.70
CA LYS B 52 -34.78 50.15 14.35
C LYS B 52 -35.20 50.18 15.82
N SER B 53 -34.42 49.50 16.67
CA SER B 53 -34.66 49.49 18.11
C SER B 53 -34.08 50.77 18.71
N PRO B 54 -34.37 51.08 20.00
CA PRO B 54 -33.69 52.21 20.66
C PRO B 54 -32.17 52.11 20.71
N TYR B 55 -31.63 50.89 20.53
CA TYR B 55 -30.21 50.66 20.77
C TYR B 55 -29.44 50.45 19.47
N GLN B 56 -30.07 49.81 18.48
CA GLN B 56 -29.34 49.37 17.32
C GLN B 56 -30.33 48.97 16.21
N GLU B 57 -29.81 48.91 14.98
CA GLU B 57 -30.59 48.48 13.84
C GLU B 57 -30.47 46.98 13.68
N ILE B 58 -31.63 46.30 13.59
CA ILE B 58 -31.69 44.85 13.58
C ILE B 58 -32.23 44.40 12.24
N ILE B 59 -31.57 43.41 11.64
CA ILE B 59 -32.11 42.78 10.45
C ILE B 59 -32.02 41.27 10.63
N ILE B 60 -33.08 40.58 10.23
CA ILE B 60 -33.02 39.13 10.13
C ILE B 60 -33.24 38.78 8.66
N ALA B 61 -32.34 37.98 8.10
CA ALA B 61 -32.28 37.78 6.66
C ALA B 61 -31.84 36.36 6.37
N ASP B 62 -32.12 35.89 5.15
CA ASP B 62 -31.61 34.63 4.68
C ASP B 62 -30.48 34.92 3.70
N THR B 63 -29.33 34.28 3.92
CA THR B 63 -28.21 34.42 3.01
C THR B 63 -28.05 33.09 2.27
N GLU B 64 -27.53 33.16 1.05
CA GLU B 64 -27.27 31.96 0.29
C GLU B 64 -26.23 31.10 1.00
N ASP B 65 -25.11 31.71 1.42
CA ASP B 65 -24.00 30.92 1.92
C ASP B 65 -24.22 30.45 3.36
N TYR B 66 -24.91 31.25 4.19
CA TYR B 66 -24.86 31.03 5.63
C TYR B 66 -26.24 30.74 6.20
N GLY B 67 -27.26 30.66 5.32
CA GLY B 67 -28.63 30.51 5.79
C GLY B 67 -29.08 31.74 6.54
N ARG B 68 -29.96 31.55 7.54
CA ARG B 68 -30.52 32.68 8.25
C ARG B 68 -29.46 33.34 9.15
N VAL B 69 -29.48 34.68 9.20
CA VAL B 69 -28.52 35.45 9.96
C VAL B 69 -29.25 36.51 10.80
N LEU B 70 -28.65 36.86 11.91
CA LEU B 70 -29.02 38.06 12.64
C LEU B 70 -27.94 39.10 12.37
N ILE B 71 -28.36 40.33 12.02
CA ILE B 71 -27.46 41.43 11.72
C ILE B 71 -27.77 42.57 12.67
N LEU B 72 -26.75 43.12 13.33
CA LEU B 72 -26.90 44.29 14.18
C LEU B 72 -25.91 45.34 13.71
N ASP B 73 -26.44 46.51 13.30
CA ASP B 73 -25.62 47.61 12.80
C ASP B 73 -24.67 47.15 11.70
N ASP B 74 -25.17 46.31 10.79
CA ASP B 74 -24.46 45.88 9.58
C ASP B 74 -23.59 44.64 9.80
N TYR B 75 -23.35 44.23 11.05
CA TYR B 75 -22.52 43.06 11.33
C TYR B 75 -23.36 41.83 11.59
N ILE B 76 -23.06 40.74 10.86
CA ILE B 76 -23.62 39.43 11.17
C ILE B 76 -23.18 39.03 12.58
N GLN B 77 -24.16 38.63 13.39
CA GLN B 77 -23.92 38.26 14.77
C GLN B 77 -23.89 36.74 14.85
N SER B 78 -24.54 36.08 13.89
CA SER B 78 -24.85 34.67 14.03
C SER B 78 -25.43 34.18 12.71
N SER B 79 -25.07 32.97 12.30
CA SER B 79 -25.69 32.42 11.12
C SER B 79 -26.07 30.98 11.43
N TYR B 80 -27.11 30.46 10.77
CA TYR B 80 -27.53 29.09 10.96
C TYR B 80 -26.39 28.12 10.64
N VAL B 81 -25.61 28.37 9.58
CA VAL B 81 -24.69 27.32 9.18
C VAL B 81 -23.43 27.29 10.06
N ASP B 82 -23.10 28.39 10.76
CA ASP B 82 -21.81 28.37 11.45
C ASP B 82 -21.89 28.83 12.91
N GLU B 83 -23.08 29.18 13.42
CA GLU B 83 -23.21 29.68 14.78
C GLU B 83 -22.74 28.67 15.84
N GLN B 84 -22.87 27.38 15.57
CA GLN B 84 -22.44 26.37 16.55
C GLN B 84 -20.93 26.43 16.77
N TYR B 85 -20.16 26.79 15.73
CA TYR B 85 -18.72 26.94 15.91
C TYR B 85 -18.48 28.06 16.92
N TYR B 86 -19.25 29.13 16.79
CA TYR B 86 -19.05 30.27 17.66
C TYR B 86 -19.50 29.93 19.08
N HIS B 87 -20.72 29.41 19.25
CA HIS B 87 -21.32 29.31 20.57
C HIS B 87 -20.68 28.18 21.37
N GLU B 88 -20.31 27.08 20.69
CA GLU B 88 -19.64 25.99 21.37
C GLU B 88 -18.23 26.44 21.79
N SER B 89 -17.54 27.21 20.95
CA SER B 89 -16.21 27.70 21.27
C SER B 89 -16.25 28.70 22.43
N LEU B 90 -17.31 29.52 22.48
CA LEU B 90 -17.43 30.51 23.54
C LEU B 90 -17.72 29.83 24.88
N VAL B 91 -18.57 28.80 24.89
CA VAL B 91 -19.19 28.35 26.14
C VAL B 91 -18.43 27.17 26.73
N HIS B 92 -18.13 26.14 25.93
CA HIS B 92 -17.72 24.85 26.48
C HIS B 92 -16.32 24.85 27.10
N PRO B 93 -15.28 25.50 26.53
CA PRO B 93 -13.98 25.50 27.20
C PRO B 93 -14.10 25.98 28.65
N ALA B 94 -14.88 27.05 28.88
CA ALA B 94 -15.03 27.61 30.21
C ALA B 94 -15.84 26.66 31.10
N MET B 95 -16.96 26.15 30.58
CA MET B 95 -17.83 25.30 31.39
C MET B 95 -17.12 24.00 31.73
N ALA B 96 -16.29 23.50 30.81
CA ALA B 96 -15.58 22.25 31.04
C ALA B 96 -14.40 22.47 31.98
N THR B 97 -13.83 23.67 32.00
CA THR B 97 -12.73 23.98 32.91
C THR B 97 -13.21 23.97 34.36
N HIS B 98 -14.40 24.53 34.60
CA HIS B 98 -15.00 24.54 35.91
C HIS B 98 -15.46 23.12 36.27
N PRO B 99 -15.05 22.57 37.44
CA PRO B 99 -15.44 21.21 37.81
C PRO B 99 -16.91 21.04 38.18
N ASN B 100 -17.62 22.13 38.50
CA ASN B 100 -19.01 22.00 38.92
C ASN B 100 -19.77 23.31 38.73
N PRO B 101 -20.03 23.79 37.48
CA PRO B 101 -20.70 25.08 37.31
C PRO B 101 -22.19 24.97 37.54
N ARG B 102 -22.71 25.67 38.56
CA ARG B 102 -24.10 25.55 38.96
C ARG B 102 -24.88 26.82 38.60
N ASP B 103 -24.19 27.97 38.68
CA ASP B 103 -24.78 29.28 38.43
C ASP B 103 -24.01 29.96 37.29
N VAL B 104 -24.72 30.30 36.22
CA VAL B 104 -24.14 30.89 35.02
C VAL B 104 -24.80 32.24 34.75
N LEU B 105 -23.97 33.24 34.47
CA LEU B 105 -24.47 34.53 34.00
C LEU B 105 -23.96 34.74 32.56
N ILE B 106 -24.88 35.18 31.68
CA ILE B 106 -24.57 35.51 30.30
C ILE B 106 -24.92 36.97 30.07
N LEU B 107 -23.93 37.78 29.67
CA LEU B 107 -24.17 39.15 29.26
C LEU B 107 -24.19 39.20 27.73
N GLY B 108 -25.29 39.72 27.17
CA GLY B 108 -25.54 39.64 25.74
C GLY B 108 -26.27 38.36 25.36
N GLY B 109 -25.85 37.73 24.26
CA GLY B 109 -26.39 36.43 23.89
C GLY B 109 -27.85 36.48 23.47
N GLY B 110 -28.26 37.62 22.87
CA GLY B 110 -29.64 37.93 22.56
C GLY B 110 -30.36 36.87 21.74
N GLU B 111 -29.65 36.07 20.94
CA GLU B 111 -30.32 35.08 20.13
C GLU B 111 -30.58 33.79 20.92
N GLY B 112 -29.98 33.65 22.11
CA GLY B 112 -30.30 32.53 22.98
C GLY B 112 -29.46 31.28 22.74
N ALA B 113 -28.50 31.31 21.79
CA ALA B 113 -27.65 30.16 21.52
C ALA B 113 -26.63 29.94 22.62
N THR B 114 -26.16 31.04 23.26
CA THR B 114 -25.22 30.94 24.35
C THR B 114 -25.87 30.21 25.52
N LEU B 115 -27.08 30.67 25.86
CA LEU B 115 -27.92 30.04 26.87
C LEU B 115 -28.16 28.57 26.54
N ARG B 116 -28.53 28.27 25.28
CA ARG B 116 -28.70 26.90 24.82
C ARG B 116 -27.49 26.02 25.19
N GLU B 117 -26.27 26.51 24.90
CA GLU B 117 -25.07 25.72 25.11
C GLU B 117 -24.81 25.54 26.60
N ALA B 118 -24.95 26.62 27.38
CA ALA B 118 -24.68 26.55 28.80
C ALA B 118 -25.64 25.58 29.51
N LEU B 119 -26.92 25.59 29.14
CA LEU B 119 -27.92 24.74 29.79
C LEU B 119 -27.68 23.26 29.52
N LYS B 120 -26.83 22.91 28.54
CA LYS B 120 -26.57 21.52 28.24
C LYS B 120 -25.80 20.84 29.38
N HIS B 121 -25.06 21.64 30.17
CA HIS B 121 -24.33 21.09 31.30
C HIS B 121 -25.30 20.73 32.42
N GLY B 122 -25.38 19.42 32.73
CA GLY B 122 -26.34 18.89 33.70
C GLY B 122 -26.18 19.49 35.10
N THR B 123 -25.00 20.03 35.40
CA THR B 123 -24.72 20.61 36.70
C THR B 123 -25.40 21.97 36.88
N VAL B 124 -25.81 22.61 35.79
CA VAL B 124 -26.31 23.99 35.88
C VAL B 124 -27.69 23.98 36.53
N LYS B 125 -27.87 24.81 37.55
CA LYS B 125 -29.13 24.89 38.28
C LYS B 125 -29.82 26.22 37.97
N ARG B 126 -29.02 27.24 37.67
CA ARG B 126 -29.51 28.59 37.40
C ARG B 126 -28.65 29.23 36.31
N ALA B 127 -29.31 29.68 35.23
CA ALA B 127 -28.66 30.42 34.16
C ALA B 127 -29.41 31.72 33.93
N VAL B 128 -28.71 32.85 34.10
CA VAL B 128 -29.31 34.16 33.87
C VAL B 128 -28.69 34.76 32.60
N MET B 129 -29.56 35.26 31.72
CA MET B 129 -29.13 35.90 30.49
C MET B 129 -29.62 37.35 30.50
N VAL B 130 -28.69 38.29 30.33
CA VAL B 130 -28.99 39.72 30.43
C VAL B 130 -28.66 40.38 29.10
N ASP B 131 -29.69 40.88 28.40
CA ASP B 131 -29.49 41.62 27.16
C ASP B 131 -30.15 42.99 27.30
N ILE B 132 -29.50 44.02 26.74
CA ILE B 132 -30.01 45.39 26.84
C ILE B 132 -31.23 45.61 25.95
N ASP B 133 -31.46 44.73 24.96
CA ASP B 133 -32.36 45.04 23.87
C ASP B 133 -33.46 44.00 23.70
N ARG B 134 -34.67 44.37 24.16
CA ARG B 134 -35.84 43.51 24.14
C ARG B 134 -36.16 43.04 22.71
N ASP B 135 -35.91 43.93 21.74
CA ASP B 135 -36.25 43.66 20.35
C ASP B 135 -35.44 42.47 19.80
N VAL B 136 -34.16 42.38 20.20
CA VAL B 136 -33.32 41.30 19.72
C VAL B 136 -33.89 39.96 20.23
N VAL B 137 -34.18 39.92 21.53
CA VAL B 137 -34.69 38.71 22.15
C VAL B 137 -36.04 38.31 21.53
N GLU B 138 -36.93 39.29 21.32
CA GLU B 138 -38.24 38.99 20.74
C GLU B 138 -38.12 38.50 19.30
N LEU B 139 -37.31 39.20 18.48
CA LEU B 139 -37.16 38.79 17.09
C LEU B 139 -36.46 37.42 16.99
N SER B 140 -35.56 37.11 17.93
CA SER B 140 -34.93 35.79 17.95
C SER B 140 -35.95 34.71 18.28
N ARG B 141 -36.80 34.98 19.28
CA ARG B 141 -37.83 34.03 19.65
C ARG B 141 -38.64 33.66 18.41
N ALA B 142 -39.08 34.69 17.68
CA ALA B 142 -39.88 34.51 16.48
C ALA B 142 -39.11 33.86 15.32
N TYR B 143 -37.89 34.35 15.00
CA TYR B 143 -37.32 34.05 13.70
C TYR B 143 -36.07 33.18 13.73
N LEU B 144 -35.51 32.92 14.92
CA LEU B 144 -34.26 32.16 14.98
C LEU B 144 -34.44 30.92 15.85
N PRO B 145 -35.47 30.06 15.60
CA PRO B 145 -35.72 28.90 16.45
C PRO B 145 -34.55 27.92 16.56
N GLN B 146 -33.75 27.78 15.49
CA GLN B 146 -32.63 26.86 15.51
C GLN B 146 -31.49 27.39 16.39
N MET B 147 -31.54 28.66 16.77
CA MET B 147 -30.53 29.19 17.67
C MET B 147 -30.92 28.95 19.12
N HIS B 148 -32.08 29.45 19.56
CA HIS B 148 -32.45 29.33 20.96
C HIS B 148 -32.85 27.90 21.31
N GLN B 149 -33.53 27.22 20.39
CA GLN B 149 -34.01 25.86 20.58
C GLN B 149 -34.74 25.70 21.92
N GLY B 150 -35.59 26.68 22.26
CA GLY B 150 -36.42 26.57 23.45
C GLY B 150 -35.72 26.99 24.75
N ALA B 151 -34.44 27.40 24.66
CA ALA B 151 -33.66 27.75 25.84
C ALA B 151 -34.30 28.88 26.65
N PHE B 152 -35.00 29.81 26.00
CA PHE B 152 -35.58 30.93 26.73
C PHE B 152 -36.61 30.45 27.75
N ASP B 153 -37.21 29.28 27.52
CA ASP B 153 -38.31 28.77 28.34
C ASP B 153 -37.86 27.62 29.24
N ASP B 154 -36.55 27.39 29.36
CA ASP B 154 -36.08 26.38 30.27
C ASP B 154 -36.36 26.87 31.70
N PRO B 155 -36.92 26.02 32.57
CA PRO B 155 -37.19 26.40 33.97
C PRO B 155 -35.94 26.87 34.73
N ARG B 156 -34.75 26.47 34.27
CA ARG B 156 -33.49 26.87 34.89
C ARG B 156 -33.05 28.27 34.44
N ALA B 157 -33.70 28.84 33.43
CA ALA B 157 -33.25 30.05 32.79
C ALA B 157 -34.09 31.25 33.23
N LYS B 158 -33.44 32.41 33.37
CA LYS B 158 -34.10 33.69 33.54
C LYS B 158 -33.54 34.67 32.50
N VAL B 159 -34.45 35.29 31.73
CA VAL B 159 -34.07 36.30 30.75
C VAL B 159 -34.39 37.69 31.32
N VAL B 160 -33.36 38.52 31.48
CA VAL B 160 -33.49 39.86 32.01
C VAL B 160 -33.13 40.86 30.92
N ILE B 161 -34.00 41.86 30.72
CA ILE B 161 -33.73 42.95 29.80
C ILE B 161 -33.18 44.13 30.57
N GLN B 162 -31.88 44.38 30.42
CA GLN B 162 -31.21 45.43 31.16
C GLN B 162 -29.81 45.61 30.59
N ASP B 163 -29.25 46.82 30.72
CA ASP B 163 -27.85 47.06 30.47
C ASP B 163 -27.04 46.18 31.42
N GLY B 164 -26.08 45.42 30.87
CA GLY B 164 -25.28 44.50 31.65
C GLY B 164 -24.42 45.21 32.67
N PHE B 165 -24.04 46.46 32.38
CA PHE B 165 -23.29 47.27 33.33
C PHE B 165 -24.10 47.50 34.61
N VAL B 166 -25.38 47.88 34.44
CA VAL B 166 -26.29 48.17 35.53
C VAL B 166 -26.57 46.87 36.30
N TYR B 167 -26.77 45.77 35.56
CA TYR B 167 -27.09 44.50 36.18
C TYR B 167 -25.97 44.04 37.09
N VAL B 168 -24.72 44.24 36.66
CA VAL B 168 -23.59 43.78 37.45
C VAL B 168 -23.44 44.64 38.72
N GLU B 169 -23.68 45.96 38.59
CA GLU B 169 -23.65 46.84 39.76
C GLU B 169 -24.69 46.40 40.79
N GLU B 170 -25.89 46.05 40.31
CA GLU B 170 -26.97 45.62 41.19
C GLU B 170 -26.66 44.27 41.80
N ALA B 171 -25.93 43.41 41.08
CA ALA B 171 -25.58 42.09 41.59
C ALA B 171 -24.54 42.20 42.71
N ILE B 172 -23.63 43.18 42.59
CA ILE B 172 -22.63 43.43 43.63
C ILE B 172 -23.35 43.84 44.92
N LYS B 173 -24.27 44.82 44.81
CA LYS B 173 -25.12 45.30 45.89
C LYS B 173 -25.85 44.13 46.55
N ALA B 174 -26.42 43.23 45.76
CA ALA B 174 -27.22 42.11 46.27
C ALA B 174 -26.32 41.00 46.81
N GLY B 175 -25.01 41.07 46.54
CA GLY B 175 -24.07 40.00 46.84
C GLY B 175 -24.30 38.72 46.03
N ASP B 176 -24.74 38.84 44.77
CA ASP B 176 -24.95 37.68 43.91
C ASP B 176 -23.60 37.07 43.51
N LYS B 177 -23.57 35.75 43.30
CA LYS B 177 -22.33 35.06 42.95
C LYS B 177 -22.60 34.04 41.85
N TYR B 178 -21.67 33.95 40.90
CA TYR B 178 -21.79 32.99 39.79
C TYR B 178 -20.53 32.14 39.69
N ASP B 179 -20.67 30.96 39.09
CA ASP B 179 -19.55 30.07 38.81
C ASP B 179 -18.87 30.45 37.50
N VAL B 180 -19.67 30.75 36.48
CA VAL B 180 -19.18 31.01 35.13
C VAL B 180 -19.91 32.24 34.60
N ILE B 181 -19.14 33.23 34.16
CA ILE B 181 -19.70 34.40 33.48
C ILE B 181 -19.21 34.41 32.04
N ILE B 182 -20.17 34.44 31.11
CA ILE B 182 -19.92 34.40 29.69
C ILE B 182 -20.36 35.75 29.13
N MET B 183 -19.41 36.48 28.53
CA MET B 183 -19.77 37.72 27.88
C MET B 183 -19.85 37.52 26.37
N ASP B 184 -21.06 37.71 25.85
CA ASP B 184 -21.39 37.46 24.46
C ASP B 184 -21.99 38.74 23.87
N LEU B 185 -21.17 39.78 23.83
CA LEU B 185 -21.61 41.11 23.47
C LEU B 185 -21.27 41.44 22.02
N THR B 186 -21.78 42.58 21.55
CA THR B 186 -21.36 43.16 20.29
C THR B 186 -19.88 43.56 20.44
N ASP B 187 -19.21 43.87 19.33
CA ASP B 187 -17.76 43.90 19.28
C ASP B 187 -17.18 45.06 20.08
N PRO B 188 -16.00 44.87 20.71
CA PRO B 188 -15.31 45.96 21.41
C PRO B 188 -14.75 47.02 20.46
N TYR B 189 -14.67 46.74 19.16
CA TYR B 189 -14.05 47.71 18.27
C TYR B 189 -15.09 48.57 17.56
N SER B 190 -16.37 48.27 17.76
CA SER B 190 -17.35 48.94 16.91
C SER B 190 -18.58 49.37 17.70
N SER B 191 -18.80 48.80 18.90
CA SER B 191 -20.12 48.89 19.52
C SER B 191 -20.10 49.88 20.68
N ASP B 192 -20.86 50.96 20.51
CA ASP B 192 -20.99 51.99 21.52
C ASP B 192 -21.66 51.42 22.76
N ILE B 193 -22.75 50.65 22.58
CA ILE B 193 -23.56 50.20 23.70
C ILE B 193 -22.79 49.23 24.59
N ALA B 194 -21.69 48.65 24.10
CA ALA B 194 -21.03 47.62 24.89
C ALA B 194 -19.69 48.09 25.42
N LYS B 195 -19.26 49.32 25.09
CA LYS B 195 -17.87 49.70 25.32
C LYS B 195 -17.49 49.67 26.81
N GLN B 196 -18.44 50.03 27.69
CA GLN B 196 -18.17 50.08 29.12
C GLN B 196 -17.93 48.69 29.69
N LEU B 197 -18.37 47.66 28.98
CA LEU B 197 -18.26 46.31 29.53
C LEU B 197 -16.89 45.70 29.22
N TYR B 198 -16.03 46.44 28.51
CA TYR B 198 -14.77 45.84 28.10
C TYR B 198 -13.57 46.44 28.83
N THR B 199 -13.81 47.24 29.89
CA THR B 199 -12.74 47.96 30.58
C THR B 199 -12.17 47.09 31.71
N ARG B 200 -10.94 47.41 32.14
CA ARG B 200 -10.27 46.88 33.31
C ARG B 200 -11.19 46.94 34.54
N GLU B 201 -11.89 48.06 34.69
CA GLU B 201 -12.79 48.30 35.82
C GLU B 201 -13.98 47.36 35.77
N PHE B 202 -14.53 47.12 34.57
CA PHE B 202 -15.64 46.18 34.48
C PHE B 202 -15.21 44.76 34.86
N PHE B 203 -13.99 44.36 34.51
CA PHE B 203 -13.54 43.01 34.83
C PHE B 203 -13.31 42.87 36.34
N ALA B 204 -12.96 43.98 37.00
CA ALA B 204 -12.87 44.01 38.46
C ALA B 204 -14.25 43.77 39.08
N LYS B 205 -15.31 44.32 38.45
CA LYS B 205 -16.66 44.10 38.92
C LYS B 205 -17.09 42.65 38.66
N ILE B 206 -16.69 42.09 37.51
CA ILE B 206 -17.02 40.71 37.17
C ILE B 206 -16.44 39.79 38.24
N ARG B 207 -15.18 40.03 38.61
CA ARG B 207 -14.53 39.24 39.65
C ARG B 207 -15.33 39.30 40.96
N ARG B 208 -15.99 40.41 41.25
CA ARG B 208 -16.69 40.58 42.51
C ARG B 208 -17.97 39.73 42.55
N ILE B 209 -18.48 39.34 41.38
CA ILE B 209 -19.69 38.52 41.36
C ILE B 209 -19.37 37.07 40.98
N LEU B 210 -18.09 36.68 41.00
CA LEU B 210 -17.68 35.30 40.81
C LEU B 210 -17.44 34.64 42.17
N ASN B 211 -17.74 33.34 42.28
CA ASN B 211 -17.22 32.54 43.38
C ASN B 211 -15.69 32.50 43.28
N ASP B 212 -15.03 31.95 44.31
CA ASP B 212 -13.58 32.02 44.45
C ASP B 212 -12.87 31.20 43.38
N ASP B 213 -13.56 30.19 42.84
CA ASP B 213 -13.00 29.32 41.82
C ASP B 213 -13.69 29.56 40.47
N GLY B 214 -14.21 30.78 40.24
CA GLY B 214 -15.05 31.04 39.09
C GLY B 214 -14.26 31.29 37.81
N VAL B 215 -14.98 31.31 36.69
CA VAL B 215 -14.33 31.60 35.43
C VAL B 215 -15.17 32.56 34.59
N VAL B 216 -14.46 33.45 33.88
CA VAL B 216 -15.09 34.35 32.93
C VAL B 216 -14.54 34.01 31.54
N VAL B 217 -15.38 34.16 30.52
CA VAL B 217 -14.93 34.10 29.15
C VAL B 217 -15.65 35.19 28.38
N THR B 218 -14.91 35.83 27.47
CA THR B 218 -15.45 36.87 26.62
C THR B 218 -14.90 36.72 25.20
N GLN B 219 -15.69 37.13 24.20
CA GLN B 219 -15.12 37.33 22.88
C GLN B 219 -14.45 38.69 22.90
N ALA B 220 -13.35 38.85 22.16
CA ALA B 220 -12.53 40.05 22.22
C ALA B 220 -12.26 40.62 20.82
N GLY B 221 -13.22 40.43 19.90
CA GLY B 221 -13.06 40.96 18.55
C GLY B 221 -12.09 40.11 17.74
N ASN B 222 -11.09 40.77 17.17
CA ASN B 222 -10.17 40.11 16.27
C ASN B 222 -8.79 40.74 16.42
N SER B 223 -7.78 39.93 16.77
CA SER B 223 -6.43 40.40 17.03
C SER B 223 -5.68 40.70 15.73
N PHE B 224 -6.19 40.23 14.59
CA PHE B 224 -5.50 40.44 13.33
C PHE B 224 -5.86 41.84 12.80
N TYR B 225 -7.16 42.12 12.76
CA TYR B 225 -7.65 43.36 12.17
C TYR B 225 -7.72 44.48 13.21
N PHE B 226 -7.95 44.14 14.49
CA PHE B 226 -8.10 45.16 15.52
C PHE B 226 -7.22 44.85 16.73
N PRO B 227 -5.87 44.85 16.56
CA PRO B 227 -4.96 44.44 17.63
C PRO B 227 -5.03 45.37 18.85
N ALA B 228 -5.23 46.68 18.62
CA ALA B 228 -5.24 47.64 19.72
C ALA B 228 -6.42 47.36 20.65
N GLU B 229 -7.61 47.21 20.06
CA GLU B 229 -8.80 46.90 20.84
C GLU B 229 -8.64 45.53 21.51
N TYR B 230 -8.02 44.58 20.80
CA TYR B 230 -7.83 43.25 21.37
C TYR B 230 -6.93 43.33 22.61
N ASP B 231 -5.78 44.00 22.45
CA ASP B 231 -4.80 44.14 23.53
C ASP B 231 -5.40 44.81 24.77
N MET B 232 -6.27 45.79 24.55
CA MET B 232 -6.93 46.49 25.64
C MET B 232 -7.79 45.53 26.45
N VAL B 233 -8.59 44.70 25.76
CA VAL B 233 -9.42 43.73 26.47
C VAL B 233 -8.53 42.73 27.20
N LEU B 234 -7.44 42.29 26.55
CA LEU B 234 -6.53 41.32 27.14
C LEU B 234 -5.90 41.87 28.44
N GLU B 235 -5.36 43.09 28.37
CA GLU B 235 -4.78 43.75 29.54
C GLU B 235 -5.80 43.84 30.69
N GLY B 236 -7.04 44.21 30.36
CA GLY B 236 -8.13 44.25 31.32
C GLY B 236 -8.36 42.92 32.05
N VAL B 237 -8.30 41.82 31.29
CA VAL B 237 -8.59 40.51 31.88
C VAL B 237 -7.41 40.09 32.76
N LYS B 238 -6.20 40.32 32.24
CA LYS B 238 -4.97 39.94 32.90
C LYS B 238 -4.79 40.66 34.23
N ALA B 239 -5.24 41.92 34.32
CA ALA B 239 -5.14 42.71 35.53
C ALA B 239 -6.01 42.12 36.65
N ASN B 240 -6.96 41.24 36.30
CA ASN B 240 -7.97 40.83 37.25
C ASN B 240 -7.98 39.31 37.48
N PHE B 241 -7.31 38.54 36.61
CA PHE B 241 -7.40 37.10 36.67
C PHE B 241 -6.00 36.51 36.56
N PRO B 242 -5.62 35.57 37.45
CA PRO B 242 -4.28 34.98 37.43
C PRO B 242 -4.06 34.00 36.28
N ILE B 243 -5.13 33.33 35.83
CA ILE B 243 -5.03 32.41 34.71
C ILE B 243 -5.82 32.96 33.52
N VAL B 244 -5.13 33.14 32.40
CA VAL B 244 -5.74 33.68 31.19
C VAL B 244 -5.35 32.80 30.00
N ALA B 245 -6.35 32.31 29.27
CA ALA B 245 -6.14 31.57 28.03
C ALA B 245 -6.73 32.36 26.86
N GLU B 246 -6.00 32.43 25.75
CA GLU B 246 -6.43 33.09 24.52
C GLU B 246 -6.59 32.01 23.44
N TYR B 247 -7.71 32.04 22.72
CA TYR B 247 -7.90 31.11 21.62
C TYR B 247 -8.79 31.76 20.56
N GLU B 248 -8.74 31.23 19.33
CA GLU B 248 -9.52 31.82 18.26
C GLU B 248 -10.17 30.73 17.43
N VAL B 249 -11.29 31.05 16.76
CA VAL B 249 -11.94 30.12 15.86
C VAL B 249 -12.43 30.89 14.64
N TRP B 250 -12.19 30.31 13.46
CA TRP B 250 -12.66 30.92 12.22
C TRP B 250 -14.19 30.79 12.13
N ILE B 251 -14.87 31.91 11.93
CA ILE B 251 -16.31 31.90 11.76
C ILE B 251 -16.56 32.43 10.35
N PRO B 252 -16.89 31.57 9.37
CA PRO B 252 -17.01 32.05 7.98
C PRO B 252 -17.88 33.30 7.82
N SER B 253 -19.03 33.35 8.49
CA SER B 253 -19.97 34.44 8.28
C SER B 253 -19.45 35.79 8.79
N PHE B 254 -18.49 35.79 9.73
CA PHE B 254 -17.90 37.04 10.20
C PHE B 254 -16.77 37.53 9.30
N GLY B 255 -16.16 36.61 8.54
CA GLY B 255 -15.02 37.00 7.73
C GLY B 255 -13.69 36.92 8.50
N TYR B 256 -13.69 36.38 9.72
CA TYR B 256 -12.45 36.31 10.48
C TYR B 256 -12.56 35.28 11.60
N ALA B 257 -11.42 35.02 12.24
CA ALA B 257 -11.34 34.16 13.40
C ALA B 257 -11.61 35.00 14.64
N VAL B 258 -12.68 34.68 15.36
CA VAL B 258 -13.04 35.41 16.56
C VAL B 258 -12.04 35.03 17.65
N ASN B 259 -11.60 36.02 18.42
CA ASN B 259 -10.73 35.80 19.55
C ASN B 259 -11.53 35.71 20.83
N PHE B 260 -11.22 34.69 21.65
CA PHE B 260 -11.84 34.54 22.95
C PHE B 260 -10.74 34.65 23.99
N ILE B 261 -11.13 35.13 25.18
CA ILE B 261 -10.22 35.28 26.31
C ILE B 261 -10.94 34.65 27.50
N LEU B 262 -10.31 33.64 28.08
CA LEU B 262 -10.84 32.94 29.23
C LEU B 262 -10.01 33.32 30.45
N GLY B 263 -10.69 33.85 31.48
CA GLY B 263 -10.07 34.24 32.73
C GLY B 263 -10.54 33.30 33.84
N SER B 264 -9.60 32.80 34.65
CA SER B 264 -9.93 31.82 35.65
C SER B 264 -9.26 32.18 36.98
N LEU B 265 -9.95 31.88 38.09
CA LEU B 265 -9.45 32.19 39.42
C LEU B 265 -8.67 31.02 40.02
N ARG B 266 -8.96 29.78 39.59
CA ARG B 266 -8.31 28.61 40.19
C ARG B 266 -7.86 27.59 39.12
N TYR B 267 -8.78 27.14 38.27
CA TYR B 267 -8.58 25.99 37.40
C TYR B 267 -8.04 26.44 36.04
N ASP B 268 -7.09 25.67 35.52
CA ASP B 268 -6.33 26.04 34.33
C ASP B 268 -6.85 25.22 33.14
N PRO B 269 -7.38 25.87 32.07
CA PRO B 269 -7.85 25.13 30.90
C PRO B 269 -6.70 24.40 30.19
N HIS B 270 -5.47 24.89 30.36
CA HIS B 270 -4.29 24.26 29.76
C HIS B 270 -3.97 22.90 30.38
N ALA B 271 -4.51 22.62 31.57
CA ALA B 271 -4.19 21.37 32.26
C ALA B 271 -5.14 20.24 31.87
N LEU B 272 -6.21 20.57 31.14
CA LEU B 272 -7.19 19.56 30.77
C LEU B 272 -6.69 18.68 29.61
N THR B 273 -6.78 17.36 29.76
CA THR B 273 -6.42 16.49 28.65
C THR B 273 -7.66 16.25 27.80
N PRO B 274 -7.52 15.83 26.52
CA PRO B 274 -8.69 15.49 25.73
C PRO B 274 -9.65 14.53 26.44
N SER B 275 -9.08 13.50 27.10
CA SER B 275 -9.87 12.47 27.74
C SER B 275 -10.67 13.03 28.91
N GLU B 276 -10.08 13.93 29.68
CA GLU B 276 -10.76 14.57 30.79
C GLU B 276 -11.89 15.45 30.28
N VAL B 277 -11.66 16.15 29.15
CA VAL B 277 -12.71 17.00 28.60
C VAL B 277 -13.89 16.12 28.18
N ASP B 278 -13.61 15.03 27.47
CA ASP B 278 -14.64 14.15 26.95
C ASP B 278 -15.42 13.51 28.10
N GLU B 279 -14.71 13.15 29.18
CA GLU B 279 -15.34 12.53 30.33
C GLU B 279 -16.29 13.52 31.01
N ARG B 280 -15.86 14.78 31.18
CA ARG B 280 -16.73 15.78 31.78
C ARG B 280 -17.95 16.04 30.90
N LEU B 281 -17.77 16.13 29.56
CA LEU B 281 -18.90 16.36 28.68
C LEU B 281 -19.89 15.20 28.78
N ARG B 282 -19.38 13.96 28.80
CA ARG B 282 -20.23 12.79 28.89
C ARG B 282 -20.99 12.79 30.22
N ALA B 283 -20.26 13.01 31.33
CA ALA B 283 -20.87 12.94 32.66
C ALA B 283 -22.01 13.95 32.78
N ARG B 284 -21.89 15.07 32.09
CA ARG B 284 -22.86 16.16 32.22
C ARG B 284 -23.94 16.10 31.14
N GLY B 285 -23.84 15.12 30.23
CA GLY B 285 -24.84 14.90 29.20
C GLY B 285 -24.77 15.93 28.07
N VAL B 286 -23.56 16.45 27.78
CA VAL B 286 -23.39 17.54 26.82
C VAL B 286 -23.15 16.94 25.44
N LYS B 287 -24.05 17.21 24.50
CA LYS B 287 -23.89 16.84 23.11
C LYS B 287 -23.51 18.10 22.31
N THR B 288 -22.53 17.96 21.42
CA THR B 288 -22.00 19.08 20.66
C THR B 288 -21.86 18.66 19.20
N ALA B 289 -21.81 19.67 18.30
CA ALA B 289 -21.55 19.44 16.88
C ALA B 289 -20.07 19.63 16.58
N PHE B 290 -19.32 20.26 17.49
CA PHE B 290 -17.96 20.67 17.17
C PHE B 290 -17.00 20.35 18.31
N TYR B 291 -17.28 20.92 19.49
CA TYR B 291 -16.34 20.91 20.60
C TYR B 291 -16.17 19.48 21.11
N THR B 292 -14.91 19.07 21.26
CA THR B 292 -14.51 17.79 21.85
C THR B 292 -13.21 18.03 22.61
N GLY B 293 -12.66 16.98 23.22
CA GLY B 293 -11.41 17.06 23.93
C GLY B 293 -10.26 17.42 23.00
N ARG B 294 -10.28 16.87 21.78
CA ARG B 294 -9.23 17.16 20.82
C ARG B 294 -9.33 18.62 20.38
N VAL B 295 -10.56 19.15 20.23
CA VAL B 295 -10.71 20.55 19.87
C VAL B 295 -10.14 21.42 20.97
N HIS B 296 -10.41 21.06 22.23
CA HIS B 296 -9.92 21.81 23.38
C HIS B 296 -8.40 21.91 23.30
N LEU B 297 -7.74 20.77 23.05
CA LEU B 297 -6.29 20.72 22.94
C LEU B 297 -5.83 21.66 21.81
N ALA B 298 -6.49 21.60 20.66
CA ALA B 298 -6.13 22.46 19.53
C ALA B 298 -6.26 23.94 19.89
N LEU B 299 -7.38 24.30 20.53
CA LEU B 299 -7.64 25.69 20.88
C LEU B 299 -6.57 26.20 21.85
N MET B 300 -6.13 25.33 22.76
CA MET B 300 -5.18 25.71 23.79
C MET B 300 -3.77 25.85 23.22
N ASN B 301 -3.51 25.29 22.03
CA ASN B 301 -2.14 25.23 21.52
C ASN B 301 -1.94 26.11 20.28
N MET B 302 -3.03 26.58 19.66
CA MET B 302 -2.91 27.37 18.43
C MET B 302 -2.71 28.84 18.80
N PRO B 303 -1.59 29.50 18.42
CA PRO B 303 -1.40 30.92 18.69
C PRO B 303 -2.40 31.73 17.86
N ILE B 304 -2.74 32.94 18.34
CA ILE B 304 -3.72 33.75 17.63
C ILE B 304 -3.01 34.48 16.49
N HIS B 305 -3.79 34.91 15.48
CA HIS B 305 -3.25 35.56 14.30
C HIS B 305 -2.92 37.02 14.56
N ARG B 306 -1.78 37.48 14.03
CA ARG B 306 -1.38 38.88 14.02
C ARG B 306 -0.89 39.19 12.62
N LYS B 307 -0.96 40.46 12.21
CA LYS B 307 -0.30 40.89 10.99
C LYS B 307 1.20 40.63 11.15
N LEU B 308 1.82 39.96 10.17
CA LEU B 308 3.19 39.53 10.38
C LEU B 308 4.18 40.53 9.77
N ARG B 309 3.72 41.38 8.85
CA ARG B 309 4.60 42.41 8.34
C ARG B 309 3.92 43.80 8.50
N VAL C 24 29.60 -22.45 38.64
CA VAL C 24 29.67 -21.90 40.07
C VAL C 24 31.09 -21.36 40.38
N PRO C 25 31.23 -20.16 40.98
CA PRO C 25 32.49 -19.42 40.97
C PRO C 25 33.46 -20.05 41.94
N GLY C 26 34.75 -20.01 41.57
CA GLY C 26 35.81 -20.61 42.36
C GLY C 26 36.89 -21.21 41.46
N PRO C 27 37.96 -21.80 42.04
CA PRO C 27 38.13 -21.87 43.49
C PRO C 27 38.43 -20.59 44.26
N ILE C 28 39.04 -19.58 43.61
CA ILE C 28 39.31 -18.30 44.26
C ILE C 28 38.21 -17.31 43.89
N THR C 29 37.70 -16.58 44.90
CA THR C 29 36.44 -15.87 44.80
C THR C 29 36.57 -14.54 45.53
N LEU C 30 35.99 -13.48 44.96
CA LEU C 30 35.79 -12.24 45.71
C LEU C 30 34.37 -12.27 46.28
N ILE C 31 34.25 -11.93 47.57
CA ILE C 31 32.92 -11.74 48.13
C ILE C 31 32.66 -10.24 48.18
N GLU C 32 31.83 -9.77 47.24
CA GLU C 32 31.59 -8.34 47.18
C GLU C 32 30.30 -8.04 47.94
N PRO C 33 30.35 -7.19 48.99
CA PRO C 33 29.15 -6.84 49.75
C PRO C 33 28.26 -6.07 48.78
N LEU C 34 26.96 -6.24 48.93
CA LEU C 34 26.06 -5.44 48.12
C LEU C 34 25.20 -4.66 49.10
N SER C 35 24.24 -5.35 49.74
CA SER C 35 23.28 -4.64 50.57
C SER C 35 23.46 -4.97 52.04
N GLY C 36 24.33 -5.94 52.37
CA GLY C 36 24.23 -6.50 53.70
C GLY C 36 23.36 -7.77 53.72
N ASN C 37 22.27 -7.81 52.93
CA ASN C 37 21.44 -9.00 52.87
C ASN C 37 21.64 -9.77 51.55
N THR C 38 22.45 -9.20 50.66
CA THR C 38 22.84 -9.79 49.40
C THR C 38 24.31 -9.46 49.21
N SER C 39 25.11 -10.43 48.73
CA SER C 39 26.48 -10.18 48.30
C SER C 39 26.69 -10.86 46.94
N LEU C 40 27.77 -10.50 46.23
CA LEU C 40 28.14 -11.17 44.99
C LEU C 40 29.32 -12.09 45.27
N LEU C 41 29.31 -13.27 44.65
CA LEU C 41 30.49 -14.14 44.62
C LEU C 41 31.06 -14.08 43.22
N ILE C 42 32.33 -13.65 43.08
CA ILE C 42 32.89 -13.38 41.78
C ILE C 42 34.20 -14.15 41.64
N LYS C 43 34.30 -15.02 40.62
CA LYS C 43 35.55 -15.75 40.37
C LYS C 43 36.70 -14.80 40.07
N ILE C 44 37.83 -15.01 40.76
CA ILE C 44 39.08 -14.27 40.63
C ILE C 44 40.09 -15.14 39.87
N ASN C 45 40.75 -14.58 38.84
CA ASN C 45 41.78 -15.31 38.10
C ASN C 45 43.18 -14.98 38.63
N ALA C 46 43.38 -13.77 39.15
CA ALA C 46 44.69 -13.32 39.61
C ALA C 46 44.54 -12.10 40.50
N ILE C 47 45.49 -11.90 41.42
CA ILE C 47 45.57 -10.69 42.22
C ILE C 47 46.89 -10.00 41.87
N HIS C 48 46.82 -8.76 41.36
CA HIS C 48 47.98 -8.03 40.87
C HIS C 48 48.59 -7.18 41.96
N SER C 49 47.78 -6.76 42.95
CA SER C 49 48.27 -5.83 43.95
C SER C 49 47.32 -5.74 45.13
N VAL C 50 47.89 -5.71 46.35
CA VAL C 50 47.16 -5.50 47.58
C VAL C 50 47.91 -4.45 48.39
N LYS C 51 47.22 -3.38 48.80
CA LYS C 51 47.86 -2.28 49.51
C LYS C 51 46.90 -1.79 50.58
N LYS C 52 47.36 -1.80 51.82
CA LYS C 52 46.65 -1.09 52.88
C LYS C 52 47.16 0.34 52.90
N SER C 53 46.39 1.27 52.32
CA SER C 53 46.73 2.69 52.33
C SER C 53 46.31 3.28 53.67
N PRO C 54 46.71 4.54 54.01
CA PRO C 54 46.18 5.19 55.20
C PRO C 54 44.65 5.36 55.22
N TYR C 55 44.01 5.28 54.05
CA TYR C 55 42.60 5.63 53.95
C TYR C 55 41.71 4.39 53.75
N GLN C 56 42.22 3.37 53.05
CA GLN C 56 41.38 2.25 52.63
C GLN C 56 42.24 1.11 52.12
N GLU C 57 41.65 -0.09 52.06
CA GLU C 57 42.32 -1.28 51.56
C GLU C 57 42.09 -1.37 50.06
N ILE C 58 43.16 -1.51 49.28
CA ILE C 58 43.10 -1.45 47.83
C ILE C 58 43.51 -2.81 47.27
N ILE C 59 42.72 -3.33 46.32
CA ILE C 59 43.11 -4.55 45.64
C ILE C 59 42.91 -4.34 44.15
N ILE C 60 43.87 -4.79 43.35
CA ILE C 60 43.68 -4.86 41.92
C ILE C 60 43.74 -6.32 41.50
N ALA C 61 42.71 -6.78 40.77
CA ALA C 61 42.56 -8.21 40.52
C ALA C 61 41.95 -8.40 39.14
N ASP C 62 42.07 -9.62 38.62
CA ASP C 62 41.43 -10.01 37.39
C ASP C 62 40.26 -10.92 37.74
N THR C 63 39.09 -10.59 37.21
CA THR C 63 37.92 -11.42 37.41
C THR C 63 37.60 -12.09 36.08
N GLU C 64 37.01 -13.27 36.13
CA GLU C 64 36.61 -13.95 34.91
C GLU C 64 35.54 -13.14 34.17
N ASP C 65 34.50 -12.68 34.90
CA ASP C 65 33.38 -12.05 34.25
C ASP C 65 33.67 -10.62 33.80
N TYR C 66 34.49 -9.88 34.56
CA TYR C 66 34.52 -8.43 34.39
C TYR C 66 35.93 -7.97 34.01
N GLY C 67 36.85 -8.92 33.83
CA GLY C 67 38.23 -8.54 33.57
C GLY C 67 38.85 -7.86 34.78
N ARG C 68 39.79 -6.94 34.54
CA ARG C 68 40.49 -6.30 35.63
C ARG C 68 39.56 -5.35 36.40
N VAL C 69 39.70 -5.34 37.73
CA VAL C 69 38.87 -4.53 38.61
C VAL C 69 39.75 -3.81 39.61
N LEU C 70 39.28 -2.64 40.05
CA LEU C 70 39.81 -1.99 41.24
C LEU C 70 38.81 -2.22 42.36
N ILE C 71 39.30 -2.65 43.54
CA ILE C 71 38.48 -2.94 44.70
C ILE C 71 38.96 -2.04 45.84
N LEU C 72 38.03 -1.34 46.49
CA LEU C 72 38.33 -0.55 47.68
C LEU C 72 37.40 -1.00 48.81
N ASP C 73 38.00 -1.49 49.90
CA ASP C 73 37.26 -1.99 51.07
C ASP C 73 36.23 -3.03 50.64
N ASP C 74 36.60 -3.92 49.71
CA ASP C 74 35.78 -5.06 49.30
C ASP C 74 34.80 -4.73 48.17
N TYR C 75 34.59 -3.45 47.84
CA TYR C 75 33.68 -3.07 46.76
C TYR C 75 34.43 -2.81 45.46
N ILE C 76 34.01 -3.49 44.37
CA ILE C 76 34.47 -3.16 43.02
C ILE C 76 34.09 -1.71 42.70
N GLN C 77 35.09 -0.95 42.26
CA GLN C 77 34.93 0.46 41.96
C GLN C 77 34.76 0.63 40.45
N SER C 78 35.28 -0.34 39.70
CA SER C 78 35.37 -0.20 38.25
C SER C 78 35.87 -1.53 37.68
N SER C 79 35.37 -1.91 36.51
CA SER C 79 35.86 -3.10 35.85
C SER C 79 36.14 -2.76 34.40
N TYR C 80 37.08 -3.48 33.78
CA TYR C 80 37.40 -3.26 32.38
C TYR C 80 36.17 -3.48 31.49
N VAL C 81 35.33 -4.49 31.80
CA VAL C 81 34.29 -4.77 30.81
C VAL C 81 33.10 -3.82 30.93
N ASP C 82 32.92 -3.12 32.05
CA ASP C 82 31.69 -2.33 32.18
C ASP C 82 31.92 -0.90 32.67
N GLU C 83 33.18 -0.49 32.93
CA GLU C 83 33.45 0.84 33.50
C GLU C 83 32.99 1.97 32.57
N GLN C 84 32.98 1.74 31.26
CA GLN C 84 32.54 2.78 30.34
C GLN C 84 31.06 3.11 30.52
N TYR C 85 30.23 2.12 30.91
CA TYR C 85 28.84 2.41 31.20
C TYR C 85 28.79 3.38 32.37
N TYR C 86 29.64 3.16 33.37
CA TYR C 86 29.60 4.00 34.54
C TYR C 86 30.12 5.40 34.21
N HIS C 87 31.31 5.49 33.59
CA HIS C 87 32.00 6.77 33.47
C HIS C 87 31.33 7.64 32.42
N GLU C 88 30.81 7.03 31.36
CA GLU C 88 30.09 7.79 30.35
C GLU C 88 28.78 8.31 30.92
N SER C 89 28.09 7.50 31.74
CA SER C 89 26.84 7.92 32.36
C SER C 89 27.06 9.02 33.38
N LEU C 90 28.20 8.97 34.10
CA LEU C 90 28.50 9.97 35.09
C LEU C 90 28.82 11.33 34.44
N VAL C 91 29.56 11.30 33.34
CA VAL C 91 30.22 12.51 32.85
C VAL C 91 29.40 13.20 31.77
N HIS C 92 28.99 12.44 30.73
CA HIS C 92 28.50 13.07 29.51
C HIS C 92 27.15 13.79 29.66
N PRO C 93 26.13 13.27 30.37
CA PRO C 93 24.89 14.03 30.50
C PRO C 93 25.15 15.45 31.01
N ALA C 94 26.01 15.59 32.02
CA ALA C 94 26.32 16.90 32.59
C ALA C 94 27.10 17.75 31.59
N MET C 95 28.13 17.18 30.97
CA MET C 95 28.98 17.94 30.08
C MET C 95 28.21 18.38 28.85
N ALA C 96 27.29 17.50 28.39
CA ALA C 96 26.50 17.82 27.20
C ALA C 96 25.43 18.84 27.53
N THR C 97 24.95 18.87 28.78
CA THR C 97 23.93 19.83 29.19
C THR C 97 24.49 21.25 29.17
N HIS C 98 25.73 21.40 29.64
CA HIS C 98 26.42 22.68 29.62
C HIS C 98 26.79 23.03 28.19
N PRO C 99 26.40 24.23 27.69
CA PRO C 99 26.70 24.62 26.31
C PRO C 99 28.18 24.88 26.00
N ASN C 100 28.99 25.13 27.04
CA ASN C 100 30.39 25.44 26.80
C ASN C 100 31.24 25.18 28.04
N PRO C 101 31.44 23.93 28.49
CA PRO C 101 32.17 23.68 29.75
C PRO C 101 33.68 23.78 29.53
N ARG C 102 34.30 24.76 30.22
CA ARG C 102 35.72 25.07 29.98
C ARG C 102 36.58 24.64 31.17
N ASP C 103 36.00 24.75 32.38
CA ASP C 103 36.67 24.43 33.63
C ASP C 103 35.89 23.34 34.36
N VAL C 104 36.56 22.21 34.62
CA VAL C 104 35.94 21.04 35.22
C VAL C 104 36.69 20.66 36.48
N LEU C 105 35.94 20.39 37.56
CA LEU C 105 36.50 19.85 38.77
C LEU C 105 35.93 18.45 39.01
N ILE C 106 36.81 17.49 39.33
CA ILE C 106 36.44 16.12 39.66
C ILE C 106 36.90 15.82 41.07
N LEU C 107 35.94 15.46 41.95
CA LEU C 107 36.27 15.00 43.29
C LEU C 107 36.20 13.48 43.31
N GLY C 108 37.29 12.83 43.71
CA GLY C 108 37.45 11.38 43.59
C GLY C 108 38.05 10.99 42.24
N GLY C 109 37.50 9.94 41.62
CA GLY C 109 37.90 9.56 40.27
C GLY C 109 39.33 9.05 40.20
N GLY C 110 39.79 8.40 41.27
CA GLY C 110 41.17 7.97 41.46
C GLY C 110 41.73 7.13 40.32
N GLU C 111 40.87 6.39 39.60
CA GLU C 111 41.40 5.58 38.51
C GLU C 111 41.60 6.38 37.23
N GLY C 112 41.06 7.61 37.17
CA GLY C 112 41.34 8.48 36.05
C GLY C 112 40.37 8.33 34.87
N ALA C 113 39.36 7.44 34.97
CA ALA C 113 38.41 7.26 33.88
C ALA C 113 37.45 8.45 33.76
N THR C 114 37.11 9.07 34.88
CA THR C 114 36.24 10.24 34.90
C THR C 114 36.94 11.39 34.16
N LEU C 115 38.21 11.62 34.53
CA LEU C 115 39.07 12.60 33.87
C LEU C 115 39.17 12.29 32.38
N ARG C 116 39.41 11.02 32.02
CA ARG C 116 39.46 10.60 30.62
C ARG C 116 38.21 11.07 29.87
N GLU C 117 37.01 10.85 30.43
CA GLU C 117 35.77 11.17 29.73
C GLU C 117 35.59 12.68 29.62
N ALA C 118 35.89 13.42 30.70
CA ALA C 118 35.71 14.86 30.69
C ALA C 118 36.63 15.52 29.66
N LEU C 119 37.88 15.05 29.56
CA LEU C 119 38.86 15.67 28.65
C LEU C 119 38.50 15.45 27.19
N LYS C 120 37.55 14.54 26.89
CA LYS C 120 37.16 14.28 25.51
C LYS C 120 36.41 15.49 24.94
N HIS C 121 35.80 16.31 25.81
CA HIS C 121 35.09 17.50 25.35
C HIS C 121 36.12 18.56 24.94
N GLY C 122 36.13 18.89 23.63
CA GLY C 122 37.12 19.81 23.05
C GLY C 122 37.09 21.20 23.69
N THR C 123 35.97 21.55 24.33
CA THR C 123 35.80 22.85 24.95
C THR C 123 36.58 22.97 26.25
N VAL C 124 36.98 21.84 26.85
CA VAL C 124 37.59 21.88 28.18
C VAL C 124 39.01 22.44 28.06
N LYS C 125 39.31 23.45 28.87
CA LYS C 125 40.63 24.08 28.87
C LYS C 125 41.42 23.67 30.12
N ARG C 126 40.69 23.41 31.20
CA ARG C 126 41.28 23.06 32.49
C ARG C 126 40.40 22.03 33.20
N ALA C 127 40.98 20.89 33.56
CA ALA C 127 40.32 19.85 34.33
C ALA C 127 41.16 19.52 35.55
N VAL C 128 40.58 19.70 36.74
CA VAL C 128 41.27 19.40 37.98
C VAL C 128 40.63 18.16 38.61
N MET C 129 41.47 17.22 39.01
CA MET C 129 41.03 15.99 39.66
C MET C 129 41.63 15.95 41.07
N VAL C 130 40.77 15.80 42.09
CA VAL C 130 41.21 15.82 43.47
C VAL C 130 40.84 14.50 44.13
N ASP C 131 41.85 13.71 44.52
CA ASP C 131 41.63 12.47 45.24
C ASP C 131 42.42 12.51 46.55
N ILE C 132 41.84 11.96 47.62
CA ILE C 132 42.46 11.97 48.94
C ILE C 132 43.62 10.97 49.02
N ASP C 133 43.69 10.01 48.10
CA ASP C 133 44.52 8.81 48.33
C ASP C 133 45.51 8.61 47.19
N ARG C 134 46.77 8.98 47.45
CA ARG C 134 47.86 8.89 46.48
C ARG C 134 48.03 7.45 45.98
N ASP C 135 47.79 6.47 46.86
CA ASP C 135 48.01 5.06 46.52
C ASP C 135 47.06 4.61 45.41
N VAL C 136 45.82 5.10 45.44
CA VAL C 136 44.85 4.71 44.42
C VAL C 136 45.33 5.23 43.07
N VAL C 137 45.72 6.51 43.02
CA VAL C 137 46.19 7.14 41.80
C VAL C 137 47.42 6.43 41.27
N GLU C 138 48.38 6.12 42.15
CA GLU C 138 49.61 5.46 41.72
C GLU C 138 49.35 4.05 41.21
N LEU C 139 48.56 3.27 41.96
CA LEU C 139 48.26 1.91 41.52
C LEU C 139 47.44 1.90 40.24
N SER C 140 46.59 2.91 40.02
CA SER C 140 45.85 3.01 38.76
C SER C 140 46.79 3.30 37.61
N ARG C 141 47.74 4.23 37.83
CA ARG C 141 48.71 4.57 36.80
C ARG C 141 49.38 3.29 36.33
N ALA C 142 49.85 2.49 37.30
CA ALA C 142 50.55 1.24 37.01
C ALA C 142 49.63 0.16 36.40
N TYR C 143 48.45 -0.09 37.00
CA TYR C 143 47.76 -1.34 36.73
C TYR C 143 46.43 -1.19 35.98
N LEU C 144 45.94 0.04 35.81
CA LEU C 144 44.65 0.23 35.14
C LEU C 144 44.81 1.13 33.92
N PRO C 145 45.75 0.84 32.98
CA PRO C 145 45.95 1.71 31.82
C PRO C 145 44.72 1.93 30.94
N GLN C 146 43.84 0.92 30.83
CA GLN C 146 42.65 1.06 30.01
C GLN C 146 41.62 1.98 30.66
N MET C 147 41.81 2.32 31.94
CA MET C 147 40.92 3.26 32.56
C MET C 147 41.39 4.70 32.33
N HIS C 148 42.61 5.04 32.74
CA HIS C 148 43.07 6.42 32.63
C HIS C 148 43.37 6.79 31.18
N GLN C 149 43.93 5.84 30.42
CA GLN C 149 44.32 6.04 29.04
C GLN C 149 45.13 7.34 28.85
N GLY C 150 46.07 7.59 29.77
CA GLY C 150 46.98 8.72 29.62
C GLY C 150 46.41 10.06 30.11
N ALA C 151 45.17 10.04 30.64
CA ALA C 151 44.50 11.26 31.06
C ALA C 151 45.28 12.01 32.15
N PHE C 152 46.01 11.29 33.01
CA PHE C 152 46.73 11.95 34.09
C PHE C 152 47.81 12.90 33.55
N ASP C 153 48.27 12.65 32.32
CA ASP C 153 49.38 13.41 31.74
C ASP C 153 48.91 14.36 30.65
N ASP C 154 47.60 14.56 30.52
CA ASP C 154 47.10 15.54 29.57
C ASP C 154 47.50 16.92 30.08
N PRO C 155 48.07 17.79 29.20
CA PRO C 155 48.47 19.14 29.61
C PRO C 155 47.32 19.97 30.21
N ARG C 156 46.07 19.61 29.86
CA ARG C 156 44.90 20.32 30.37
C ARG C 156 44.51 19.86 31.79
N ALA C 157 45.12 18.76 32.27
CA ALA C 157 44.74 18.14 33.52
C ALA C 157 45.72 18.50 34.65
N LYS C 158 45.18 18.66 35.86
CA LYS C 158 45.97 18.77 37.07
C LYS C 158 45.44 17.75 38.08
N VAL C 159 46.31 16.89 38.61
CA VAL C 159 45.96 15.93 39.65
C VAL C 159 46.44 16.44 41.01
N VAL C 160 45.49 16.65 41.93
CA VAL C 160 45.76 17.12 43.27
C VAL C 160 45.44 16.01 44.26
N ILE C 161 46.38 15.72 45.18
CA ILE C 161 46.14 14.77 46.25
C ILE C 161 45.75 15.54 47.50
N GLN C 162 44.46 15.46 47.86
CA GLN C 162 43.95 16.22 48.98
C GLN C 162 42.54 15.73 49.28
N ASP C 163 42.12 15.86 50.54
CA ASP C 163 40.73 15.71 50.89
C ASP C 163 39.93 16.76 50.13
N GLY C 164 38.87 16.31 49.45
CA GLY C 164 38.05 17.18 48.61
C GLY C 164 37.33 18.24 49.43
N PHE C 165 37.05 17.93 50.70
CA PHE C 165 36.42 18.88 51.60
C PHE C 165 37.32 20.11 51.80
N VAL C 166 38.60 19.85 52.05
CA VAL C 166 39.60 20.88 52.28
C VAL C 166 39.82 21.65 50.97
N TYR C 167 39.88 20.93 49.84
CA TYR C 167 40.13 21.57 48.56
C TYR C 167 39.03 22.57 48.23
N VAL C 168 37.79 22.22 48.53
CA VAL C 168 36.67 23.09 48.20
C VAL C 168 36.68 24.33 49.09
N GLU C 169 37.01 24.16 50.38
CA GLU C 169 37.15 25.29 51.30
C GLU C 169 38.21 26.26 50.78
N GLU C 170 39.34 25.72 50.31
CA GLU C 170 40.43 26.54 49.82
C GLU C 170 40.03 27.24 48.51
N ALA C 171 39.19 26.59 47.69
CA ALA C 171 38.76 27.17 46.44
C ALA C 171 37.79 28.34 46.68
N ILE C 172 36.95 28.23 47.72
CA ILE C 172 36.04 29.31 48.10
C ILE C 172 36.87 30.54 48.50
N LYS C 173 37.85 30.34 49.38
CA LYS C 173 38.78 31.37 49.83
C LYS C 173 39.45 32.05 48.62
N ALA C 174 39.90 31.25 47.64
CA ALA C 174 40.61 31.79 46.49
C ALA C 174 39.65 32.41 45.46
N GLY C 175 38.34 32.17 45.64
CA GLY C 175 37.33 32.55 44.65
C GLY C 175 37.45 31.77 43.32
N ASP C 176 37.84 30.49 43.37
CA ASP C 176 37.88 29.65 42.18
C ASP C 176 36.47 29.36 41.67
N LYS C 177 36.32 29.20 40.34
CA LYS C 177 35.01 28.93 39.76
C LYS C 177 35.11 27.84 38.69
N TYR C 178 34.12 26.94 38.67
CA TYR C 178 34.09 25.88 37.66
C TYR C 178 32.75 25.89 36.90
N ASP C 179 32.77 25.33 35.69
CA ASP C 179 31.55 25.14 34.89
C ASP C 179 30.82 23.87 35.30
N VAL C 180 31.58 22.78 35.51
CA VAL C 180 31.02 21.46 35.77
C VAL C 180 31.83 20.86 36.91
N ILE C 181 31.13 20.42 37.96
CA ILE C 181 31.75 19.67 39.04
C ILE C 181 31.16 18.26 39.06
N ILE C 182 32.04 17.27 38.98
CA ILE C 182 31.71 15.86 38.91
C ILE C 182 32.20 15.22 40.19
N MET C 183 31.30 14.65 40.99
CA MET C 183 31.71 13.94 42.18
C MET C 183 31.68 12.43 41.96
N ASP C 184 32.86 11.83 42.02
CA ASP C 184 33.08 10.43 41.71
C ASP C 184 33.74 9.77 42.91
N LEU C 185 33.00 9.72 44.02
CA LEU C 185 33.54 9.27 45.30
C LEU C 185 33.13 7.83 45.58
N THR C 186 33.71 7.28 46.65
CA THR C 186 33.25 6.04 47.24
C THR C 186 31.83 6.28 47.78
N ASP C 187 31.12 5.19 48.10
CA ASP C 187 29.67 5.23 48.24
C ASP C 187 29.23 6.02 49.47
N PRO C 188 28.10 6.75 49.40
CA PRO C 188 27.54 7.45 50.56
C PRO C 188 27.00 6.51 51.64
N TYR C 189 26.84 5.22 51.33
CA TYR C 189 26.25 4.35 52.32
C TYR C 189 27.31 3.54 53.06
N SER C 190 28.58 3.68 52.67
CA SER C 190 29.55 2.75 53.23
C SER C 190 30.85 3.46 53.59
N SER C 191 31.10 4.65 53.03
CA SER C 191 32.47 5.17 53.01
C SER C 191 32.66 6.29 54.03
N ASP C 192 33.52 6.01 55.01
CA ASP C 192 33.81 6.97 56.05
C ASP C 192 34.52 8.20 55.47
N ILE C 193 35.51 7.97 54.61
CA ILE C 193 36.35 9.06 54.12
C ILE C 193 35.57 10.03 53.24
N ALA C 194 34.38 9.63 52.76
CA ALA C 194 33.69 10.50 51.82
C ALA C 194 32.44 11.13 52.46
N LYS C 195 32.11 10.78 53.71
CA LYS C 195 30.79 11.08 54.25
C LYS C 195 30.50 12.60 54.28
N GLN C 196 31.53 13.40 54.56
CA GLN C 196 31.36 14.84 54.69
C GLN C 196 31.04 15.49 53.34
N LEU C 197 31.33 14.77 52.24
CA LEU C 197 31.13 15.40 50.93
C LEU C 197 29.69 15.18 50.45
N TYR C 198 28.86 14.50 51.24
CA TYR C 198 27.53 14.19 50.76
C TYR C 198 26.44 14.97 51.51
N THR C 199 26.82 15.97 52.31
CA THR C 199 25.89 16.70 53.17
C THR C 199 25.31 17.90 52.40
N ARG C 200 24.14 18.37 52.86
CA ARG C 200 23.48 19.60 52.45
C ARG C 200 24.47 20.79 52.47
N GLU C 201 25.30 20.84 53.51
CA GLU C 201 26.27 21.91 53.71
C GLU C 201 27.36 21.83 52.64
N PHE C 202 27.81 20.62 52.30
CA PHE C 202 28.81 20.50 51.25
C PHE C 202 28.27 20.97 49.89
N PHE C 203 26.98 20.71 49.61
CA PHE C 203 26.42 21.11 48.33
C PHE C 203 26.28 22.64 48.26
N ALA C 204 26.08 23.27 49.43
CA ALA C 204 26.09 24.74 49.52
C ALA C 204 27.48 25.27 49.14
N LYS C 205 28.53 24.56 49.58
CA LYS C 205 29.89 24.94 49.21
C LYS C 205 30.15 24.73 47.73
N ILE C 206 29.63 23.62 47.17
CA ILE C 206 29.80 23.31 45.75
C ILE C 206 29.22 24.46 44.93
N ARG C 207 28.01 24.89 45.30
CA ARG C 207 27.38 25.99 44.61
C ARG C 207 28.26 27.25 44.60
N ARG C 208 29.03 27.46 45.67
CA ARG C 208 29.85 28.67 45.78
C ARG C 208 31.04 28.64 44.83
N ILE C 209 31.44 27.46 44.34
CA ILE C 209 32.56 27.40 43.41
C ILE C 209 32.10 27.08 41.98
N LEU C 210 30.79 27.20 41.72
CA LEU C 210 30.26 27.08 40.37
C LEU C 210 30.05 28.47 39.77
N ASN C 211 30.26 28.60 38.44
CA ASN C 211 29.74 29.75 37.72
C ASN C 211 28.21 29.76 37.82
N ASP C 212 27.59 30.85 37.35
CA ASP C 212 26.16 31.09 37.53
C ASP C 212 25.33 30.09 36.73
N ASP C 213 25.90 29.54 35.66
CA ASP C 213 25.23 28.59 34.80
C ASP C 213 25.86 27.19 34.95
N GLY C 214 26.43 26.89 36.12
CA GLY C 214 27.21 25.68 36.31
C GLY C 214 26.35 24.45 36.56
N VAL C 215 26.99 23.28 36.49
CA VAL C 215 26.29 22.04 36.80
C VAL C 215 27.15 21.14 37.66
N VAL C 216 26.50 20.44 38.58
CA VAL C 216 27.13 19.42 39.40
C VAL C 216 26.45 18.10 39.09
N VAL C 217 27.22 17.02 39.15
CA VAL C 217 26.69 15.67 39.07
C VAL C 217 27.44 14.81 40.06
N THR C 218 26.71 13.91 40.74
CA THR C 218 27.29 12.99 41.70
C THR C 218 26.63 11.62 41.55
N GLN C 219 27.38 10.54 41.85
CA GLN C 219 26.74 9.26 42.05
C GLN C 219 26.20 9.26 43.48
N ALA C 220 25.06 8.59 43.71
CA ALA C 220 24.35 8.66 44.97
C ALA C 220 24.04 7.27 45.51
N GLY C 221 24.91 6.30 45.22
CA GLY C 221 24.70 4.94 45.70
C GLY C 221 23.59 4.23 44.92
N ASN C 222 22.61 3.71 45.65
CA ASN C 222 21.56 2.94 45.05
C ASN C 222 20.26 3.17 45.81
N SER C 223 19.23 3.63 45.11
CA SER C 223 17.95 3.98 45.72
C SER C 223 17.13 2.75 46.07
N PHE C 224 17.48 1.58 45.51
CA PHE C 224 16.71 0.37 45.77
C PHE C 224 17.17 -0.24 47.09
N TYR C 225 18.49 -0.40 47.25
CA TYR C 225 19.04 -1.07 48.42
C TYR C 225 19.30 -0.09 49.55
N PHE C 226 19.62 1.17 49.23
CA PHE C 226 19.96 2.16 50.24
C PHE C 226 19.15 3.44 50.06
N PRO C 227 17.79 3.38 50.19
CA PRO C 227 16.94 4.53 49.91
C PRO C 227 17.20 5.70 50.86
N ALA C 228 17.50 5.41 52.13
CA ALA C 228 17.69 6.48 53.11
C ALA C 228 18.91 7.32 52.74
N GLU C 229 20.03 6.65 52.46
CA GLU C 229 21.25 7.34 52.06
C GLU C 229 21.02 8.07 50.74
N TYR C 230 20.25 7.44 49.81
CA TYR C 230 19.95 8.09 48.55
C TYR C 230 19.17 9.39 48.76
N ASP C 231 18.08 9.29 49.53
CA ASP C 231 17.19 10.42 49.80
C ASP C 231 17.95 11.57 50.47
N MET C 232 18.91 11.26 51.34
CA MET C 232 19.69 12.26 52.02
C MET C 232 20.51 13.05 51.00
N VAL C 233 21.17 12.36 50.07
CA VAL C 233 21.95 13.05 49.05
C VAL C 233 21.01 13.88 48.17
N LEU C 234 19.84 13.31 47.82
CA LEU C 234 18.89 14.00 46.95
C LEU C 234 18.40 15.29 47.61
N GLU C 235 17.97 15.21 48.88
CA GLU C 235 17.52 16.38 49.64
C GLU C 235 18.60 17.47 49.65
N GLY C 236 19.85 17.05 49.91
CA GLY C 236 21.00 17.95 49.87
C GLY C 236 21.13 18.71 48.54
N VAL C 237 20.93 18.01 47.43
CA VAL C 237 21.13 18.62 46.12
C VAL C 237 19.98 19.58 45.84
N LYS C 238 18.76 19.13 46.15
CA LYS C 238 17.54 19.87 45.91
C LYS C 238 17.52 21.18 46.69
N ALA C 239 18.06 21.19 47.91
CA ALA C 239 18.10 22.38 48.74
C ALA C 239 19.00 23.45 48.12
N ASN C 240 19.86 23.07 47.17
CA ASN C 240 20.90 23.98 46.70
C ASN C 240 20.80 24.27 45.20
N PHE C 241 20.01 23.49 44.46
CA PHE C 241 19.98 23.62 43.01
C PHE C 241 18.54 23.61 42.54
N PRO C 242 18.15 24.56 41.64
CA PRO C 242 16.77 24.64 41.17
C PRO C 242 16.38 23.53 40.20
N ILE C 243 17.34 23.02 39.43
CA ILE C 243 17.08 21.95 38.49
C ILE C 243 17.83 20.70 38.95
N VAL C 244 17.07 19.61 39.14
CA VAL C 244 17.67 18.35 39.56
C VAL C 244 17.13 17.21 38.68
N ALA C 245 18.05 16.44 38.07
CA ALA C 245 17.69 15.23 37.33
C ALA C 245 18.25 14.01 38.03
N GLU C 246 17.44 12.96 38.14
CA GLU C 246 17.85 11.68 38.72
C GLU C 246 17.81 10.64 37.61
N TYR C 247 18.88 9.85 37.48
CA TYR C 247 18.90 8.78 36.49
C TYR C 247 19.77 7.64 37.01
N GLU C 248 19.59 6.45 36.43
CA GLU C 248 20.34 5.30 36.94
C GLU C 248 20.81 4.44 35.77
N VAL C 249 21.89 3.67 35.97
CA VAL C 249 22.38 2.75 34.96
C VAL C 249 22.85 1.47 35.65
N TRP C 250 22.47 0.33 35.07
CA TRP C 250 22.88 -0.96 35.59
C TRP C 250 24.38 -1.17 35.33
N ILE C 251 25.14 -1.45 36.37
CA ILE C 251 26.55 -1.74 36.22
C ILE C 251 26.76 -3.17 36.69
N PRO C 252 26.93 -4.14 35.77
CA PRO C 252 26.98 -5.55 36.18
C PRO C 252 27.93 -5.82 37.34
N SER C 253 29.14 -5.23 37.29
CA SER C 253 30.15 -5.57 38.29
C SER C 253 29.80 -5.09 39.70
N PHE C 254 28.93 -4.08 39.83
CA PHE C 254 28.50 -3.61 41.15
C PHE C 254 27.36 -4.45 41.70
N GLY C 255 26.59 -5.12 40.82
CA GLY C 255 25.42 -5.85 41.28
C GLY C 255 24.17 -4.97 41.36
N TYR C 256 24.23 -3.71 40.86
CA TYR C 256 23.04 -2.88 40.93
C TYR C 256 23.14 -1.73 39.94
N ALA C 257 22.01 -1.00 39.80
CA ALA C 257 21.95 0.19 38.97
C ALA C 257 22.41 1.39 39.81
N VAL C 258 23.50 2.01 39.41
CA VAL C 258 24.02 3.17 40.14
C VAL C 258 23.07 4.34 39.88
N ASN C 259 22.78 5.11 40.93
CA ASN C 259 21.99 6.32 40.83
C ASN C 259 22.88 7.54 40.69
N PHE C 260 22.54 8.41 39.75
CA PHE C 260 23.23 9.68 39.58
C PHE C 260 22.23 10.80 39.84
N ILE C 261 22.75 11.93 40.33
CA ILE C 261 21.95 13.11 40.59
C ILE C 261 22.68 14.28 39.94
N LEU C 262 22.00 14.95 39.03
CA LEU C 262 22.55 16.08 38.31
C LEU C 262 21.83 17.33 38.81
N GLY C 263 22.62 18.29 39.32
CA GLY C 263 22.12 19.58 39.79
C GLY C 263 22.58 20.68 38.85
N SER C 264 21.65 21.55 38.46
CA SER C 264 21.96 22.56 37.46
C SER C 264 21.41 23.91 37.88
N LEU C 265 22.14 24.97 37.54
CA LEU C 265 21.77 26.33 37.93
C LEU C 265 20.94 27.01 36.84
N ARG C 266 21.10 26.60 35.57
CA ARG C 266 20.41 27.27 34.48
C ARG C 266 19.86 26.29 33.45
N TYR C 267 20.71 25.39 32.92
CA TYR C 267 20.36 24.56 31.77
C TYR C 267 19.76 23.23 32.23
N ASP C 268 18.71 22.79 31.55
CA ASP C 268 17.91 21.66 31.98
C ASP C 268 18.26 20.46 31.10
N PRO C 269 18.78 19.34 31.67
CA PRO C 269 19.08 18.15 30.86
C PRO C 269 17.84 17.55 30.22
N HIS C 270 16.67 17.79 30.81
CA HIS C 270 15.40 17.31 30.26
C HIS C 270 15.03 17.97 28.95
N ALA C 271 15.60 19.14 28.66
CA ALA C 271 15.23 19.92 27.49
C ALA C 271 16.12 19.56 26.30
N LEU C 272 17.18 18.77 26.52
CA LEU C 272 18.05 18.36 25.43
C LEU C 272 17.40 17.24 24.62
N THR C 273 17.40 17.42 23.30
CA THR C 273 16.83 16.41 22.43
C THR C 273 17.98 15.48 22.03
N PRO C 274 17.69 14.24 21.59
CA PRO C 274 18.72 13.37 21.07
C PRO C 274 19.62 14.06 20.04
N SER C 275 19.01 14.83 19.13
CA SER C 275 19.74 15.46 18.03
C SER C 275 20.73 16.49 18.57
N GLU C 276 20.32 17.27 19.57
CA GLU C 276 21.18 18.26 20.18
C GLU C 276 22.35 17.58 20.89
N VAL C 277 22.08 16.45 21.55
CA VAL C 277 23.14 15.74 22.26
C VAL C 277 24.17 15.27 21.24
N ASP C 278 23.71 14.64 20.15
CA ASP C 278 24.58 14.06 19.16
C ASP C 278 25.41 15.15 18.48
N GLU C 279 24.77 16.31 18.24
CA GLU C 279 25.46 17.41 17.58
C GLU C 279 26.57 17.95 18.49
N ARG C 280 26.29 18.12 19.79
CA ARG C 280 27.31 18.60 20.70
C ARG C 280 28.45 17.60 20.83
N LEU C 281 28.14 16.29 20.90
CA LEU C 281 29.20 15.28 21.01
C LEU C 281 30.10 15.36 19.76
N ARG C 282 29.48 15.46 18.58
CA ARG C 282 30.23 15.53 17.33
C ARG C 282 31.09 16.79 17.30
N ALA C 283 30.49 17.95 17.58
CA ALA C 283 31.17 19.23 17.49
C ALA C 283 32.40 19.24 18.39
N ARG C 284 32.33 18.53 19.52
CA ARG C 284 33.37 18.60 20.54
C ARG C 284 34.37 17.45 20.38
N GLY C 285 34.13 16.56 19.39
CA GLY C 285 35.04 15.46 19.09
C GLY C 285 34.96 14.32 20.12
N VAL C 286 33.78 14.12 20.74
CA VAL C 286 33.61 13.15 21.80
C VAL C 286 33.22 11.82 21.20
N LYS C 287 34.06 10.80 21.39
CA LYS C 287 33.75 9.44 20.98
C LYS C 287 33.37 8.64 22.23
N THR C 288 32.30 7.84 22.12
CA THR C 288 31.78 7.10 23.25
C THR C 288 31.52 5.66 22.82
N ALA C 289 31.48 4.74 23.81
CA ALA C 289 31.10 3.36 23.58
C ALA C 289 29.61 3.17 23.85
N PHE C 290 28.99 4.11 24.58
CA PHE C 290 27.64 3.87 25.07
C PHE C 290 26.76 5.10 24.87
N TYR C 291 27.18 6.22 25.44
CA TYR C 291 26.34 7.40 25.52
C TYR C 291 26.07 7.98 24.14
N THR C 292 24.79 8.23 23.85
CA THR C 292 24.32 8.88 22.64
C THR C 292 23.10 9.72 23.01
N GLY C 293 22.53 10.42 22.03
CA GLY C 293 21.35 11.23 22.26
C GLY C 293 20.16 10.38 22.69
N ARG C 294 20.03 9.18 22.11
CA ARG C 294 18.95 8.28 22.48
C ARG C 294 19.13 7.78 23.90
N VAL C 295 20.38 7.53 24.31
CA VAL C 295 20.65 7.10 25.68
C VAL C 295 20.24 8.23 26.65
N HIS C 296 20.59 9.47 26.28
CA HIS C 296 20.24 10.62 27.10
C HIS C 296 18.73 10.65 27.34
N LEU C 297 17.96 10.49 26.26
CA LEU C 297 16.51 10.49 26.32
C LEU C 297 16.03 9.38 27.27
N ALA C 298 16.59 8.18 27.14
CA ALA C 298 16.20 7.08 28.01
C ALA C 298 16.51 7.38 29.46
N LEU C 299 17.71 7.89 29.74
CA LEU C 299 18.11 8.21 31.12
C LEU C 299 17.17 9.24 31.74
N MET C 300 16.72 10.20 30.93
CA MET C 300 15.89 11.29 31.40
C MET C 300 14.46 10.83 31.67
N ASN C 301 14.06 9.68 31.10
CA ASN C 301 12.66 9.29 31.15
C ASN C 301 12.43 8.04 31.99
N MET C 302 13.50 7.33 32.35
CA MET C 302 13.35 6.10 33.13
C MET C 302 13.33 6.46 34.62
N PRO C 303 12.25 6.18 35.37
CA PRO C 303 12.22 6.43 36.82
C PRO C 303 13.20 5.49 37.51
N ILE C 304 13.70 5.88 38.69
CA ILE C 304 14.68 5.06 39.39
C ILE C 304 13.96 3.94 40.14
N HIS C 305 14.69 2.86 40.47
CA HIS C 305 14.12 1.71 41.14
C HIS C 305 13.94 1.97 42.64
N ARG C 306 12.83 1.50 43.20
CA ARG C 306 12.60 1.46 44.64
C ARG C 306 11.99 0.09 44.95
N LYS C 307 12.15 -0.39 46.17
CA LYS C 307 11.42 -1.58 46.60
C LYS C 307 9.93 -1.29 46.49
N LEU C 308 9.18 -2.18 45.83
CA LEU C 308 7.80 -1.88 45.51
C LEU C 308 6.86 -2.48 46.56
N ARG C 309 7.36 -3.38 47.40
CA ARG C 309 6.56 -3.89 48.51
C ARG C 309 7.39 -3.85 49.81
N ARG D 22 27.22 -6.33 57.11
CA ARG D 22 27.34 -7.82 56.97
C ARG D 22 27.94 -8.16 55.60
N LYS D 23 29.20 -8.63 55.60
CA LYS D 23 29.93 -8.91 54.37
C LYS D 23 29.40 -10.20 53.74
N VAL D 24 29.12 -11.19 54.60
CA VAL D 24 28.56 -12.48 54.20
C VAL D 24 27.14 -12.55 54.76
N PRO D 25 26.07 -12.56 53.91
CA PRO D 25 24.69 -12.60 54.38
C PRO D 25 24.41 -13.99 54.95
N GLY D 26 23.53 -14.07 55.93
CA GLY D 26 23.39 -15.30 56.67
C GLY D 26 22.65 -15.09 57.97
N PRO D 27 22.52 -16.11 58.84
CA PRO D 27 23.22 -17.39 58.64
C PRO D 27 22.72 -18.33 57.55
N ILE D 28 21.43 -18.26 57.20
CA ILE D 28 20.85 -19.10 56.15
C ILE D 28 20.80 -18.30 54.86
N THR D 29 21.24 -18.90 53.75
CA THR D 29 21.61 -18.17 52.55
C THR D 29 21.13 -18.97 51.34
N LEU D 30 20.60 -18.27 50.33
CA LEU D 30 20.42 -18.88 49.02
C LEU D 30 21.63 -18.52 48.17
N ILE D 31 22.20 -19.53 47.49
CA ILE D 31 23.23 -19.26 46.51
C ILE D 31 22.57 -19.27 45.14
N GLU D 32 22.36 -18.08 44.58
CA GLU D 32 21.66 -18.00 43.30
C GLU D 32 22.70 -17.91 42.19
N PRO D 33 22.72 -18.87 41.23
CA PRO D 33 23.71 -18.82 40.15
C PRO D 33 23.35 -17.60 39.31
N LEU D 34 24.35 -16.96 38.76
CA LEU D 34 24.07 -15.86 37.87
C LEU D 34 24.68 -16.20 36.52
N SER D 35 26.01 -16.13 36.43
CA SER D 35 26.68 -16.36 35.16
C SER D 35 27.46 -17.66 35.15
N GLY D 36 27.60 -18.31 36.30
CA GLY D 36 28.64 -19.32 36.39
C GLY D 36 29.93 -18.77 36.98
N ASN D 37 30.29 -17.52 36.63
CA ASN D 37 31.49 -16.90 37.18
C ASN D 37 31.16 -15.86 38.26
N THR D 38 29.85 -15.61 38.44
CA THR D 38 29.31 -14.73 39.46
C THR D 38 28.05 -15.41 39.98
N SER D 39 27.83 -15.38 41.30
CA SER D 39 26.58 -15.85 41.90
C SER D 39 26.13 -14.83 42.93
N LEU D 40 24.87 -14.90 43.39
CA LEU D 40 24.37 -14.01 44.44
C LEU D 40 24.26 -14.83 45.72
N LEU D 41 24.63 -14.22 46.85
CA LEU D 41 24.35 -14.79 48.16
C LEU D 41 23.22 -13.98 48.78
N ILE D 42 22.10 -14.62 49.10
CA ILE D 42 20.91 -13.90 49.52
C ILE D 42 20.44 -14.48 50.85
N LYS D 43 20.39 -13.64 51.88
CA LYS D 43 19.86 -14.04 53.17
C LYS D 43 18.41 -14.52 53.07
N ILE D 44 18.15 -15.70 53.65
CA ILE D 44 16.84 -16.34 53.73
C ILE D 44 16.33 -16.22 55.17
N ASN D 45 15.07 -15.81 55.36
CA ASN D 45 14.48 -15.74 56.69
C ASN D 45 13.66 -16.98 57.03
N ALA D 46 13.09 -17.63 56.01
CA ALA D 46 12.20 -18.77 56.21
C ALA D 46 12.05 -19.52 54.89
N ILE D 47 11.79 -20.83 54.99
CA ILE D 47 11.44 -21.64 53.85
C ILE D 47 10.02 -22.14 54.07
N HIS D 48 9.11 -21.81 53.15
CA HIS D 48 7.71 -22.16 53.28
C HIS D 48 7.40 -23.49 52.60
N SER D 49 8.19 -23.86 51.58
CA SER D 49 7.89 -25.07 50.84
C SER D 49 9.06 -25.48 49.94
N VAL D 50 9.34 -26.79 49.92
CA VAL D 50 10.31 -27.39 49.03
C VAL D 50 9.64 -28.59 48.35
N LYS D 51 9.68 -28.62 47.03
CA LYS D 51 9.00 -29.68 46.30
C LYS D 51 9.84 -30.07 45.09
N LYS D 52 10.22 -31.35 45.04
CA LYS D 52 10.83 -31.89 43.84
C LYS D 52 9.70 -32.37 42.93
N SER D 53 9.37 -31.55 41.92
CA SER D 53 8.35 -31.89 40.95
C SER D 53 8.97 -32.82 39.90
N PRO D 54 8.17 -33.46 39.02
CA PRO D 54 8.73 -34.21 37.89
C PRO D 54 9.62 -33.39 36.95
N TYR D 55 9.49 -32.05 36.98
CA TYR D 55 10.13 -31.21 35.99
C TYR D 55 11.31 -30.43 36.58
N GLN D 56 11.21 -30.02 37.85
CA GLN D 56 12.17 -29.09 38.41
C GLN D 56 12.00 -29.02 39.93
N GLU D 57 13.04 -28.50 40.61
CA GLU D 57 13.03 -28.33 42.05
C GLU D 57 12.45 -26.96 42.37
N ILE D 58 11.45 -26.92 43.26
CA ILE D 58 10.70 -25.72 43.56
C ILE D 58 10.93 -25.35 45.02
N ILE D 59 11.24 -24.08 45.28
CA ILE D 59 11.34 -23.62 46.66
C ILE D 59 10.58 -22.30 46.77
N ILE D 60 9.80 -22.17 47.85
CA ILE D 60 9.23 -20.87 48.18
C ILE D 60 9.79 -20.44 49.51
N ALA D 61 10.33 -19.22 49.55
CA ALA D 61 11.11 -18.78 50.70
C ALA D 61 10.86 -17.30 50.93
N ASP D 62 11.22 -16.84 52.12
CA ASP D 62 11.23 -15.41 52.42
C ASP D 62 12.69 -14.98 52.44
N THR D 63 12.99 -13.91 51.70
CA THR D 63 14.32 -13.33 51.72
C THR D 63 14.23 -12.01 52.45
N GLU D 64 15.32 -11.62 53.09
CA GLU D 64 15.36 -10.33 53.75
C GLU D 64 15.20 -9.19 52.74
N ASP D 65 15.96 -9.24 51.63
CA ASP D 65 15.99 -8.11 50.73
C ASP D 65 14.75 -8.05 49.83
N TYR D 66 14.19 -9.19 49.44
CA TYR D 66 13.26 -9.21 48.33
C TYR D 66 11.89 -9.74 48.76
N GLY D 67 11.74 -10.03 50.05
CA GLY D 67 10.51 -10.63 50.54
C GLY D 67 10.37 -12.04 49.97
N ARG D 68 9.11 -12.46 49.76
CA ARG D 68 8.85 -13.81 49.34
C ARG D 68 9.28 -14.02 47.88
N VAL D 69 9.88 -15.19 47.61
CA VAL D 69 10.39 -15.51 46.29
C VAL D 69 9.92 -16.91 45.88
N LEU D 70 9.78 -17.11 44.58
CA LEU D 70 9.70 -18.44 44.00
C LEU D 70 11.07 -18.75 43.38
N ILE D 71 11.60 -19.94 43.68
CA ILE D 71 12.88 -20.39 43.17
C ILE D 71 12.66 -21.69 42.39
N LEU D 72 13.19 -21.76 41.17
CA LEU D 72 13.15 -22.98 40.37
C LEU D 72 14.57 -23.34 39.95
N ASP D 73 15.04 -24.53 40.35
CA ASP D 73 16.39 -25.00 40.07
C ASP D 73 17.44 -23.96 40.48
N ASP D 74 17.24 -23.33 41.64
CA ASP D 74 18.20 -22.43 42.25
C ASP D 74 18.05 -20.97 41.79
N TYR D 75 17.26 -20.70 40.74
CA TYR D 75 17.08 -19.34 40.23
C TYR D 75 15.79 -18.72 40.77
N ILE D 76 15.89 -17.54 41.36
CA ILE D 76 14.72 -16.74 41.70
C ILE D 76 13.96 -16.39 40.42
N GLN D 77 12.66 -16.69 40.43
CA GLN D 77 11.81 -16.47 39.28
C GLN D 77 11.06 -15.16 39.46
N SER D 78 10.89 -14.75 40.72
CA SER D 78 9.96 -13.70 41.06
C SER D 78 10.12 -13.36 42.52
N SER D 79 10.05 -12.07 42.87
CA SER D 79 10.09 -11.71 44.27
C SER D 79 8.99 -10.69 44.52
N TYR D 80 8.46 -10.66 45.75
CA TYR D 80 7.44 -9.70 46.12
C TYR D 80 7.89 -8.26 45.87
N VAL D 81 9.15 -7.93 46.18
CA VAL D 81 9.48 -6.51 46.13
C VAL D 81 9.75 -6.03 44.71
N ASP D 82 10.05 -6.91 43.75
CA ASP D 82 10.45 -6.39 42.45
C ASP D 82 9.76 -7.07 41.26
N GLU D 83 8.84 -8.03 41.51
CA GLU D 83 8.19 -8.76 40.42
C GLU D 83 7.37 -7.84 39.50
N GLN D 84 6.84 -6.74 40.02
CA GLN D 84 6.05 -5.84 39.19
C GLN D 84 6.91 -5.19 38.10
N TYR D 85 8.20 -4.94 38.39
CA TYR D 85 9.07 -4.40 37.36
C TYR D 85 9.18 -5.42 36.23
N TYR D 86 9.27 -6.70 36.60
CA TYR D 86 9.43 -7.72 35.59
C TYR D 86 8.12 -7.89 34.80
N HIS D 87 7.00 -8.06 35.50
CA HIS D 87 5.77 -8.48 34.83
C HIS D 87 5.15 -7.34 34.05
N GLU D 88 5.29 -6.10 34.55
CA GLU D 88 4.80 -4.95 33.82
C GLU D 88 5.65 -4.72 32.57
N SER D 89 6.97 -4.92 32.67
CA SER D 89 7.86 -4.75 31.54
C SER D 89 7.61 -5.82 30.47
N LEU D 90 7.29 -7.04 30.90
CA LEU D 90 7.05 -8.13 29.98
C LEU D 90 5.74 -7.92 29.22
N VAL D 91 4.70 -7.44 29.91
CA VAL D 91 3.35 -7.54 29.39
C VAL D 91 2.93 -6.25 28.69
N HIS D 92 3.08 -5.10 29.35
CA HIS D 92 2.40 -3.89 28.90
C HIS D 92 2.94 -3.31 27.58
N PRO D 93 4.25 -3.25 27.30
CA PRO D 93 4.68 -2.72 25.99
C PRO D 93 3.98 -3.46 24.83
N ALA D 94 3.88 -4.79 24.92
CA ALA D 94 3.23 -5.57 23.86
C ALA D 94 1.73 -5.28 23.82
N MET D 95 1.07 -5.30 24.98
CA MET D 95 -0.37 -5.13 25.02
C MET D 95 -0.74 -3.73 24.56
N ALA D 96 0.09 -2.74 24.91
CA ALA D 96 -0.18 -1.36 24.54
C ALA D 96 0.11 -1.11 23.06
N THR D 97 1.04 -1.87 22.48
CA THR D 97 1.36 -1.74 21.06
C THR D 97 0.19 -2.20 20.20
N HIS D 98 -0.45 -3.29 20.61
CA HIS D 98 -1.63 -3.80 19.93
C HIS D 98 -2.82 -2.88 20.18
N PRO D 99 -3.50 -2.37 19.14
CA PRO D 99 -4.62 -1.44 19.33
C PRO D 99 -5.88 -2.08 19.96
N ASN D 100 -6.00 -3.42 19.90
CA ASN D 100 -7.20 -4.06 20.43
C ASN D 100 -6.95 -5.53 20.76
N PRO D 101 -6.14 -5.87 21.79
CA PRO D 101 -5.83 -7.29 22.06
C PRO D 101 -6.98 -7.97 22.79
N ARG D 102 -7.59 -8.99 22.16
CA ARG D 102 -8.79 -9.61 22.70
C ARG D 102 -8.47 -11.03 23.19
N ASP D 103 -7.56 -11.71 22.49
CA ASP D 103 -7.17 -13.08 22.77
C ASP D 103 -5.67 -13.13 23.06
N VAL D 104 -5.32 -13.60 24.27
CA VAL D 104 -3.96 -13.62 24.76
C VAL D 104 -3.57 -15.04 25.13
N LEU D 105 -2.39 -15.47 24.69
CA LEU D 105 -1.80 -16.72 25.11
C LEU D 105 -0.52 -16.43 25.91
N ILE D 106 -0.36 -17.11 27.05
CA ILE D 106 0.82 -17.03 27.89
C ILE D 106 1.43 -18.41 28.00
N LEU D 107 2.69 -18.56 27.59
CA LEU D 107 3.44 -19.78 27.81
C LEU D 107 4.34 -19.57 29.03
N GLY D 108 4.21 -20.45 30.03
CA GLY D 108 4.88 -20.29 31.32
C GLY D 108 4.02 -19.49 32.29
N GLY D 109 4.64 -18.55 33.02
CA GLY D 109 3.92 -17.65 33.89
C GLY D 109 3.27 -18.35 35.08
N GLY D 110 3.91 -19.43 35.56
CA GLY D 110 3.36 -20.32 36.58
C GLY D 110 2.91 -19.63 37.86
N GLU D 111 3.49 -18.45 38.20
CA GLU D 111 3.06 -17.79 39.42
C GLU D 111 1.80 -16.94 39.20
N GLY D 112 1.42 -16.71 37.94
CA GLY D 112 0.15 -16.06 37.65
C GLY D 112 0.23 -14.53 37.57
N ALA D 113 1.42 -13.95 37.76
CA ALA D 113 1.56 -12.49 37.68
C ALA D 113 1.44 -11.99 36.23
N THR D 114 1.89 -12.79 35.26
CA THR D 114 1.80 -12.42 33.85
C THR D 114 0.34 -12.33 33.45
N LEU D 115 -0.42 -13.38 33.84
CA LEU D 115 -1.86 -13.42 33.65
C LEU D 115 -2.52 -12.22 34.33
N ARG D 116 -2.15 -11.93 35.58
CA ARG D 116 -2.65 -10.77 36.31
C ARG D 116 -2.51 -9.49 35.47
N GLU D 117 -1.32 -9.26 34.88
CA GLU D 117 -1.06 -8.01 34.16
C GLU D 117 -1.86 -7.98 32.85
N ALA D 118 -1.91 -9.10 32.14
CA ALA D 118 -2.62 -9.15 30.86
C ALA D 118 -4.12 -8.90 31.05
N LEU D 119 -4.72 -9.46 32.12
CA LEU D 119 -6.14 -9.33 32.37
C LEU D 119 -6.55 -7.89 32.70
N LYS D 120 -5.57 -7.03 33.02
CA LYS D 120 -5.88 -5.65 33.36
C LYS D 120 -6.39 -4.89 32.14
N HIS D 121 -6.01 -5.34 30.94
CA HIS D 121 -6.49 -4.70 29.73
C HIS D 121 -7.96 -5.05 29.49
N GLY D 122 -8.82 -4.02 29.55
CA GLY D 122 -10.28 -4.17 29.43
C GLY D 122 -10.71 -4.82 28.13
N THR D 123 -9.86 -4.76 27.10
CA THR D 123 -10.17 -5.31 25.79
C THR D 123 -10.08 -6.84 25.79
N VAL D 124 -9.38 -7.43 26.77
CA VAL D 124 -9.11 -8.86 26.73
C VAL D 124 -10.38 -9.63 27.04
N LYS D 125 -10.74 -10.58 26.17
CA LYS D 125 -11.94 -11.38 26.33
C LYS D 125 -11.56 -12.79 26.76
N ARG D 126 -10.38 -13.25 26.31
CA ARG D 126 -9.92 -14.61 26.55
C ARG D 126 -8.41 -14.59 26.76
N ALA D 127 -7.96 -15.13 27.90
CA ALA D 127 -6.55 -15.28 28.22
C ALA D 127 -6.28 -16.73 28.59
N VAL D 128 -5.37 -17.38 27.87
CA VAL D 128 -4.99 -18.75 28.15
C VAL D 128 -3.56 -18.76 28.67
N MET D 129 -3.34 -19.47 29.78
CA MET D 129 -2.02 -19.63 30.38
C MET D 129 -1.66 -21.11 30.36
N VAL D 130 -0.51 -21.44 29.78
CA VAL D 130 -0.08 -22.82 29.64
C VAL D 130 1.24 -23.00 30.37
N ASP D 131 1.25 -23.83 31.43
CA ASP D 131 2.47 -24.17 32.15
C ASP D 131 2.62 -25.68 32.18
N ILE D 132 3.86 -26.16 32.07
CA ILE D 132 4.13 -27.59 32.03
C ILE D 132 4.00 -28.21 33.43
N ASP D 133 4.03 -27.40 34.50
CA ASP D 133 4.26 -27.93 35.83
C ASP D 133 3.15 -27.55 36.80
N ARG D 134 2.26 -28.50 37.09
CA ARG D 134 1.12 -28.33 37.97
C ARG D 134 1.54 -27.87 39.36
N ASP D 135 2.70 -28.37 39.82
CA ASP D 135 3.20 -28.06 41.16
C ASP D 135 3.50 -26.57 41.32
N VAL D 136 4.03 -25.93 40.27
CA VAL D 136 4.35 -24.52 40.35
C VAL D 136 3.06 -23.72 40.53
N VAL D 137 2.05 -24.04 39.71
CA VAL D 137 0.78 -23.34 39.75
C VAL D 137 0.12 -23.54 41.12
N GLU D 138 0.14 -24.78 41.64
CA GLU D 138 -0.49 -25.08 42.92
C GLU D 138 0.22 -24.37 44.07
N LEU D 139 1.56 -24.45 44.09
CA LEU D 139 2.31 -23.79 45.16
C LEU D 139 2.18 -22.27 45.10
N SER D 140 2.04 -21.71 43.88
CA SER D 140 1.81 -20.28 43.76
C SER D 140 0.44 -19.90 44.31
N ARG D 141 -0.58 -20.70 43.98
CA ARG D 141 -1.92 -20.45 44.48
C ARG D 141 -1.86 -20.31 46.01
N ALA D 142 -1.21 -21.31 46.65
CA ALA D 142 -1.11 -21.37 48.09
C ALA D 142 -0.22 -20.27 48.67
N TYR D 143 0.97 -20.03 48.10
CA TYR D 143 1.97 -19.28 48.85
C TYR D 143 2.31 -17.90 48.25
N LEU D 144 1.83 -17.59 47.04
CA LEU D 144 2.23 -16.34 46.41
C LEU D 144 1.01 -15.50 46.06
N PRO D 145 0.07 -15.23 47.02
CA PRO D 145 -1.15 -14.48 46.71
C PRO D 145 -0.93 -13.08 46.12
N GLN D 146 0.14 -12.39 46.54
CA GLN D 146 0.43 -11.06 46.00
C GLN D 146 0.86 -11.11 44.53
N MET D 147 1.22 -12.30 44.03
CA MET D 147 1.58 -12.40 42.63
C MET D 147 0.35 -12.63 41.76
N HIS D 148 -0.40 -13.71 42.01
CA HIS D 148 -1.52 -14.05 41.13
C HIS D 148 -2.68 -13.08 41.35
N GLN D 149 -2.90 -12.67 42.61
CA GLN D 149 -4.01 -11.80 42.98
C GLN D 149 -5.33 -12.27 42.37
N GLY D 150 -5.60 -13.58 42.44
CA GLY D 150 -6.89 -14.13 42.00
C GLY D 150 -7.01 -14.35 40.49
N ALA D 151 -5.94 -14.08 39.74
CA ALA D 151 -5.99 -14.12 38.28
C ALA D 151 -6.37 -15.51 37.77
N PHE D 152 -5.99 -16.56 38.48
CA PHE D 152 -6.27 -17.93 38.04
C PHE D 152 -7.78 -18.18 37.95
N ASP D 153 -8.58 -17.41 38.69
CA ASP D 153 -10.02 -17.65 38.80
C ASP D 153 -10.82 -16.58 38.07
N ASP D 154 -10.16 -15.75 37.26
CA ASP D 154 -10.89 -14.80 36.45
C ASP D 154 -11.68 -15.59 35.39
N PRO D 155 -12.99 -15.28 35.21
CA PRO D 155 -13.81 -15.96 34.20
C PRO D 155 -13.24 -15.87 32.77
N ARG D 156 -12.39 -14.86 32.51
CA ARG D 156 -11.76 -14.68 31.20
C ARG D 156 -10.55 -15.59 31.01
N ALA D 157 -10.09 -16.23 32.09
CA ALA D 157 -8.83 -16.97 32.09
C ALA D 157 -9.07 -18.48 32.02
N LYS D 158 -8.17 -19.18 31.33
CA LYS D 158 -8.10 -20.63 31.32
C LYS D 158 -6.67 -21.04 31.63
N VAL D 159 -6.48 -21.89 32.64
CA VAL D 159 -5.16 -22.41 33.00
C VAL D 159 -5.04 -23.85 32.49
N VAL D 160 -4.07 -24.09 31.61
CA VAL D 160 -3.83 -25.39 31.01
C VAL D 160 -2.47 -25.90 31.49
N ILE D 161 -2.43 -27.14 31.97
CA ILE D 161 -1.19 -27.78 32.35
C ILE D 161 -0.71 -28.66 31.20
N GLN D 162 0.32 -28.22 30.50
CA GLN D 162 0.82 -28.92 29.32
C GLN D 162 2.14 -28.29 28.90
N ASP D 163 3.00 -29.09 28.26
CA ASP D 163 4.17 -28.57 27.57
C ASP D 163 3.69 -27.60 26.49
N GLY D 164 4.26 -26.39 26.50
CA GLY D 164 3.86 -25.33 25.59
C GLY D 164 4.16 -25.69 24.13
N PHE D 165 5.17 -26.54 23.92
CA PHE D 165 5.50 -27.02 22.58
C PHE D 165 4.33 -27.83 22.01
N VAL D 166 3.78 -28.74 22.82
CA VAL D 166 2.67 -29.59 22.43
C VAL D 166 1.43 -28.73 22.23
N TYR D 167 1.20 -27.77 23.14
CA TYR D 167 0.02 -26.92 23.06
C TYR D 167 0.00 -26.14 21.74
N VAL D 168 1.16 -25.63 21.33
CA VAL D 168 1.21 -24.82 20.13
C VAL D 168 0.99 -25.68 18.88
N GLU D 169 1.55 -26.90 18.87
CA GLU D 169 1.30 -27.84 17.77
C GLU D 169 -0.20 -28.12 17.65
N GLU D 170 -0.87 -28.33 18.78
CA GLU D 170 -2.29 -28.64 18.79
C GLU D 170 -3.10 -27.43 18.35
N ALA D 171 -2.62 -26.21 18.66
CA ALA D 171 -3.33 -25.00 18.28
C ALA D 171 -3.23 -24.77 16.76
N ILE D 172 -2.11 -25.14 16.15
CA ILE D 172 -1.93 -25.05 14.71
C ILE D 172 -2.95 -25.97 14.01
N LYS D 173 -3.00 -27.23 14.47
CA LYS D 173 -3.95 -28.24 14.00
C LYS D 173 -5.39 -27.70 14.10
N ALA D 174 -5.74 -27.07 15.23
CA ALA D 174 -7.09 -26.58 15.45
C ALA D 174 -7.36 -25.28 14.70
N GLY D 175 -6.30 -24.66 14.16
CA GLY D 175 -6.37 -23.31 13.59
C GLY D 175 -6.70 -22.21 14.61
N ASP D 176 -6.21 -22.34 15.86
CA ASP D 176 -6.40 -21.29 16.86
C ASP D 176 -5.61 -20.03 16.50
N LYS D 177 -6.13 -18.87 16.90
CA LYS D 177 -5.43 -17.61 16.64
C LYS D 177 -5.45 -16.70 17.86
N TYR D 178 -4.32 -16.01 18.09
CA TYR D 178 -4.23 -15.06 19.20
C TYR D 178 -3.78 -13.68 18.71
N ASP D 179 -4.11 -12.65 19.49
CA ASP D 179 -3.64 -11.28 19.23
C ASP D 179 -2.23 -11.08 19.78
N VAL D 180 -2.00 -11.56 21.01
CA VAL D 180 -0.76 -11.33 21.74
C VAL D 180 -0.34 -12.65 22.36
N ILE D 181 0.91 -13.05 22.08
CA ILE D 181 1.49 -14.22 22.73
C ILE D 181 2.67 -13.76 23.58
N ILE D 182 2.62 -14.09 24.88
CA ILE D 182 3.61 -13.71 25.85
C ILE D 182 4.32 -14.97 26.30
N MET D 183 5.64 -15.03 26.09
CA MET D 183 6.39 -16.18 26.58
C MET D 183 7.16 -15.80 27.85
N ASP D 184 6.77 -16.47 28.94
CA ASP D 184 7.26 -16.19 30.28
C ASP D 184 7.84 -17.49 30.86
N LEU D 185 8.90 -17.99 30.23
CA LEU D 185 9.45 -19.29 30.53
C LEU D 185 10.69 -19.16 31.41
N THR D 186 11.20 -20.30 31.85
CA THR D 186 12.50 -20.40 32.48
C THR D 186 13.55 -20.05 31.42
N ASP D 187 14.79 -19.81 31.84
CA ASP D 187 15.75 -19.11 31.02
C ASP D 187 16.22 -19.95 29.83
N PRO D 188 16.50 -19.30 28.67
CA PRO D 188 17.05 -20.02 27.52
C PRO D 188 18.48 -20.51 27.72
N TYR D 189 19.18 -20.02 28.75
CA TYR D 189 20.58 -20.41 28.90
C TYR D 189 20.73 -21.53 29.93
N SER D 190 19.65 -21.94 30.58
CA SER D 190 19.84 -22.84 31.70
C SER D 190 18.79 -23.95 31.74
N SER D 191 17.67 -23.76 31.03
CA SER D 191 16.49 -24.57 31.30
C SER D 191 16.28 -25.62 30.21
N ASP D 192 16.40 -26.89 30.61
CA ASP D 192 16.23 -27.99 29.69
C ASP D 192 14.77 -28.04 29.20
N ILE D 193 13.81 -27.88 30.13
CA ILE D 193 12.41 -28.07 29.79
C ILE D 193 11.92 -27.02 28.81
N ALA D 194 12.64 -25.90 28.67
CA ALA D 194 12.10 -24.82 27.86
C ALA D 194 12.88 -24.66 26.55
N LYS D 195 13.95 -25.45 26.34
CA LYS D 195 14.90 -25.16 25.27
C LYS D 195 14.24 -25.16 23.88
N GLN D 196 13.28 -26.07 23.67
CA GLN D 196 12.63 -26.21 22.38
C GLN D 196 11.76 -25.01 22.05
N LEU D 197 11.41 -24.22 23.06
CA LEU D 197 10.50 -23.10 22.79
C LEU D 197 11.27 -21.85 22.36
N TYR D 198 12.59 -21.94 22.27
CA TYR D 198 13.37 -20.75 21.97
C TYR D 198 14.01 -20.82 20.58
N THR D 199 13.61 -21.78 19.75
CA THR D 199 14.24 -22.01 18.44
C THR D 199 13.56 -21.18 17.35
N ARG D 200 14.27 -20.95 16.24
CA ARG D 200 13.75 -20.36 15.01
C ARG D 200 12.48 -21.06 14.55
N GLU D 201 12.48 -22.39 14.66
CA GLU D 201 11.36 -23.23 14.25
C GLU D 201 10.15 -22.97 15.15
N PHE D 202 10.37 -22.81 16.47
CA PHE D 202 9.25 -22.53 17.35
C PHE D 202 8.63 -21.17 17.04
N PHE D 203 9.45 -20.18 16.67
CA PHE D 203 8.90 -18.86 16.38
C PHE D 203 8.10 -18.88 15.09
N ALA D 204 8.46 -19.77 14.16
CA ALA D 204 7.67 -20.00 12.95
C ALA D 204 6.28 -20.54 13.33
N LYS D 205 6.25 -21.43 14.33
CA LYS D 205 4.98 -21.96 14.84
C LYS D 205 4.16 -20.88 15.54
N ILE D 206 4.84 -20.01 16.31
CA ILE D 206 4.17 -18.93 17.01
C ILE D 206 3.46 -18.04 16.00
N ARG D 207 4.18 -17.69 14.92
CA ARG D 207 3.60 -16.86 13.89
C ARG D 207 2.33 -17.49 13.31
N ARG D 208 2.27 -18.83 13.26
CA ARG D 208 1.12 -19.50 12.65
C ARG D 208 -0.12 -19.41 13.53
N ILE D 209 0.06 -19.13 14.84
CA ILE D 209 -1.10 -19.02 15.71
C ILE D 209 -1.38 -17.57 16.11
N LEU D 210 -0.76 -16.61 15.40
CA LEU D 210 -1.06 -15.20 15.57
C LEU D 210 -2.04 -14.76 14.48
N ASN D 211 -2.93 -13.82 14.80
CA ASN D 211 -3.62 -13.04 13.78
C ASN D 211 -2.59 -12.26 12.96
N ASP D 212 -3.05 -11.64 11.86
CA ASP D 212 -2.19 -10.98 10.88
C ASP D 212 -1.51 -9.75 11.48
N ASP D 213 -2.12 -9.16 12.50
CA ASP D 213 -1.58 -7.97 13.16
C ASP D 213 -1.11 -8.31 14.59
N GLY D 214 -0.71 -9.56 14.83
CA GLY D 214 -0.43 -10.02 16.17
C GLY D 214 0.96 -9.62 16.68
N VAL D 215 1.18 -9.79 17.99
CA VAL D 215 2.48 -9.53 18.55
C VAL D 215 2.89 -10.61 19.52
N VAL D 216 4.18 -10.93 19.49
CA VAL D 216 4.78 -11.84 20.45
C VAL D 216 5.81 -11.06 21.27
N VAL D 217 5.93 -11.42 22.54
CA VAL D 217 7.01 -10.92 23.38
C VAL D 217 7.53 -12.08 24.22
N THR D 218 8.85 -12.12 24.41
CA THR D 218 9.50 -13.15 25.19
C THR D 218 10.64 -12.52 26.00
N GLN D 219 10.92 -13.08 27.18
CA GLN D 219 12.17 -12.76 27.84
C GLN D 219 13.24 -13.62 27.19
N ALA D 220 14.48 -13.09 27.08
CA ALA D 220 15.54 -13.75 26.33
C ALA D 220 16.81 -13.88 27.16
N GLY D 221 16.65 -14.03 28.48
CA GLY D 221 17.81 -14.17 29.35
C GLY D 221 18.51 -12.84 29.57
N ASN D 222 19.82 -12.82 29.30
CA ASN D 222 20.61 -11.64 29.55
C ASN D 222 21.72 -11.55 28.50
N SER D 223 21.75 -10.44 27.78
CA SER D 223 22.68 -10.22 26.68
C SER D 223 24.10 -9.91 27.18
N PHE D 224 24.24 -9.57 28.46
CA PHE D 224 25.55 -9.21 29.00
C PHE D 224 26.28 -10.49 29.37
N TYR D 225 25.62 -11.36 30.14
CA TYR D 225 26.26 -12.56 30.65
C TYR D 225 26.13 -13.72 29.69
N PHE D 226 25.04 -13.76 28.88
CA PHE D 226 24.79 -14.88 27.99
C PHE D 226 24.51 -14.37 26.57
N PRO D 227 25.46 -13.69 25.91
CA PRO D 227 25.22 -13.09 24.59
C PRO D 227 24.88 -14.12 23.53
N ALA D 228 25.54 -15.30 23.58
CA ALA D 228 25.32 -16.31 22.54
C ALA D 228 23.87 -16.80 22.58
N GLU D 229 23.39 -17.15 23.78
CA GLU D 229 22.01 -17.59 23.93
C GLU D 229 21.05 -16.45 23.56
N TYR D 230 21.42 -15.21 23.92
CA TYR D 230 20.57 -14.07 23.59
C TYR D 230 20.46 -13.91 22.08
N ASP D 231 21.60 -13.90 21.38
CA ASP D 231 21.67 -13.72 19.94
C ASP D 231 20.89 -14.82 19.21
N MET D 232 20.91 -16.05 19.73
CA MET D 232 20.17 -17.15 19.13
C MET D 232 18.66 -16.86 19.18
N VAL D 233 18.17 -16.40 20.33
CA VAL D 233 16.75 -16.10 20.43
C VAL D 233 16.42 -14.92 19.51
N LEU D 234 17.30 -13.91 19.46
CA LEU D 234 17.08 -12.74 18.64
C LEU D 234 17.00 -13.11 17.15
N GLU D 235 17.97 -13.90 16.66
CA GLU D 235 17.99 -14.38 15.27
C GLU D 235 16.68 -15.11 14.95
N GLY D 236 16.24 -15.99 15.87
CA GLY D 236 14.98 -16.70 15.74
C GLY D 236 13.78 -15.79 15.54
N VAL D 237 13.72 -14.68 16.30
CA VAL D 237 12.56 -13.81 16.25
C VAL D 237 12.63 -13.01 14.94
N LYS D 238 13.83 -12.53 14.59
CA LYS D 238 14.05 -11.69 13.42
C LYS D 238 13.73 -12.44 12.13
N ALA D 239 14.00 -13.76 12.10
CA ALA D 239 13.72 -14.58 10.94
C ALA D 239 12.22 -14.70 10.70
N ASN D 240 11.39 -14.36 11.70
CA ASN D 240 9.97 -14.66 11.61
C ASN D 240 9.09 -13.41 11.71
N PHE D 241 9.68 -12.27 12.13
CA PHE D 241 8.87 -11.09 12.39
C PHE D 241 9.54 -9.89 11.75
N PRO D 242 8.79 -9.03 11.02
CA PRO D 242 9.37 -7.85 10.40
C PRO D 242 9.76 -6.73 11.37
N ILE D 243 9.01 -6.62 12.48
CA ILE D 243 9.29 -5.58 13.47
C ILE D 243 9.74 -6.24 14.76
N VAL D 244 10.95 -5.87 15.21
CA VAL D 244 11.53 -6.43 16.42
C VAL D 244 12.07 -5.30 17.30
N ALA D 245 11.59 -5.24 18.56
CA ALA D 245 12.11 -4.30 19.55
C ALA D 245 12.81 -5.09 20.66
N GLU D 246 14.00 -4.61 21.06
CA GLU D 246 14.76 -5.18 22.17
C GLU D 246 14.80 -4.17 23.30
N TYR D 247 14.50 -4.60 24.53
CA TYR D 247 14.58 -3.70 25.68
C TYR D 247 14.94 -4.51 26.91
N GLU D 248 15.46 -3.84 27.95
CA GLU D 248 15.89 -4.56 29.13
C GLU D 248 15.47 -3.78 30.38
N VAL D 249 15.34 -4.49 31.52
CA VAL D 249 15.00 -3.85 32.78
C VAL D 249 15.78 -4.56 33.87
N TRP D 250 16.39 -3.75 34.76
CA TRP D 250 17.11 -4.29 35.90
C TRP D 250 16.12 -4.90 36.90
N ILE D 251 16.33 -6.16 37.26
CA ILE D 251 15.51 -6.80 38.26
C ILE D 251 16.43 -7.17 39.42
N PRO D 252 16.39 -6.41 40.53
CA PRO D 252 17.36 -6.65 41.61
C PRO D 252 17.51 -8.11 42.03
N SER D 253 16.38 -8.82 42.18
CA SER D 253 16.42 -10.18 42.71
C SER D 253 17.11 -11.18 41.76
N PHE D 254 17.16 -10.87 40.45
CA PHE D 254 17.84 -11.73 39.50
C PHE D 254 19.34 -11.46 39.45
N GLY D 255 19.76 -10.25 39.84
CA GLY D 255 21.16 -9.89 39.72
C GLY D 255 21.52 -9.34 38.33
N TYR D 256 20.53 -9.08 37.47
CA TYR D 256 20.84 -8.56 36.15
C TYR D 256 19.61 -7.91 35.52
N ALA D 257 19.85 -7.24 34.38
CA ALA D 257 18.78 -6.64 33.60
C ALA D 257 18.25 -7.70 32.63
N VAL D 258 16.98 -8.07 32.78
CA VAL D 258 16.37 -9.06 31.92
C VAL D 258 16.19 -8.43 30.54
N ASN D 259 16.49 -9.20 29.49
CA ASN D 259 16.25 -8.76 28.12
C ASN D 259 14.92 -9.28 27.61
N PHE D 260 14.15 -8.39 26.98
CA PHE D 260 12.90 -8.77 26.35
C PHE D 260 13.02 -8.52 24.85
N ILE D 261 12.31 -9.33 24.06
CA ILE D 261 12.29 -9.22 22.61
C ILE D 261 10.83 -9.22 22.20
N LEU D 262 10.40 -8.14 21.57
CA LEU D 262 9.04 -7.99 21.10
C LEU D 262 9.05 -8.11 19.58
N GLY D 263 8.26 -9.07 19.07
CA GLY D 263 8.10 -9.32 17.64
C GLY D 263 6.69 -8.92 17.21
N SER D 264 6.59 -8.15 16.13
CA SER D 264 5.29 -7.63 15.71
C SER D 264 5.10 -7.81 14.21
N LEU D 265 3.87 -8.07 13.80
CA LEU D 265 3.55 -8.33 12.41
C LEU D 265 3.12 -7.03 11.70
N ARG D 266 2.59 -6.04 12.43
CA ARG D 266 2.09 -4.82 11.81
C ARG D 266 2.48 -3.57 12.59
N TYR D 267 2.17 -3.52 13.91
CA TYR D 267 2.27 -2.29 14.68
C TYR D 267 3.63 -2.18 15.36
N ASP D 268 4.17 -0.96 15.35
CA ASP D 268 5.54 -0.69 15.75
C ASP D 268 5.53 -0.05 17.14
N PRO D 269 6.15 -0.69 18.17
CA PRO D 269 6.21 -0.07 19.50
C PRO D 269 7.00 1.23 19.52
N HIS D 270 7.90 1.40 18.56
CA HIS D 270 8.72 2.61 18.43
C HIS D 270 7.90 3.81 18.00
N ALA D 271 6.69 3.60 17.46
CA ALA D 271 5.88 4.69 16.92
C ALA D 271 4.96 5.27 17.99
N LEU D 272 4.88 4.61 19.15
CA LEU D 272 3.98 5.07 20.21
C LEU D 272 4.57 6.27 20.95
N THR D 273 3.78 7.33 21.14
CA THR D 273 4.24 8.45 21.94
C THR D 273 3.85 8.21 23.39
N PRO D 274 4.51 8.85 24.39
CA PRO D 274 4.08 8.69 25.79
C PRO D 274 2.57 8.93 25.96
N SER D 275 2.05 9.97 25.29
CA SER D 275 0.65 10.36 25.42
C SER D 275 -0.29 9.26 24.91
N GLU D 276 0.07 8.65 23.78
CA GLU D 276 -0.72 7.56 23.23
C GLU D 276 -0.69 6.35 24.17
N VAL D 277 0.46 6.07 24.80
CA VAL D 277 0.55 4.95 25.71
C VAL D 277 -0.38 5.20 26.89
N ASP D 278 -0.31 6.41 27.47
CA ASP D 278 -1.07 6.75 28.65
C ASP D 278 -2.57 6.71 28.34
N GLU D 279 -2.93 7.16 27.13
CA GLU D 279 -4.33 7.18 26.73
C GLU D 279 -4.87 5.75 26.59
N ARG D 280 -4.09 4.85 25.98
CA ARG D 280 -4.51 3.46 25.87
C ARG D 280 -4.63 2.81 27.25
N LEU D 281 -3.67 3.07 28.16
CA LEU D 281 -3.74 2.49 29.49
C LEU D 281 -5.01 2.97 30.20
N ARG D 282 -5.30 4.28 30.10
CA ARG D 282 -6.47 4.85 30.73
C ARG D 282 -7.76 4.24 30.15
N ALA D 283 -7.86 4.22 28.81
CA ALA D 283 -9.05 3.76 28.14
C ALA D 283 -9.38 2.30 28.54
N ARG D 284 -8.33 1.52 28.81
CA ARG D 284 -8.50 0.09 29.06
C ARG D 284 -8.57 -0.21 30.56
N GLY D 285 -8.44 0.83 31.40
CA GLY D 285 -8.56 0.69 32.85
C GLY D 285 -7.33 0.03 33.49
N VAL D 286 -6.14 0.24 32.90
CA VAL D 286 -4.93 -0.45 33.34
C VAL D 286 -4.24 0.39 34.39
N LYS D 287 -4.11 -0.14 35.61
CA LYS D 287 -3.37 0.53 36.67
C LYS D 287 -2.05 -0.22 36.86
N THR D 288 -0.96 0.55 37.01
CA THR D 288 0.39 -0.02 37.06
C THR D 288 1.15 0.62 38.21
N ALA D 289 2.21 -0.08 38.69
CA ALA D 289 3.12 0.47 39.68
C ALA D 289 4.33 1.11 38.98
N PHE D 290 4.56 0.78 37.70
CA PHE D 290 5.81 1.17 37.07
C PHE D 290 5.57 1.71 35.67
N TYR D 291 4.96 0.89 34.81
CA TYR D 291 4.86 1.20 33.40
C TYR D 291 3.99 2.43 33.15
N THR D 292 4.52 3.37 32.35
CA THR D 292 3.83 4.57 31.90
C THR D 292 4.33 4.88 30.48
N GLY D 293 3.80 5.95 29.88
CA GLY D 293 4.22 6.36 28.55
C GLY D 293 5.70 6.76 28.53
N ARG D 294 6.16 7.41 29.59
CA ARG D 294 7.55 7.80 29.68
C ARG D 294 8.45 6.58 29.82
N VAL D 295 7.99 5.56 30.56
CA VAL D 295 8.78 4.34 30.69
C VAL D 295 8.88 3.67 29.32
N HIS D 296 7.77 3.65 28.57
CA HIS D 296 7.76 3.05 27.24
C HIS D 296 8.84 3.71 26.39
N LEU D 297 8.87 5.05 26.39
CA LEU D 297 9.86 5.79 25.64
C LEU D 297 11.28 5.40 26.07
N ALA D 298 11.52 5.30 27.37
CA ALA D 298 12.84 4.92 27.87
C ALA D 298 13.22 3.53 27.40
N LEU D 299 12.29 2.56 27.52
CA LEU D 299 12.57 1.19 27.13
C LEU D 299 12.94 1.11 25.65
N MET D 300 12.25 1.91 24.83
CA MET D 300 12.42 1.86 23.39
C MET D 300 13.73 2.51 22.97
N ASN D 301 14.36 3.32 23.84
CA ASN D 301 15.50 4.13 23.43
C ASN D 301 16.79 3.69 24.11
N MET D 302 16.70 2.87 25.15
CA MET D 302 17.87 2.43 25.88
C MET D 302 18.49 1.20 25.19
N PRO D 303 19.76 1.26 24.71
CA PRO D 303 20.38 0.08 24.10
C PRO D 303 20.63 -0.96 25.19
N ILE D 304 20.71 -2.23 24.82
CA ILE D 304 20.91 -3.29 25.79
C ILE D 304 22.39 -3.37 26.14
N HIS D 305 22.70 -3.96 27.31
CA HIS D 305 24.07 -4.06 27.80
C HIS D 305 24.80 -5.22 27.13
N ARG D 306 26.07 -5.00 26.79
CA ARG D 306 26.98 -6.02 26.30
C ARG D 306 28.30 -5.80 27.04
N LYS D 307 29.11 -6.86 27.18
CA LYS D 307 30.47 -6.69 27.66
C LYS D 307 31.20 -5.75 26.69
N LEU D 308 31.86 -4.72 27.22
CA LEU D 308 32.41 -3.69 26.34
C LEU D 308 33.88 -3.94 26.03
N ARG D 309 34.55 -4.76 26.85
CA ARG D 309 35.90 -5.18 26.52
C ARG D 309 35.99 -6.71 26.55
N VAL E 24 18.77 -51.07 -7.01
CA VAL E 24 18.93 -50.48 -5.61
C VAL E 24 20.39 -50.06 -5.34
N PRO E 25 20.65 -48.83 -4.82
CA PRO E 25 21.94 -48.18 -4.97
C PRO E 25 22.94 -48.79 -4.02
N GLY E 26 24.20 -48.85 -4.47
CA GLY E 26 25.31 -49.40 -3.70
C GLY E 26 26.32 -50.04 -4.63
N PRO E 27 27.43 -50.61 -4.10
CA PRO E 27 27.70 -50.63 -2.66
C PRO E 27 28.06 -49.33 -1.96
N ILE E 28 28.62 -48.37 -2.71
CA ILE E 28 28.99 -47.07 -2.14
C ILE E 28 27.89 -46.08 -2.50
N THR E 29 27.46 -45.29 -1.51
CA THR E 29 26.21 -44.57 -1.57
C THR E 29 26.43 -43.21 -0.91
N LEU E 30 25.84 -42.15 -1.49
CA LEU E 30 25.71 -40.89 -0.79
C LEU E 30 24.33 -40.86 -0.14
N ILE E 31 24.28 -40.49 1.15
CA ILE E 31 23.00 -40.22 1.78
C ILE E 31 22.79 -38.72 1.78
N GLU E 32 21.94 -38.24 0.88
CA GLU E 32 21.72 -36.81 0.76
C GLU E 32 20.50 -36.44 1.58
N PRO E 33 20.63 -35.56 2.60
CA PRO E 33 19.48 -35.14 3.40
C PRO E 33 18.58 -34.35 2.45
N LEU E 34 17.27 -34.47 2.65
CA LEU E 34 16.37 -33.67 1.86
C LEU E 34 15.59 -32.80 2.84
N SER E 35 14.65 -33.42 3.56
CA SER E 35 13.76 -32.63 4.40
C SER E 35 14.00 -32.93 5.88
N GLY E 36 14.84 -33.91 6.20
CA GLY E 36 14.79 -34.42 7.56
C GLY E 36 13.88 -35.64 7.69
N ASN E 37 12.76 -35.68 6.95
CA ASN E 37 11.89 -36.84 6.98
C ASN E 37 11.99 -37.69 5.71
N THR E 38 12.78 -37.19 4.74
CA THR E 38 13.06 -37.86 3.49
C THR E 38 14.53 -37.57 3.20
N SER E 39 15.28 -38.58 2.73
CA SER E 39 16.63 -38.42 2.24
C SER E 39 16.75 -39.19 0.93
N LEU E 40 17.79 -38.88 0.13
CA LEU E 40 18.07 -39.60 -1.11
C LEU E 40 19.25 -40.54 -0.88
N LEU E 41 19.17 -41.74 -1.45
CA LEU E 41 20.31 -42.65 -1.49
C LEU E 41 20.81 -42.67 -2.93
N ILE E 42 22.07 -42.28 -3.14
CA ILE E 42 22.56 -42.05 -4.50
C ILE E 42 23.83 -42.88 -4.67
N LYS E 43 23.82 -43.79 -5.65
CA LYS E 43 25.00 -44.62 -5.93
C LYS E 43 26.17 -43.74 -6.37
N ILE E 44 27.33 -43.98 -5.74
CA ILE E 44 28.60 -43.31 -6.03
C ILE E 44 29.49 -44.29 -6.81
N ASN E 45 30.09 -43.83 -7.92
CA ASN E 45 31.00 -44.67 -8.70
C ASN E 45 32.46 -44.43 -8.33
N ALA E 46 32.78 -43.21 -7.89
CA ALA E 46 34.15 -42.83 -7.60
C ALA E 46 34.13 -41.56 -6.76
N ILE E 47 35.18 -41.39 -5.94
CA ILE E 47 35.39 -40.16 -5.20
C ILE E 47 36.69 -39.54 -5.72
N HIS E 48 36.60 -38.32 -6.25
CA HIS E 48 37.76 -37.63 -6.81
C HIS E 48 38.46 -36.79 -5.77
N SER E 49 37.74 -36.34 -4.74
CA SER E 49 38.35 -35.50 -3.73
C SER E 49 37.45 -35.35 -2.50
N VAL E 50 38.06 -35.37 -1.32
CA VAL E 50 37.41 -35.09 -0.04
C VAL E 50 38.28 -34.09 0.71
N LYS E 51 37.69 -32.97 1.14
CA LYS E 51 38.46 -31.89 1.71
C LYS E 51 37.61 -31.28 2.83
N LYS E 52 38.16 -31.28 4.05
CA LYS E 52 37.57 -30.49 5.12
C LYS E 52 38.19 -29.10 5.04
N SER E 53 37.43 -28.14 4.47
CA SER E 53 37.87 -26.76 4.39
C SER E 53 37.60 -26.08 5.73
N PRO E 54 38.10 -24.84 5.98
CA PRO E 54 37.71 -24.09 7.19
C PRO E 54 36.20 -23.83 7.31
N TYR E 55 35.47 -23.92 6.19
CA TYR E 55 34.08 -23.49 6.18
C TYR E 55 33.11 -24.66 6.11
N GLN E 56 33.50 -25.73 5.40
CA GLN E 56 32.55 -26.78 5.09
C GLN E 56 33.30 -28.00 4.57
N GLU E 57 32.61 -29.16 4.61
CA GLU E 57 33.14 -30.40 4.08
C GLU E 57 32.79 -30.50 2.60
N ILE E 58 33.81 -30.76 1.77
CA ILE E 58 33.66 -30.74 0.33
C ILE E 58 33.93 -32.15 -0.18
N ILE E 59 33.06 -32.63 -1.07
CA ILE E 59 33.34 -33.89 -1.75
C ILE E 59 33.06 -33.67 -3.24
N ILE E 60 33.97 -34.19 -4.08
CA ILE E 60 33.65 -34.28 -5.49
C ILE E 60 33.64 -35.75 -5.87
N ALA E 61 32.54 -36.18 -6.50
CA ALA E 61 32.31 -37.60 -6.70
C ALA E 61 31.64 -37.79 -8.05
N ASP E 62 31.67 -39.02 -8.54
CA ASP E 62 30.91 -39.42 -9.70
C ASP E 62 29.72 -40.23 -9.20
N THR E 63 28.53 -39.84 -9.67
CA THR E 63 27.34 -40.60 -9.34
C THR E 63 26.88 -41.29 -10.60
N GLU E 64 26.25 -42.45 -10.44
CA GLU E 64 25.70 -43.15 -11.59
C GLU E 64 24.64 -42.30 -12.30
N ASP E 65 23.69 -41.75 -11.53
CA ASP E 65 22.54 -41.08 -12.13
C ASP E 65 22.88 -39.68 -12.65
N TYR E 66 23.78 -38.96 -11.98
CA TYR E 66 23.89 -37.52 -12.22
C TYR E 66 25.26 -37.14 -12.72
N GLY E 67 26.13 -38.14 -12.94
CA GLY E 67 27.51 -37.86 -13.31
C GLY E 67 28.24 -37.18 -12.16
N ARG E 68 29.19 -36.33 -12.51
CA ARG E 68 30.02 -35.71 -11.48
C ARG E 68 29.22 -34.68 -10.68
N VAL E 69 29.45 -34.64 -9.37
CA VAL E 69 28.73 -33.77 -8.46
C VAL E 69 29.70 -33.05 -7.53
N LEU E 70 29.31 -31.85 -7.09
CA LEU E 70 29.94 -31.22 -5.97
C LEU E 70 28.98 -31.36 -4.78
N ILE E 71 29.52 -31.78 -3.63
CA ILE E 71 28.75 -31.98 -2.40
C ILE E 71 29.36 -31.09 -1.31
N LEU E 72 28.53 -30.30 -0.63
CA LEU E 72 28.97 -29.48 0.49
C LEU E 72 28.09 -29.81 1.69
N ASP E 73 28.72 -30.31 2.77
CA ASP E 73 28.02 -30.71 3.99
C ASP E 73 26.86 -31.66 3.69
N ASP E 74 27.12 -32.63 2.79
CA ASP E 74 26.18 -33.72 2.48
C ASP E 74 25.18 -33.37 1.38
N TYR E 75 25.06 -32.08 0.99
CA TYR E 75 24.11 -31.67 -0.03
C TYR E 75 24.78 -31.53 -1.39
N ILE E 76 24.23 -32.18 -2.41
CA ILE E 76 24.63 -31.96 -3.79
C ILE E 76 24.34 -30.50 -4.15
N GLN E 77 25.36 -29.81 -4.69
CA GLN E 77 25.25 -28.40 -5.04
C GLN E 77 25.03 -28.30 -6.54
N SER E 78 25.43 -29.33 -7.27
CA SER E 78 25.54 -29.23 -8.71
C SER E 78 25.86 -30.62 -9.27
N SER E 79 25.26 -30.98 -10.40
CA SER E 79 25.64 -32.22 -11.04
C SER E 79 25.84 -31.95 -12.52
N TYR E 80 26.69 -32.73 -13.18
CA TYR E 80 26.92 -32.59 -14.61
C TYR E 80 25.63 -32.75 -15.40
N VAL E 81 24.75 -33.70 -15.01
CA VAL E 81 23.65 -33.95 -15.92
C VAL E 81 22.53 -32.91 -15.77
N ASP E 82 22.47 -32.17 -14.66
CA ASP E 82 21.30 -31.31 -14.48
C ASP E 82 21.65 -29.89 -14.05
N GLU E 83 22.93 -29.55 -13.88
CA GLU E 83 23.34 -28.22 -13.41
C GLU E 83 22.87 -27.11 -14.36
N GLN E 84 22.78 -27.39 -15.67
CA GLN E 84 22.35 -26.36 -16.61
C GLN E 84 20.90 -25.92 -16.34
N TYR E 85 20.05 -26.85 -15.87
CA TYR E 85 18.69 -26.47 -15.51
C TYR E 85 18.74 -25.45 -14.38
N TYR E 86 19.64 -25.69 -13.43
CA TYR E 86 19.72 -24.81 -12.29
C TYR E 86 20.32 -23.47 -12.70
N HIS E 87 21.47 -23.47 -13.39
CA HIS E 87 22.23 -22.24 -13.59
C HIS E 87 21.56 -21.36 -14.63
N GLU E 88 20.93 -21.96 -15.64
CA GLU E 88 20.21 -21.19 -16.62
C GLU E 88 18.96 -20.57 -16.01
N SER E 89 18.28 -21.32 -15.14
CA SER E 89 17.09 -20.81 -14.46
C SER E 89 17.45 -19.68 -13.49
N LEU E 90 18.60 -19.79 -12.84
CA LEU E 90 19.02 -18.78 -11.89
C LEU E 90 19.40 -17.48 -12.61
N VAL E 91 20.07 -17.57 -13.74
CA VAL E 91 20.80 -16.42 -14.29
C VAL E 91 19.97 -15.72 -15.36
N HIS E 92 19.43 -16.46 -16.34
CA HIS E 92 18.93 -15.83 -17.55
C HIS E 92 17.64 -15.02 -17.36
N PRO E 93 16.63 -15.45 -16.56
CA PRO E 93 15.45 -14.58 -16.39
C PRO E 93 15.86 -13.18 -15.94
N ALA E 94 16.81 -13.07 -14.99
CA ALA E 94 17.24 -11.79 -14.48
C ALA E 94 18.02 -11.02 -15.54
N MET E 95 18.96 -11.69 -16.22
CA MET E 95 19.81 -11.01 -17.18
C MET E 95 18.97 -10.54 -18.36
N ALA E 96 17.95 -11.33 -18.73
CA ALA E 96 17.08 -10.99 -19.85
C ALA E 96 16.11 -9.88 -19.47
N THR E 97 15.75 -9.78 -18.18
CA THR E 97 14.83 -8.74 -17.73
C THR E 97 15.50 -7.37 -17.83
N HIS E 98 16.78 -7.31 -17.46
CA HIS E 98 17.57 -6.09 -17.58
C HIS E 98 17.86 -5.80 -19.05
N PRO E 99 17.52 -4.57 -19.54
CA PRO E 99 17.75 -4.24 -20.95
C PRO E 99 19.22 -4.11 -21.38
N ASN E 100 20.14 -3.91 -20.42
CA ASN E 100 21.54 -3.71 -20.80
C ASN E 100 22.46 -4.02 -19.62
N PRO E 101 22.61 -5.28 -19.16
CA PRO E 101 23.42 -5.57 -17.97
C PRO E 101 24.91 -5.56 -18.29
N ARG E 102 25.64 -4.62 -17.68
CA ARG E 102 27.05 -4.42 -18.01
C ARG E 102 27.94 -4.88 -16.86
N ASP E 103 27.45 -4.68 -15.63
CA ASP E 103 28.18 -5.01 -14.41
C ASP E 103 27.36 -6.00 -13.59
N VAL E 104 27.95 -7.18 -13.33
CA VAL E 104 27.25 -8.28 -12.68
C VAL E 104 28.06 -8.69 -11.44
N LEU E 105 27.35 -8.86 -10.32
CA LEU E 105 27.93 -9.41 -9.12
C LEU E 105 27.27 -10.76 -8.81
N ILE E 106 28.11 -11.76 -8.50
CA ILE E 106 27.66 -13.09 -8.11
C ILE E 106 28.18 -13.39 -6.70
N LEU E 107 27.28 -13.63 -5.76
CA LEU E 107 27.66 -14.09 -4.44
C LEU E 107 27.48 -15.61 -4.37
N GLY E 108 28.55 -16.32 -4.01
CA GLY E 108 28.58 -17.78 -4.09
C GLY E 108 29.07 -18.25 -5.46
N GLY E 109 28.42 -19.28 -6.01
CA GLY E 109 28.70 -19.72 -7.36
C GLY E 109 30.10 -20.34 -7.51
N GLY E 110 30.56 -20.98 -6.43
CA GLY E 110 31.92 -21.50 -6.30
C GLY E 110 32.37 -22.41 -7.45
N GLU E 111 31.43 -23.09 -8.13
CA GLU E 111 31.83 -23.97 -9.20
C GLU E 111 32.03 -23.22 -10.53
N GLY E 112 31.59 -21.95 -10.59
CA GLY E 112 31.86 -21.14 -11.76
C GLY E 112 30.80 -21.26 -12.87
N ALA E 113 29.75 -22.07 -12.68
CA ALA E 113 28.72 -22.22 -13.70
C ALA E 113 27.83 -20.97 -13.78
N THR E 114 27.62 -20.29 -12.65
CA THR E 114 26.82 -19.07 -12.63
C THR E 114 27.54 -18.00 -13.45
N LEU E 115 28.84 -17.84 -13.19
CA LEU E 115 29.72 -16.96 -13.94
C LEU E 115 29.69 -17.32 -15.42
N ARG E 116 29.82 -18.61 -15.75
CA ARG E 116 29.73 -19.09 -17.12
C ARG E 116 28.48 -18.55 -17.81
N GLU E 117 27.31 -18.65 -17.16
CA GLU E 117 26.04 -18.25 -17.77
C GLU E 117 25.96 -16.73 -17.92
N ALA E 118 26.39 -16.00 -16.89
CA ALA E 118 26.33 -14.54 -16.94
C ALA E 118 27.23 -13.98 -18.04
N LEU E 119 28.42 -14.55 -18.22
CA LEU E 119 29.38 -14.06 -19.22
C LEU E 119 28.89 -14.27 -20.65
N LYS E 120 27.86 -15.11 -20.84
CA LYS E 120 27.35 -15.37 -22.18
C LYS E 120 26.67 -14.10 -22.74
N HIS E 121 26.19 -13.22 -21.87
CA HIS E 121 25.54 -12.00 -22.31
C HIS E 121 26.61 -11.03 -22.84
N GLY E 122 26.52 -10.73 -24.15
CA GLY E 122 27.54 -9.94 -24.84
C GLY E 122 27.70 -8.52 -24.26
N THR E 123 26.68 -8.05 -23.57
CA THR E 123 26.66 -6.71 -22.98
C THR E 123 27.54 -6.66 -21.73
N VAL E 124 27.89 -7.79 -21.13
CA VAL E 124 28.58 -7.77 -19.84
C VAL E 124 30.02 -7.34 -20.05
N LYS E 125 30.44 -6.34 -19.27
CA LYS E 125 31.80 -5.81 -19.37
C LYS E 125 32.61 -6.27 -18.17
N ARG E 126 31.93 -6.41 -17.03
CA ARG E 126 32.58 -6.77 -15.77
C ARG E 126 31.65 -7.71 -14.98
N ALA E 127 32.18 -8.89 -14.65
CA ALA E 127 31.48 -9.85 -13.80
C ALA E 127 32.37 -10.20 -12.62
N VAL E 128 31.88 -9.91 -11.41
CA VAL E 128 32.62 -10.25 -10.21
C VAL E 128 31.91 -11.40 -9.50
N MET E 129 32.71 -12.41 -9.12
CA MET E 129 32.23 -13.57 -8.39
C MET E 129 32.92 -13.61 -7.04
N VAL E 130 32.11 -13.65 -5.96
CA VAL E 130 32.63 -13.61 -4.61
C VAL E 130 32.23 -14.89 -3.88
N ASP E 131 33.20 -15.73 -3.52
CA ASP E 131 32.93 -16.93 -2.73
C ASP E 131 33.82 -16.91 -1.49
N ILE E 132 33.27 -17.37 -0.36
CA ILE E 132 33.99 -17.36 0.90
C ILE E 132 35.08 -18.45 0.94
N ASP E 133 35.02 -19.45 0.06
CA ASP E 133 35.80 -20.67 0.26
C ASP E 133 36.70 -20.98 -0.93
N ARG E 134 38.00 -20.70 -0.76
CA ARG E 134 39.02 -20.88 -1.78
CA ARG E 134 39.01 -20.88 -1.80
C ARG E 134 39.08 -22.34 -2.25
N ASP E 135 38.82 -23.27 -1.33
CA ASP E 135 38.92 -24.70 -1.62
C ASP E 135 37.88 -25.13 -2.65
N VAL E 136 36.67 -24.56 -2.57
CA VAL E 136 35.63 -24.90 -3.52
C VAL E 136 36.06 -24.47 -4.92
N VAL E 137 36.54 -23.22 -5.05
CA VAL E 137 36.97 -22.67 -6.32
C VAL E 137 38.15 -23.48 -6.88
N GLU E 138 39.12 -23.85 -6.03
CA GLU E 138 40.28 -24.59 -6.49
C GLU E 138 39.88 -26.00 -6.96
N LEU E 139 39.06 -26.69 -6.16
CA LEU E 139 38.65 -28.03 -6.52
C LEU E 139 37.76 -28.02 -7.76
N SER E 140 36.97 -26.94 -7.97
CA SER E 140 36.17 -26.82 -9.17
C SER E 140 37.07 -26.65 -10.39
N ARG E 141 38.09 -25.79 -10.27
CA ARG E 141 39.01 -25.56 -11.37
C ARG E 141 39.55 -26.91 -11.84
N ALA E 142 40.01 -27.72 -10.88
CA ALA E 142 40.61 -29.01 -11.17
C ALA E 142 39.58 -30.04 -11.67
N TYR E 143 38.43 -30.16 -10.99
CA TYR E 143 37.63 -31.37 -11.16
C TYR E 143 36.27 -31.14 -11.81
N LEU E 144 35.86 -29.89 -12.00
CA LEU E 144 34.54 -29.63 -12.59
C LEU E 144 34.67 -28.79 -13.86
N PRO E 145 35.52 -29.18 -14.84
CA PRO E 145 35.72 -28.37 -16.06
C PRO E 145 34.44 -28.10 -16.86
N GLN E 146 33.50 -29.04 -16.87
CA GLN E 146 32.26 -28.86 -17.62
C GLN E 146 31.35 -27.84 -16.93
N MET E 147 31.64 -27.47 -15.68
CA MET E 147 30.84 -26.46 -15.03
C MET E 147 31.39 -25.06 -15.36
N HIS E 148 32.67 -24.79 -15.02
CA HIS E 148 33.20 -23.45 -15.21
C HIS E 148 33.43 -23.16 -16.70
N GLN E 149 33.87 -24.17 -17.46
CA GLN E 149 34.16 -24.04 -18.88
C GLN E 149 35.05 -22.82 -19.16
N GLY E 150 36.08 -22.63 -18.33
CA GLY E 150 37.06 -21.57 -18.56
C GLY E 150 36.64 -20.21 -18.02
N ALA E 151 35.43 -20.10 -17.46
CA ALA E 151 34.86 -18.81 -17.05
C ALA E 151 35.75 -18.09 -16.03
N PHE E 152 36.46 -18.81 -15.17
CA PHE E 152 37.27 -18.17 -14.14
C PHE E 152 38.37 -17.30 -14.77
N ASP E 153 38.78 -17.63 -16.01
CA ASP E 153 39.90 -16.99 -16.66
C ASP E 153 39.44 -16.07 -17.80
N ASP E 154 38.15 -15.78 -17.88
CA ASP E 154 37.67 -14.80 -18.82
C ASP E 154 38.20 -13.43 -18.38
N PRO E 155 38.79 -12.64 -19.32
CA PRO E 155 39.29 -11.30 -18.98
C PRO E 155 38.23 -10.37 -18.37
N ARG E 156 36.94 -10.66 -18.62
CA ARG E 156 35.86 -9.87 -18.06
C ARG E 156 35.51 -10.25 -16.61
N ALA E 157 36.09 -11.36 -16.13
CA ALA E 157 35.75 -11.92 -14.83
C ALA E 157 36.79 -11.58 -13.77
N LYS E 158 36.34 -11.34 -12.54
CA LYS E 158 37.19 -11.24 -11.38
C LYS E 158 36.65 -12.18 -10.29
N VAL E 159 37.50 -13.07 -9.79
CA VAL E 159 37.15 -14.00 -8.73
C VAL E 159 37.75 -13.49 -7.42
N VAL E 160 36.88 -13.19 -6.45
CA VAL E 160 37.26 -12.67 -5.15
C VAL E 160 36.91 -13.72 -4.08
N ILE E 161 37.89 -14.05 -3.23
CA ILE E 161 37.66 -14.94 -2.11
C ILE E 161 37.40 -14.11 -0.86
N GLN E 162 36.15 -14.07 -0.43
CA GLN E 162 35.74 -13.23 0.69
C GLN E 162 34.32 -13.61 1.09
N ASP E 163 33.99 -13.39 2.36
CA ASP E 163 32.61 -13.44 2.81
C ASP E 163 31.82 -12.38 2.04
N GLY E 164 30.70 -12.80 1.44
CA GLY E 164 29.88 -11.92 0.62
C GLY E 164 29.29 -10.77 1.44
N PHE E 165 29.05 -11.03 2.73
CA PHE E 165 28.56 -10.00 3.63
C PHE E 165 29.56 -8.84 3.72
N VAL E 166 30.85 -9.18 3.91
CA VAL E 166 31.92 -8.20 4.04
C VAL E 166 32.10 -7.48 2.70
N TYR E 167 32.04 -8.23 1.60
CA TYR E 167 32.24 -7.63 0.29
C TYR E 167 31.19 -6.57 0.00
N VAL E 168 29.94 -6.85 0.38
CA VAL E 168 28.86 -5.93 0.10
C VAL E 168 29.01 -4.66 0.96
N GLU E 169 29.41 -4.83 2.23
CA GLU E 169 29.68 -3.68 3.10
C GLU E 169 30.76 -2.79 2.49
N GLU E 170 31.82 -3.39 1.96
CA GLU E 170 32.92 -2.65 1.38
C GLU E 170 32.48 -1.97 0.09
N ALA E 171 31.54 -2.59 -0.65
CA ALA E 171 31.06 -2.00 -1.89
C ALA E 171 30.18 -0.77 -1.61
N ILE E 172 29.42 -0.80 -0.52
CA ILE E 172 28.61 0.33 -0.10
C ILE E 172 29.53 1.52 0.21
N LYS E 173 30.56 1.27 1.03
CA LYS E 173 31.58 2.25 1.39
C LYS E 173 32.19 2.87 0.13
N ALA E 174 32.53 2.04 -0.88
CA ALA E 174 33.19 2.50 -2.08
C ALA E 174 32.20 3.16 -3.04
N GLY E 175 30.89 3.02 -2.76
CA GLY E 175 29.82 3.42 -3.69
C GLY E 175 29.81 2.62 -5.00
N ASP E 176 30.14 1.32 -4.95
CA ASP E 176 30.08 0.46 -6.13
C ASP E 176 28.63 0.21 -6.54
N LYS E 177 28.41 0.02 -7.85
CA LYS E 177 27.06 -0.20 -8.35
C LYS E 177 27.07 -1.35 -9.36
N TYR E 178 26.02 -2.18 -9.30
CA TYR E 178 25.87 -3.27 -10.25
C TYR E 178 24.51 -3.19 -10.94
N ASP E 179 24.43 -3.80 -12.13
CA ASP E 179 23.18 -3.92 -12.86
C ASP E 179 22.36 -5.12 -12.35
N VAL E 180 23.06 -6.26 -12.16
CA VAL E 180 22.42 -7.51 -11.81
C VAL E 180 23.25 -8.15 -10.70
N ILE E 181 22.57 -8.50 -9.60
CA ILE E 181 23.20 -9.27 -8.54
C ILE E 181 22.50 -10.63 -8.45
N ILE E 182 23.31 -11.68 -8.54
CA ILE E 182 22.87 -13.05 -8.53
C ILE E 182 23.41 -13.68 -7.25
N MET E 183 22.50 -14.17 -6.39
CA MET E 183 22.95 -14.86 -5.20
C MET E 183 22.79 -16.37 -5.37
N ASP E 184 23.94 -17.05 -5.35
CA ASP E 184 24.04 -18.47 -5.62
C ASP E 184 24.73 -19.15 -4.44
N LEU E 185 24.05 -19.10 -3.29
CA LEU E 185 24.62 -19.53 -2.02
C LEU E 185 24.13 -20.92 -1.64
N THR E 186 24.71 -21.44 -0.56
CA THR E 186 24.22 -22.65 0.09
C THR E 186 22.86 -22.32 0.70
N ASP E 187 22.10 -23.34 1.11
CA ASP E 187 20.67 -23.19 1.34
C ASP E 187 20.36 -22.34 2.57
N PRO E 188 19.27 -21.54 2.52
CA PRO E 188 18.84 -20.77 3.69
C PRO E 188 18.29 -21.63 4.84
N TYR E 189 18.01 -22.92 4.58
CA TYR E 189 17.41 -23.70 5.66
C TYR E 189 18.47 -24.54 6.37
N SER E 190 19.72 -24.52 5.90
CA SER E 190 20.67 -25.48 6.44
C SER E 190 22.04 -24.86 6.68
N SER E 191 22.35 -23.71 6.06
CA SER E 191 23.75 -23.30 5.93
C SER E 191 24.09 -22.16 6.88
N ASP E 192 24.97 -22.45 7.84
CA ASP E 192 25.40 -21.47 8.81
C ASP E 192 26.14 -20.32 8.14
N ILE E 193 27.07 -20.66 7.23
CA ILE E 193 27.95 -19.66 6.63
C ILE E 193 27.17 -18.67 5.76
N ALA E 194 25.93 -19.00 5.38
CA ALA E 194 25.24 -18.13 4.44
C ALA E 194 24.07 -17.41 5.11
N LYS E 195 23.80 -17.68 6.39
CA LYS E 195 22.53 -17.26 6.99
C LYS E 195 22.39 -15.73 7.01
N GLN E 196 23.50 -15.01 7.18
CA GLN E 196 23.52 -13.56 7.27
C GLN E 196 23.10 -12.94 5.93
N LEU E 197 23.24 -13.69 4.83
CA LEU E 197 22.99 -13.12 3.52
C LEU E 197 21.51 -13.24 3.15
N TYR E 198 20.69 -13.83 4.02
CA TYR E 198 19.31 -14.07 3.65
C TYR E 198 18.33 -13.21 4.44
N THR E 199 18.83 -12.22 5.18
CA THR E 199 17.98 -11.38 6.03
C THR E 199 17.45 -10.18 5.23
N ARG E 200 16.34 -9.61 5.72
CA ARG E 200 15.74 -8.35 5.28
C ARG E 200 16.80 -7.24 5.21
N GLU E 201 17.70 -7.20 6.19
CA GLU E 201 18.75 -6.20 6.30
C GLU E 201 19.77 -6.39 5.19
N PHE E 202 20.12 -7.65 4.87
CA PHE E 202 21.05 -7.86 3.77
C PHE E 202 20.45 -7.41 2.43
N PHE E 203 19.14 -7.60 2.24
CA PHE E 203 18.54 -7.21 0.97
C PHE E 203 18.49 -5.69 0.85
N ALA E 204 18.41 -4.99 2.00
CA ALA E 204 18.52 -3.52 2.02
C ALA E 204 19.92 -3.10 1.56
N LYS E 205 20.94 -3.86 1.95
CA LYS E 205 22.30 -3.58 1.51
C LYS E 205 22.46 -3.86 0.01
N ILE E 206 21.83 -4.94 -0.47
CA ILE E 206 21.90 -5.31 -1.88
C ILE E 206 21.33 -4.15 -2.70
N ARG E 207 20.17 -3.63 -2.27
CA ARG E 207 19.56 -2.52 -2.97
C ARG E 207 20.51 -1.32 -3.08
N ARG E 208 21.37 -1.12 -2.07
CA ARG E 208 22.24 0.04 -2.05
C ARG E 208 23.38 -0.09 -3.07
N ILE E 209 23.67 -1.32 -3.53
CA ILE E 209 24.73 -1.48 -4.52
C ILE E 209 24.17 -1.80 -5.92
N LEU E 210 22.86 -1.60 -6.11
CA LEU E 210 22.26 -1.72 -7.43
C LEU E 210 22.09 -0.35 -8.07
N ASN E 211 22.26 -0.26 -9.39
CA ASN E 211 21.77 0.88 -10.15
C ASN E 211 20.26 1.00 -9.98
N ASP E 212 19.68 2.10 -10.48
CA ASP E 212 18.29 2.47 -10.22
C ASP E 212 17.33 1.50 -10.90
N ASP E 213 17.79 0.86 -11.99
CA ASP E 213 16.97 -0.09 -12.73
C ASP E 213 17.54 -1.51 -12.56
N GLY E 214 18.18 -1.79 -11.44
CA GLY E 214 18.91 -3.04 -11.25
C GLY E 214 18.00 -4.20 -10.85
N VAL E 215 18.56 -5.41 -10.93
CA VAL E 215 17.78 -6.57 -10.52
C VAL E 215 18.63 -7.53 -9.68
N VAL E 216 17.96 -8.15 -8.70
CA VAL E 216 18.58 -9.17 -7.89
C VAL E 216 17.79 -10.46 -8.11
N VAL E 217 18.50 -11.59 -8.06
CA VAL E 217 17.84 -12.89 -8.04
C VAL E 217 18.59 -13.78 -7.05
N THR E 218 17.83 -14.59 -6.30
CA THR E 218 18.41 -15.53 -5.36
C THR E 218 17.65 -16.85 -5.41
N GLN E 219 18.34 -17.95 -5.11
CA GLN E 219 17.63 -19.19 -4.82
C GLN E 219 17.16 -19.11 -3.37
N ALA E 220 16.01 -19.70 -3.05
CA ALA E 220 15.37 -19.54 -1.75
C ALA E 220 15.01 -20.90 -1.14
N GLY E 221 15.81 -21.94 -1.44
CA GLY E 221 15.54 -23.25 -0.88
C GLY E 221 14.35 -23.92 -1.59
N ASN E 222 13.38 -24.35 -0.79
CA ASN E 222 12.24 -25.09 -1.31
C ASN E 222 11.01 -24.78 -0.48
N SER E 223 9.96 -24.28 -1.15
CA SER E 223 8.72 -23.86 -0.50
C SER E 223 7.87 -25.04 -0.05
N PHE E 224 8.14 -26.23 -0.57
CA PHE E 224 7.32 -27.40 -0.26
C PHE E 224 7.79 -27.99 1.07
N TYR E 225 9.11 -28.21 1.17
CA TYR E 225 9.68 -28.87 2.34
C TYR E 225 10.05 -27.86 3.42
N PHE E 226 10.41 -26.62 3.04
CA PHE E 226 10.86 -25.62 4.00
C PHE E 226 10.11 -24.30 3.81
N PRO E 227 8.76 -24.28 3.99
CA PRO E 227 7.97 -23.09 3.71
C PRO E 227 8.35 -21.89 4.59
N ALA E 228 8.68 -22.14 5.86
CA ALA E 228 8.99 -21.04 6.77
C ALA E 228 10.25 -20.31 6.32
N GLU E 229 11.31 -21.05 6.02
CA GLU E 229 12.54 -20.46 5.53
C GLU E 229 12.29 -19.77 4.18
N TYR E 230 11.44 -20.38 3.33
CA TYR E 230 11.13 -19.78 2.05
C TYR E 230 10.45 -18.41 2.23
N ASP E 231 9.40 -18.41 3.07
CA ASP E 231 8.61 -17.21 3.33
C ASP E 231 9.48 -16.08 3.91
N MET E 232 10.45 -16.43 4.74
CA MET E 232 11.36 -15.46 5.33
C MET E 232 12.18 -14.77 4.24
N VAL E 233 12.72 -15.55 3.30
CA VAL E 233 13.49 -14.93 2.22
C VAL E 233 12.57 -14.07 1.36
N LEU E 234 11.34 -14.56 1.10
CA LEU E 234 10.39 -13.82 0.28
C LEU E 234 10.04 -12.47 0.91
N GLU E 235 9.69 -12.48 2.21
CA GLU E 235 9.37 -11.26 2.94
C GLU E 235 10.53 -10.26 2.88
N GLY E 236 11.75 -10.77 3.07
CA GLY E 236 12.97 -9.96 2.95
C GLY E 236 13.08 -9.23 1.61
N VAL E 237 12.77 -9.95 0.52
CA VAL E 237 12.94 -9.37 -0.81
C VAL E 237 11.83 -8.34 -1.04
N LYS E 238 10.60 -8.69 -0.65
CA LYS E 238 9.42 -7.87 -0.84
C LYS E 238 9.55 -6.54 -0.10
N ALA E 239 10.17 -6.54 1.09
CA ALA E 239 10.35 -5.34 1.88
C ALA E 239 11.28 -4.36 1.17
N ASN E 240 12.03 -4.81 0.17
CA ASN E 240 13.10 -4.00 -0.39
C ASN E 240 12.93 -3.75 -1.88
N PHE E 241 12.03 -4.48 -2.54
CA PHE E 241 11.92 -4.40 -3.99
C PHE E 241 10.45 -4.30 -4.36
N PRO E 242 10.08 -3.36 -5.26
CA PRO E 242 8.68 -3.22 -5.67
C PRO E 242 8.17 -4.33 -6.59
N ILE E 243 9.07 -4.93 -7.38
CA ILE E 243 8.68 -6.00 -8.28
C ILE E 243 9.36 -7.31 -7.85
N VAL E 244 8.55 -8.32 -7.56
CA VAL E 244 9.06 -9.60 -7.09
C VAL E 244 8.40 -10.74 -7.86
N ALA E 245 9.21 -11.60 -8.48
CA ALA E 245 8.71 -12.78 -9.19
C ALA E 245 9.24 -14.04 -8.51
N GLU E 246 8.37 -15.05 -8.36
CA GLU E 246 8.71 -16.33 -7.75
C GLU E 246 8.57 -17.41 -8.82
N TYR E 247 9.56 -18.28 -8.97
CA TYR E 247 9.45 -19.38 -9.91
C TYR E 247 10.28 -20.55 -9.39
N GLU E 248 10.00 -21.76 -9.90
CA GLU E 248 10.70 -22.93 -9.41
C GLU E 248 11.06 -23.85 -10.58
N VAL E 249 12.09 -24.67 -10.41
CA VAL E 249 12.49 -25.64 -11.42
C VAL E 249 12.91 -26.91 -10.70
N TRP E 250 12.45 -28.05 -11.21
CA TRP E 250 12.83 -29.34 -10.67
C TRP E 250 14.30 -29.63 -11.00
N ILE E 251 15.10 -29.93 -9.97
CA ILE E 251 16.48 -30.29 -10.20
C ILE E 251 16.63 -31.72 -9.69
N PRO E 252 16.68 -32.74 -10.56
CA PRO E 252 16.68 -34.13 -10.10
C PRO E 252 17.68 -34.42 -8.98
N SER E 253 18.92 -33.91 -9.11
CA SER E 253 19.97 -34.27 -8.16
C SER E 253 19.72 -33.72 -6.75
N PHE E 254 18.91 -32.65 -6.63
CA PHE E 254 18.59 -32.10 -5.31
C PHE E 254 17.43 -32.86 -4.66
N GLY E 255 16.59 -33.51 -5.46
CA GLY E 255 15.42 -34.17 -4.91
C GLY E 255 14.22 -33.24 -4.82
N TYR E 256 14.30 -32.02 -5.36
CA TYR E 256 13.16 -31.12 -5.28
C TYR E 256 13.26 -30.00 -6.31
N ALA E 257 12.19 -29.21 -6.42
CA ALA E 257 12.15 -28.04 -7.29
C ALA E 257 12.71 -26.86 -6.52
N VAL E 258 13.82 -26.29 -7.00
CA VAL E 258 14.44 -25.15 -6.34
C VAL E 258 13.55 -23.95 -6.60
N ASN E 259 13.36 -23.13 -5.56
CA ASN E 259 12.63 -21.87 -5.66
C ASN E 259 13.58 -20.71 -5.90
N PHE E 260 13.25 -19.85 -6.85
CA PHE E 260 14.00 -18.64 -7.10
C PHE E 260 13.10 -17.45 -6.83
N ILE E 261 13.72 -16.33 -6.41
CA ILE E 261 13.01 -15.09 -6.15
C ILE E 261 13.78 -13.99 -6.87
N LEU E 262 13.09 -13.32 -7.78
CA LEU E 262 13.68 -12.25 -8.57
C LEU E 262 13.10 -10.92 -8.07
N GLY E 263 13.99 -10.00 -7.65
CA GLY E 263 13.61 -8.67 -7.19
C GLY E 263 14.08 -7.63 -8.19
N SER E 264 13.20 -6.70 -8.55
CA SER E 264 13.54 -5.73 -9.59
C SER E 264 13.10 -4.33 -9.16
N LEU E 265 13.89 -3.34 -9.59
CA LEU E 265 13.62 -1.96 -9.23
C LEU E 265 12.74 -1.25 -10.27
N ARG E 266 12.77 -1.70 -11.53
CA ARG E 266 12.04 -1.03 -12.58
C ARG E 266 11.34 -1.99 -13.54
N TYR E 267 12.10 -2.97 -14.10
CA TYR E 267 11.60 -3.82 -15.17
C TYR E 267 10.95 -5.08 -14.62
N ASP E 268 9.83 -5.47 -15.22
CA ASP E 268 9.01 -6.57 -14.75
C ASP E 268 9.25 -7.82 -15.59
N PRO E 269 9.74 -8.94 -15.03
CA PRO E 269 9.95 -10.16 -15.81
C PRO E 269 8.65 -10.73 -16.36
N HIS E 270 7.52 -10.42 -15.71
CA HIS E 270 6.21 -10.87 -16.18
C HIS E 270 5.78 -10.20 -17.49
N ALA E 271 6.42 -9.07 -17.84
CA ALA E 271 6.00 -8.32 -19.02
C ALA E 271 6.80 -8.76 -20.24
N LEU E 272 7.81 -9.61 -20.06
CA LEU E 272 8.58 -10.13 -21.19
C LEU E 272 7.81 -11.25 -21.89
N THR E 273 7.69 -11.13 -23.20
CA THR E 273 6.99 -12.13 -23.99
C THR E 273 8.04 -13.15 -24.44
N PRO E 274 7.64 -14.37 -24.81
CA PRO E 274 8.60 -15.32 -25.39
C PRO E 274 9.48 -14.71 -26.48
N SER E 275 8.85 -13.93 -27.38
CA SER E 275 9.54 -13.38 -28.53
C SER E 275 10.63 -12.39 -28.09
N GLU E 276 10.30 -11.55 -27.10
CA GLU E 276 11.25 -10.59 -26.58
C GLU E 276 12.42 -11.31 -25.91
N VAL E 277 12.14 -12.41 -25.19
CA VAL E 277 13.21 -13.14 -24.53
C VAL E 277 14.15 -13.69 -25.58
N ASP E 278 13.59 -14.33 -26.62
CA ASP E 278 14.39 -14.99 -27.63
C ASP E 278 15.22 -13.95 -28.40
N GLU E 279 14.63 -12.77 -28.64
CA GLU E 279 15.32 -11.73 -29.37
C GLU E 279 16.50 -11.19 -28.55
N ARG E 280 16.30 -10.98 -27.23
CA ARG E 280 17.39 -10.51 -26.39
C ARG E 280 18.50 -11.57 -26.29
N LEU E 281 18.15 -12.86 -26.18
CA LEU E 281 19.16 -13.90 -26.12
C LEU E 281 19.98 -13.91 -27.42
N ARG E 282 19.29 -13.81 -28.57
CA ARG E 282 19.95 -13.82 -29.86
C ARG E 282 20.86 -12.59 -30.00
N ALA E 283 20.33 -11.39 -29.67
CA ALA E 283 21.06 -10.16 -29.84
C ALA E 283 22.37 -10.20 -29.04
N ARG E 284 22.35 -10.88 -27.91
CA ARG E 284 23.48 -10.87 -26.99
C ARG E 284 24.38 -12.08 -27.19
N GLY E 285 24.03 -12.96 -28.13
CA GLY E 285 24.83 -14.13 -28.47
C GLY E 285 24.77 -15.24 -27.42
N VAL E 286 23.63 -15.37 -26.71
CA VAL E 286 23.50 -16.30 -25.60
C VAL E 286 22.99 -17.63 -26.13
N LYS E 287 23.80 -18.69 -25.97
CA LYS E 287 23.36 -20.04 -26.28
C LYS E 287 23.03 -20.77 -24.98
N THR E 288 21.92 -21.52 -24.97
CA THR E 288 21.45 -22.21 -23.78
C THR E 288 21.07 -23.63 -24.16
N ALA E 289 21.03 -24.52 -23.14
CA ALA E 289 20.56 -25.88 -23.32
C ALA E 289 19.09 -25.97 -22.93
N PHE E 290 18.57 -24.98 -22.20
CA PHE E 290 17.25 -25.11 -21.61
C PHE E 290 16.44 -23.83 -21.78
N TYR E 291 16.96 -22.72 -21.26
CA TYR E 291 16.19 -21.49 -21.15
C TYR E 291 15.87 -20.92 -22.52
N THR E 292 14.57 -20.61 -22.74
CA THR E 292 14.08 -20.01 -23.97
C THR E 292 12.91 -19.10 -23.56
N GLY E 293 12.32 -18.41 -24.53
CA GLY E 293 11.21 -17.53 -24.27
C GLY E 293 9.99 -18.33 -23.76
N ARG E 294 9.78 -19.53 -24.30
CA ARG E 294 8.68 -20.36 -23.85
C ARG E 294 8.91 -20.83 -22.42
N VAL E 295 10.16 -21.13 -22.07
CA VAL E 295 10.47 -21.52 -20.69
C VAL E 295 10.17 -20.35 -19.75
N HIS E 296 10.55 -19.14 -20.18
CA HIS E 296 10.31 -17.94 -19.38
C HIS E 296 8.82 -17.82 -19.09
N LEU E 297 7.99 -17.97 -20.12
CA LEU E 297 6.54 -17.92 -19.97
C LEU E 297 6.07 -18.97 -18.96
N ALA E 298 6.57 -20.21 -19.08
CA ALA E 298 6.17 -21.26 -18.14
C ALA E 298 6.58 -20.90 -16.71
N LEU E 299 7.81 -20.43 -16.52
CA LEU E 299 8.31 -20.09 -15.19
C LEU E 299 7.44 -19.01 -14.55
N MET E 300 7.01 -18.03 -15.37
CA MET E 300 6.27 -16.89 -14.87
C MET E 300 4.83 -17.27 -14.53
N ASN E 301 4.35 -18.42 -15.02
CA ASN E 301 2.93 -18.74 -14.89
C ASN E 301 2.70 -19.93 -13.97
N MET E 302 3.74 -20.70 -13.64
CA MET E 302 3.55 -21.90 -12.85
C MET E 302 3.62 -21.52 -11.38
N PRO E 303 2.56 -21.76 -10.57
CA PRO E 303 2.63 -21.46 -9.13
C PRO E 303 3.61 -22.42 -8.46
N ILE E 304 4.19 -22.00 -7.33
CA ILE E 304 5.18 -22.84 -6.66
C ILE E 304 4.45 -23.90 -5.83
N HIS E 305 5.13 -25.00 -5.52
CA HIS E 305 4.54 -26.10 -4.77
C HIS E 305 4.47 -25.78 -3.27
N ARG E 306 3.38 -26.17 -2.64
CA ARG E 306 3.20 -26.15 -1.19
C ARG E 306 2.55 -27.47 -0.82
N LYS E 307 2.74 -27.93 0.42
CA LYS E 307 1.98 -29.06 0.93
C LYS E 307 0.50 -28.71 0.87
N LEU E 308 -0.32 -29.58 0.26
CA LEU E 308 -1.71 -29.21 0.03
C LEU E 308 -2.61 -29.71 1.16
N ARG E 309 -2.10 -30.63 1.99
CA ARG E 309 -2.87 -31.06 3.15
C ARG E 309 -1.97 -31.07 4.40
N VAL F 24 19.42 -39.24 8.54
CA VAL F 24 18.83 -40.52 8.16
C VAL F 24 17.42 -40.57 8.79
N PRO F 25 16.33 -40.60 7.99
CA PRO F 25 14.95 -40.64 8.50
C PRO F 25 14.68 -42.01 9.10
N GLY F 26 13.85 -42.05 10.13
CA GLY F 26 13.71 -43.26 10.93
C GLY F 26 12.99 -42.96 12.22
N PRO F 27 12.82 -43.96 13.13
CA PRO F 27 13.44 -45.28 12.96
C PRO F 27 12.84 -46.22 11.92
N ILE F 28 11.55 -46.07 11.59
CA ILE F 28 10.90 -46.91 10.59
C ILE F 28 10.86 -46.11 9.28
N THR F 29 11.21 -46.77 8.18
CA THR F 29 11.58 -46.08 6.95
C THR F 29 11.01 -46.88 5.78
N LEU F 30 10.48 -46.17 4.78
CA LEU F 30 10.22 -46.79 3.49
C LEU F 30 11.41 -46.52 2.58
N ILE F 31 11.90 -47.57 1.91
CA ILE F 31 12.91 -47.37 0.89
C ILE F 31 12.20 -47.41 -0.45
N GLU F 32 12.01 -46.23 -1.05
CA GLU F 32 11.25 -46.17 -2.29
C GLU F 32 12.24 -46.17 -3.45
N PRO F 33 12.18 -47.15 -4.37
CA PRO F 33 13.08 -47.18 -5.52
C PRO F 33 12.73 -45.96 -6.36
N LEU F 34 13.72 -45.36 -6.99
CA LEU F 34 13.43 -44.28 -7.91
C LEU F 34 13.95 -44.72 -9.27
N SER F 35 15.28 -44.71 -9.43
CA SER F 35 15.84 -44.97 -10.74
C SER F 35 16.60 -46.29 -10.76
N GLY F 36 16.75 -46.94 -9.61
CA GLY F 36 17.74 -48.01 -9.57
C GLY F 36 19.08 -47.49 -9.01
N ASN F 37 19.47 -46.26 -9.40
CA ASN F 37 20.73 -45.69 -8.92
C ASN F 37 20.50 -44.62 -7.86
N THR F 38 19.24 -44.30 -7.61
CA THR F 38 18.79 -43.36 -6.59
C THR F 38 17.53 -43.98 -6.00
N SER F 39 17.39 -43.93 -4.67
CA SER F 39 16.17 -44.32 -3.98
C SER F 39 15.86 -43.25 -2.94
N LEU F 40 14.61 -43.22 -2.44
CA LEU F 40 14.21 -42.29 -1.40
C LEU F 40 14.11 -43.06 -0.08
N LEU F 41 14.57 -42.44 1.02
CA LEU F 41 14.32 -42.95 2.35
C LEU F 41 13.26 -42.06 3.01
N ILE F 42 12.12 -42.64 3.38
CA ILE F 42 10.97 -41.85 3.81
C ILE F 42 10.53 -42.35 5.18
N LYS F 43 10.55 -41.47 6.18
CA LYS F 43 10.09 -41.83 7.53
C LYS F 43 8.62 -42.22 7.51
N ILE F 44 8.32 -43.37 8.14
CA ILE F 44 6.98 -43.93 8.31
C ILE F 44 6.56 -43.72 9.77
N ASN F 45 5.34 -43.23 9.99
CA ASN F 45 4.80 -43.07 11.35
C ASN F 45 3.94 -44.24 11.77
N ALA F 46 3.28 -44.90 10.81
CA ALA F 46 2.40 -46.03 11.11
C ALA F 46 2.13 -46.80 9.82
N ILE F 47 1.83 -48.10 9.96
CA ILE F 47 1.37 -48.93 8.86
C ILE F 47 -0.06 -49.34 9.14
N HIS F 48 -0.99 -48.97 8.25
CA HIS F 48 -2.40 -49.23 8.42
C HIS F 48 -2.80 -50.57 7.82
N SER F 49 -2.07 -51.02 6.80
CA SER F 49 -2.44 -52.26 6.13
C SER F 49 -1.32 -52.75 5.22
N VAL F 50 -1.11 -54.07 5.21
CA VAL F 50 -0.20 -54.76 4.31
C VAL F 50 -0.96 -55.95 3.70
N LYS F 51 -0.95 -56.04 2.38
CA LYS F 51 -1.75 -57.06 1.72
C LYS F 51 -1.01 -57.53 0.49
N LYS F 52 -0.70 -58.83 0.43
CA LYS F 52 -0.19 -59.41 -0.80
C LYS F 52 -1.40 -59.86 -1.61
N SER F 53 -1.76 -59.05 -2.62
CA SER F 53 -2.86 -59.36 -3.52
C SER F 53 -2.35 -60.35 -4.58
N PRO F 54 -3.23 -60.97 -5.39
CA PRO F 54 -2.77 -61.78 -6.52
C PRO F 54 -1.90 -61.03 -7.54
N TYR F 55 -1.98 -59.69 -7.54
CA TYR F 55 -1.34 -58.90 -8.59
C TYR F 55 -0.10 -58.19 -8.11
N GLN F 56 -0.10 -57.72 -6.85
CA GLN F 56 0.93 -56.82 -6.36
C GLN F 56 0.86 -56.71 -4.85
N GLU F 57 1.95 -56.23 -4.25
CA GLU F 57 2.05 -56.05 -2.82
C GLU F 57 1.57 -54.63 -2.49
N ILE F 58 0.63 -54.51 -1.55
CA ILE F 58 -0.03 -53.25 -1.25
C ILE F 58 0.30 -52.88 0.18
N ILE F 59 0.68 -51.61 0.40
CA ILE F 59 0.87 -51.11 1.74
C ILE F 59 0.18 -49.76 1.84
N ILE F 60 -0.53 -49.55 2.95
CA ILE F 60 -1.03 -48.22 3.26
C ILE F 60 -0.37 -47.77 4.55
N ALA F 61 0.23 -46.57 4.52
CA ALA F 61 1.06 -46.13 5.63
C ALA F 61 0.89 -44.64 5.81
N ASP F 62 1.31 -44.15 6.98
CA ASP F 62 1.42 -42.72 7.22
C ASP F 62 2.89 -42.36 7.16
N THR F 63 3.21 -41.33 6.36
CA THR F 63 4.56 -40.84 6.30
C THR F 63 4.57 -39.48 6.98
N GLU F 64 5.72 -39.14 7.57
CA GLU F 64 5.86 -37.83 8.18
C GLU F 64 5.71 -36.73 7.12
N ASP F 65 6.42 -36.85 5.99
CA ASP F 65 6.46 -35.76 5.03
C ASP F 65 5.18 -35.65 4.20
N TYR F 66 4.55 -36.78 3.87
CA TYR F 66 3.57 -36.80 2.80
C TYR F 66 2.20 -37.22 3.32
N GLY F 67 2.08 -37.45 4.65
CA GLY F 67 0.85 -37.98 5.20
C GLY F 67 0.60 -39.39 4.69
N ARG F 68 -0.66 -39.76 4.57
CA ARG F 68 -1.01 -41.12 4.19
C ARG F 68 -0.66 -41.39 2.73
N VAL F 69 -0.15 -42.60 2.46
CA VAL F 69 0.30 -43.00 1.14
C VAL F 69 -0.25 -44.38 0.81
N LEU F 70 -0.45 -44.61 -0.49
CA LEU F 70 -0.64 -45.95 -1.02
C LEU F 70 0.66 -46.34 -1.70
N ILE F 71 1.16 -47.55 -1.40
CA ILE F 71 2.39 -48.09 -1.95
C ILE F 71 2.06 -49.40 -2.66
N LEU F 72 2.50 -49.52 -3.92
CA LEU F 72 2.35 -50.77 -4.67
C LEU F 72 3.73 -51.21 -5.17
N ASP F 73 4.15 -52.40 -4.74
CA ASP F 73 5.45 -52.95 -5.10
C ASP F 73 6.57 -51.97 -4.78
N ASP F 74 6.48 -51.30 -3.62
CA ASP F 74 7.54 -50.44 -3.09
C ASP F 74 7.43 -48.98 -3.60
N TYR F 75 6.60 -48.70 -4.61
CA TYR F 75 6.46 -47.36 -5.15
C TYR F 75 5.23 -46.65 -4.57
N ILE F 76 5.43 -45.45 -4.02
CA ILE F 76 4.33 -44.59 -3.65
C ILE F 76 3.52 -44.25 -4.90
N GLN F 77 2.21 -44.45 -4.82
CA GLN F 77 1.29 -44.23 -5.91
C GLN F 77 0.63 -42.88 -5.73
N SER F 78 0.55 -42.43 -4.48
CA SER F 78 -0.33 -41.33 -4.12
C SER F 78 -0.06 -40.95 -2.67
N SER F 79 -0.04 -39.66 -2.37
CA SER F 79 0.08 -39.24 -0.99
C SER F 79 -0.96 -38.16 -0.71
N TYR F 80 -1.41 -38.06 0.55
CA TYR F 80 -2.38 -37.06 0.90
C TYR F 80 -1.87 -35.64 0.60
N VAL F 81 -0.58 -35.37 0.84
CA VAL F 81 -0.19 -33.97 0.72
C VAL F 81 0.02 -33.54 -0.74
N ASP F 82 0.23 -34.47 -1.68
CA ASP F 82 0.60 -34.01 -3.00
C ASP F 82 -0.18 -34.70 -4.13
N GLU F 83 -1.10 -35.63 -3.82
CA GLU F 83 -1.84 -36.36 -4.84
C GLU F 83 -2.67 -35.43 -5.74
N GLN F 84 -3.13 -34.29 -5.23
CA GLN F 84 -3.91 -33.37 -6.02
C GLN F 84 -3.09 -32.80 -7.18
N TYR F 85 -1.79 -32.61 -6.99
CA TYR F 85 -0.94 -32.15 -8.08
C TYR F 85 -0.96 -33.20 -9.19
N TYR F 86 -0.90 -34.47 -8.79
CA TYR F 86 -0.87 -35.52 -9.78
C TYR F 86 -2.22 -35.64 -10.47
N HIS F 87 -3.31 -35.73 -9.69
CA HIS F 87 -4.61 -36.10 -10.26
C HIS F 87 -5.20 -34.95 -11.06
N GLU F 88 -4.97 -33.71 -10.61
CA GLU F 88 -5.47 -32.56 -11.33
C GLU F 88 -4.68 -32.41 -12.64
N SER F 89 -3.37 -32.67 -12.61
CA SER F 89 -2.54 -32.58 -13.80
C SER F 89 -2.92 -33.66 -14.81
N LEU F 90 -3.27 -34.84 -14.32
CA LEU F 90 -3.62 -35.94 -15.20
C LEU F 90 -4.97 -35.68 -15.88
N VAL F 91 -5.94 -35.12 -15.15
CA VAL F 91 -7.33 -35.18 -15.58
C VAL F 91 -7.74 -33.89 -16.30
N HIS F 92 -7.47 -32.72 -15.69
CA HIS F 92 -8.11 -31.50 -16.12
C HIS F 92 -7.64 -30.99 -17.49
N PRO F 93 -6.34 -31.02 -17.87
CA PRO F 93 -5.98 -30.56 -19.21
C PRO F 93 -6.80 -31.27 -20.30
N ALA F 94 -6.98 -32.58 -20.16
CA ALA F 94 -7.74 -33.36 -21.14
C ALA F 94 -9.22 -32.98 -21.09
N MET F 95 -9.80 -32.92 -19.88
CA MET F 95 -11.22 -32.68 -19.75
C MET F 95 -11.55 -31.26 -20.24
N ALA F 96 -10.62 -30.32 -19.99
CA ALA F 96 -10.84 -28.94 -20.39
C ALA F 96 -10.64 -28.76 -21.89
N THR F 97 -9.79 -29.60 -22.50
CA THR F 97 -9.55 -29.54 -23.94
C THR F 97 -10.82 -29.96 -24.71
N HIS F 98 -11.49 -30.99 -24.22
CA HIS F 98 -12.74 -31.45 -24.79
C HIS F 98 -13.85 -30.45 -24.49
N PRO F 99 -14.57 -29.95 -25.52
CA PRO F 99 -15.63 -28.96 -25.30
C PRO F 99 -16.87 -29.50 -24.56
N ASN F 100 -17.07 -30.81 -24.54
CA ASN F 100 -18.28 -31.36 -23.91
C ASN F 100 -18.09 -32.82 -23.54
N PRO F 101 -17.23 -33.18 -22.55
CA PRO F 101 -16.99 -34.59 -22.24
C PRO F 101 -18.13 -35.19 -21.40
N ARG F 102 -18.83 -36.18 -21.96
CA ARG F 102 -20.02 -36.72 -21.33
C ARG F 102 -19.76 -38.13 -20.81
N ASP F 103 -18.91 -38.88 -21.53
CA ASP F 103 -18.57 -40.26 -21.23
C ASP F 103 -17.07 -40.37 -21.03
N VAL F 104 -16.67 -40.82 -19.84
CA VAL F 104 -15.26 -40.89 -19.44
C VAL F 104 -14.93 -42.33 -19.05
N LEU F 105 -13.80 -42.83 -19.57
CA LEU F 105 -13.27 -44.11 -19.13
C LEU F 105 -11.92 -43.87 -18.43
N ILE F 106 -11.72 -44.52 -17.28
CA ILE F 106 -10.48 -44.48 -16.53
C ILE F 106 -9.95 -45.90 -16.40
N LEU F 107 -8.72 -46.13 -16.91
CA LEU F 107 -8.05 -47.39 -16.69
C LEU F 107 -7.03 -47.22 -15.56
N GLY F 108 -7.14 -48.06 -14.52
CA GLY F 108 -6.37 -47.91 -13.30
C GLY F 108 -7.11 -47.02 -12.29
N GLY F 109 -6.38 -46.12 -11.63
CA GLY F 109 -7.00 -45.14 -10.74
C GLY F 109 -7.64 -45.77 -9.50
N GLY F 110 -7.02 -46.86 -9.03
CA GLY F 110 -7.55 -47.69 -7.95
C GLY F 110 -7.90 -46.95 -6.67
N GLU F 111 -7.26 -45.81 -6.40
CA GLU F 111 -7.57 -45.09 -5.18
C GLU F 111 -8.79 -44.17 -5.36
N GLY F 112 -9.24 -43.97 -6.60
CA GLY F 112 -10.48 -43.23 -6.83
C GLY F 112 -10.30 -41.72 -6.97
N ALA F 113 -9.06 -41.21 -6.89
CA ALA F 113 -8.84 -39.76 -7.00
C ALA F 113 -9.02 -39.29 -8.45
N THR F 114 -8.69 -40.15 -9.43
CA THR F 114 -8.85 -39.82 -10.83
C THR F 114 -10.34 -39.64 -11.12
N LEU F 115 -11.14 -40.62 -10.68
CA LEU F 115 -12.59 -40.58 -10.75
C LEU F 115 -13.12 -39.32 -10.06
N ARG F 116 -12.63 -39.02 -8.85
CA ARG F 116 -13.02 -37.81 -8.14
C ARG F 116 -12.86 -36.55 -9.02
N GLU F 117 -11.70 -36.42 -9.69
CA GLU F 117 -11.42 -35.23 -10.50
C GLU F 117 -12.32 -35.18 -11.74
N ALA F 118 -12.48 -36.33 -12.41
CA ALA F 118 -13.29 -36.38 -13.63
C ALA F 118 -14.75 -36.01 -13.33
N LEU F 119 -15.31 -36.51 -12.21
CA LEU F 119 -16.71 -36.29 -11.86
C LEU F 119 -16.99 -34.82 -11.54
N LYS F 120 -15.96 -34.01 -11.32
CA LYS F 120 -16.17 -32.60 -11.02
C LYS F 120 -16.74 -31.86 -12.23
N HIS F 121 -16.48 -32.37 -13.43
CA HIS F 121 -16.99 -31.74 -14.63
C HIS F 121 -18.50 -32.02 -14.75
N GLY F 122 -19.30 -30.96 -14.67
CA GLY F 122 -20.76 -31.03 -14.69
C GLY F 122 -21.30 -31.67 -15.96
N THR F 123 -20.51 -31.69 -17.03
CA THR F 123 -20.95 -32.26 -18.30
C THR F 123 -20.94 -33.79 -18.26
N VAL F 124 -20.21 -34.39 -17.31
CA VAL F 124 -20.02 -35.82 -17.32
C VAL F 124 -21.32 -36.50 -16.88
N LYS F 125 -21.78 -37.46 -17.70
CA LYS F 125 -23.01 -38.19 -17.42
C LYS F 125 -22.67 -39.61 -16.95
N ARG F 126 -21.55 -40.15 -17.47
CA ARG F 126 -21.14 -41.52 -17.20
C ARG F 126 -19.62 -41.56 -17.10
N ALA F 127 -19.12 -42.08 -15.96
CA ALA F 127 -17.70 -42.30 -15.75
C ALA F 127 -17.48 -43.74 -15.33
N VAL F 128 -16.68 -44.46 -16.11
CA VAL F 128 -16.37 -45.84 -15.80
C VAL F 128 -14.90 -45.93 -15.38
N MET F 129 -14.65 -46.62 -14.26
CA MET F 129 -13.31 -46.83 -13.76
C MET F 129 -13.02 -48.33 -13.73
N VAL F 130 -11.93 -48.75 -14.39
CA VAL F 130 -11.59 -50.14 -14.51
C VAL F 130 -10.23 -50.40 -13.86
N ASP F 131 -10.19 -51.19 -12.77
CA ASP F 131 -8.94 -51.57 -12.15
C ASP F 131 -8.88 -53.10 -12.06
N ILE F 132 -7.67 -53.66 -12.25
CA ILE F 132 -7.48 -55.10 -12.26
C ILE F 132 -7.56 -55.68 -10.84
N ASP F 133 -7.41 -54.85 -9.80
CA ASP F 133 -7.11 -55.36 -8.47
C ASP F 133 -8.12 -54.90 -7.42
N ARG F 134 -9.03 -55.81 -7.05
CA ARG F 134 -10.11 -55.55 -6.10
C ARG F 134 -9.55 -55.06 -4.77
N ASP F 135 -8.39 -55.60 -4.36
CA ASP F 135 -7.80 -55.28 -3.07
C ASP F 135 -7.42 -53.80 -2.98
N VAL F 136 -6.93 -53.22 -4.08
CA VAL F 136 -6.54 -51.83 -4.08
C VAL F 136 -7.79 -50.97 -3.83
N VAL F 137 -8.85 -51.26 -4.58
CA VAL F 137 -10.09 -50.50 -4.48
C VAL F 137 -10.68 -50.64 -3.08
N GLU F 138 -10.68 -51.85 -2.52
CA GLU F 138 -11.25 -52.08 -1.19
C GLU F 138 -10.44 -51.37 -0.11
N LEU F 139 -9.11 -51.51 -0.17
CA LEU F 139 -8.27 -50.86 0.83
C LEU F 139 -8.34 -49.33 0.72
N SER F 140 -8.52 -48.81 -0.51
CA SER F 140 -8.70 -47.37 -0.68
C SER F 140 -10.00 -46.91 -0.05
N ARG F 141 -11.08 -47.67 -0.30
CA ARG F 141 -12.38 -47.32 0.27
C ARG F 141 -12.23 -47.15 1.77
N ALA F 142 -11.59 -48.14 2.41
CA ALA F 142 -11.40 -48.16 3.86
C ALA F 142 -10.43 -47.07 4.34
N TYR F 143 -9.26 -46.94 3.69
CA TYR F 143 -8.16 -46.23 4.35
C TYR F 143 -7.76 -44.93 3.67
N LEU F 144 -8.28 -44.63 2.47
CA LEU F 144 -7.87 -43.42 1.76
C LEU F 144 -9.06 -42.53 1.46
N PRO F 145 -9.91 -42.18 2.47
CA PRO F 145 -11.11 -41.36 2.22
C PRO F 145 -10.84 -40.01 1.56
N GLN F 146 -9.70 -39.39 1.87
CA GLN F 146 -9.39 -38.07 1.31
C GLN F 146 -9.00 -38.19 -0.18
N MET F 147 -8.75 -39.41 -0.67
CA MET F 147 -8.50 -39.55 -2.08
C MET F 147 -9.80 -39.72 -2.87
N HIS F 148 -10.60 -40.75 -2.55
CA HIS F 148 -11.80 -41.01 -3.33
C HIS F 148 -12.87 -39.95 -3.04
N GLN F 149 -12.97 -39.50 -1.79
CA GLN F 149 -13.95 -38.51 -1.36
C GLN F 149 -15.36 -38.89 -1.83
N GLY F 150 -15.72 -40.18 -1.72
CA GLY F 150 -17.06 -40.63 -2.04
C GLY F 150 -17.31 -40.85 -3.52
N ALA F 151 -16.30 -40.67 -4.37
CA ALA F 151 -16.44 -40.82 -5.81
C ALA F 151 -16.91 -42.21 -6.21
N PHE F 152 -16.56 -43.24 -5.44
CA PHE F 152 -16.96 -44.60 -5.80
C PHE F 152 -18.48 -44.75 -5.75
N ASP F 153 -19.17 -43.90 -4.98
CA ASP F 153 -20.60 -44.03 -4.74
C ASP F 153 -21.40 -42.95 -5.50
N ASP F 154 -20.74 -42.21 -6.40
CA ASP F 154 -21.46 -41.26 -7.21
C ASP F 154 -22.34 -42.06 -8.18
N PRO F 155 -23.64 -41.69 -8.31
CA PRO F 155 -24.55 -42.39 -9.22
C PRO F 155 -24.06 -42.39 -10.68
N ARG F 156 -23.20 -41.43 -11.05
CA ARG F 156 -22.67 -41.33 -12.40
C ARG F 156 -21.50 -42.29 -12.64
N ALA F 157 -20.98 -42.90 -11.56
CA ALA F 157 -19.79 -43.73 -11.63
C ALA F 157 -20.12 -45.22 -11.63
N LYS F 158 -19.33 -45.99 -12.38
CA LYS F 158 -19.34 -47.45 -12.34
C LYS F 158 -17.91 -47.93 -12.13
N VAL F 159 -17.69 -48.76 -11.10
CA VAL F 159 -16.39 -49.35 -10.82
C VAL F 159 -16.39 -50.82 -11.29
N VAL F 160 -15.50 -51.12 -12.23
CA VAL F 160 -15.37 -52.46 -12.80
C VAL F 160 -14.01 -53.04 -12.39
N ILE F 161 -14.02 -54.27 -11.86
CA ILE F 161 -12.80 -54.97 -11.56
C ILE F 161 -12.46 -55.92 -12.71
N GLN F 162 -11.44 -55.56 -13.48
CA GLN F 162 -11.07 -56.34 -14.65
C GLN F 162 -9.75 -55.79 -15.18
N ASP F 163 -8.99 -56.64 -15.87
CA ASP F 163 -7.84 -56.21 -16.65
C ASP F 163 -8.33 -55.22 -17.70
N GLY F 164 -7.68 -54.06 -17.76
CA GLY F 164 -8.05 -52.99 -18.67
C GLY F 164 -7.91 -53.40 -20.13
N PHE F 165 -6.95 -54.31 -20.39
CA PHE F 165 -6.75 -54.84 -21.73
C PHE F 165 -8.00 -55.59 -22.21
N VAL F 166 -8.55 -56.45 -21.33
CA VAL F 166 -9.73 -57.25 -21.63
C VAL F 166 -10.94 -56.33 -21.77
N TYR F 167 -11.05 -55.33 -20.87
CA TYR F 167 -12.19 -54.44 -20.89
C TYR F 167 -12.25 -53.68 -22.23
N VAL F 168 -11.10 -53.25 -22.73
CA VAL F 168 -11.07 -52.47 -23.97
C VAL F 168 -11.44 -53.36 -25.16
N GLU F 169 -10.96 -54.61 -25.17
CA GLU F 169 -11.33 -55.57 -26.21
C GLU F 169 -12.85 -55.77 -26.24
N GLU F 170 -13.46 -55.90 -25.05
CA GLU F 170 -14.89 -56.11 -24.93
C GLU F 170 -15.66 -54.86 -25.36
N ALA F 171 -15.08 -53.68 -25.12
CA ALA F 171 -15.74 -52.43 -25.50
C ALA F 171 -15.73 -52.25 -27.03
N ILE F 172 -14.67 -52.72 -27.70
CA ILE F 172 -14.58 -52.68 -29.15
C ILE F 172 -15.69 -53.55 -29.74
N LYS F 173 -15.81 -54.80 -29.24
CA LYS F 173 -16.85 -55.75 -29.60
C LYS F 173 -18.23 -55.11 -29.45
N ALA F 174 -18.47 -54.43 -28.32
CA ALA F 174 -19.77 -53.85 -28.01
C ALA F 174 -20.01 -52.56 -28.79
N GLY F 175 -18.95 -52.02 -29.43
CA GLY F 175 -18.96 -50.71 -30.06
C GLY F 175 -19.14 -49.55 -29.08
N ASP F 176 -18.59 -49.66 -27.85
CA ASP F 176 -18.66 -48.58 -26.87
C ASP F 176 -17.80 -47.41 -27.32
N LYS F 177 -18.22 -46.20 -26.93
CA LYS F 177 -17.49 -45.00 -27.32
C LYS F 177 -17.38 -44.05 -26.13
N TYR F 178 -16.20 -43.44 -25.98
CA TYR F 178 -15.98 -42.48 -24.90
C TYR F 178 -15.47 -41.15 -25.48
N ASP F 179 -15.69 -40.07 -24.71
CA ASP F 179 -15.17 -38.76 -25.06
C ASP F 179 -13.72 -38.60 -24.60
N VAL F 180 -13.44 -39.06 -23.38
CA VAL F 180 -12.13 -38.89 -22.75
C VAL F 180 -11.75 -40.22 -22.12
N ILE F 181 -10.56 -40.70 -22.48
CA ILE F 181 -9.99 -41.86 -21.81
C ILE F 181 -8.73 -41.44 -21.06
N ILE F 182 -8.71 -41.74 -19.76
CA ILE F 182 -7.63 -41.39 -18.87
C ILE F 182 -6.96 -42.68 -18.43
N MET F 183 -5.67 -42.83 -18.71
CA MET F 183 -4.96 -44.01 -18.25
C MET F 183 -4.09 -43.66 -17.04
N ASP F 184 -4.44 -44.28 -15.92
CA ASP F 184 -3.84 -43.99 -14.63
C ASP F 184 -3.30 -45.28 -14.04
N LEU F 185 -2.30 -45.85 -14.71
CA LEU F 185 -1.78 -47.17 -14.40
C LEU F 185 -0.49 -47.07 -13.61
N THR F 186 0.00 -48.23 -13.14
CA THR F 186 1.33 -48.37 -12.60
C THR F 186 2.33 -48.09 -13.72
N ASP F 187 3.60 -47.90 -13.37
CA ASP F 187 4.56 -47.28 -14.28
C ASP F 187 4.91 -48.16 -15.46
N PRO F 188 5.15 -47.59 -16.65
CA PRO F 188 5.60 -48.36 -17.81
C PRO F 188 7.03 -48.91 -17.67
N TYR F 189 7.81 -48.41 -16.69
CA TYR F 189 9.19 -48.87 -16.61
C TYR F 189 9.35 -49.98 -15.57
N SER F 190 8.28 -50.30 -14.84
CA SER F 190 8.49 -51.19 -13.71
C SER F 190 7.39 -52.24 -13.59
N SER F 191 6.25 -52.01 -14.23
CA SER F 191 5.04 -52.76 -13.88
C SER F 191 4.71 -53.80 -14.93
N ASP F 192 4.80 -55.07 -14.51
CA ASP F 192 4.51 -56.19 -15.38
C ASP F 192 3.03 -56.18 -15.75
N ILE F 193 2.15 -55.96 -14.77
CA ILE F 193 0.72 -56.08 -14.98
C ILE F 193 0.20 -55.03 -15.95
N ALA F 194 0.95 -53.96 -16.20
CA ALA F 194 0.42 -52.88 -17.01
C ALA F 194 1.10 -52.81 -18.38
N LYS F 195 2.10 -53.66 -18.64
CA LYS F 195 2.99 -53.45 -19.78
C LYS F 195 2.22 -53.50 -21.12
N GLN F 196 1.19 -54.35 -21.22
CA GLN F 196 0.44 -54.53 -22.45
C GLN F 196 -0.37 -53.27 -22.77
N LEU F 197 -0.61 -52.41 -21.77
CA LEU F 197 -1.46 -51.26 -22.02
C LEU F 197 -0.64 -50.09 -22.56
N TYR F 198 0.67 -50.26 -22.72
CA TYR F 198 1.50 -49.13 -23.12
C TYR F 198 2.05 -49.29 -24.54
N THR F 199 1.54 -50.25 -25.31
CA THR F 199 2.05 -50.54 -26.65
C THR F 199 1.31 -49.70 -27.70
N ARG F 200 1.94 -49.50 -28.87
CA ARG F 200 1.39 -48.91 -30.08
C ARG F 200 0.04 -49.56 -30.42
N GLU F 201 -0.06 -50.88 -30.27
CA GLU F 201 -1.26 -51.64 -30.58
C GLU F 201 -2.37 -51.31 -29.60
N PHE F 202 -2.04 -51.14 -28.31
CA PHE F 202 -3.08 -50.78 -27.37
C PHE F 202 -3.63 -49.37 -27.66
N PHE F 203 -2.78 -48.44 -28.11
CA PHE F 203 -3.26 -47.09 -28.40
C PHE F 203 -4.16 -47.08 -29.63
N ALA F 204 -3.92 -48.03 -30.56
CA ALA F 204 -4.81 -48.24 -31.70
C ALA F 204 -6.18 -48.69 -31.21
N LYS F 205 -6.21 -49.55 -30.18
CA LYS F 205 -7.47 -49.99 -29.61
C LYS F 205 -8.18 -48.86 -28.88
N ILE F 206 -7.40 -48.01 -28.18
CA ILE F 206 -7.96 -46.87 -27.47
C ILE F 206 -8.67 -45.97 -28.48
N ARG F 207 -8.01 -45.69 -29.60
CA ARG F 207 -8.61 -44.86 -30.63
C ARG F 207 -9.96 -45.45 -31.11
N ARG F 208 -10.11 -46.78 -31.11
CA ARG F 208 -11.32 -47.40 -31.62
C ARG F 208 -12.49 -47.21 -30.66
N ILE F 209 -12.22 -46.90 -29.38
CA ILE F 209 -13.30 -46.70 -28.43
C ILE F 209 -13.47 -45.22 -28.08
N LEU F 210 -12.83 -44.32 -28.85
CA LEU F 210 -13.04 -42.89 -28.71
C LEU F 210 -14.04 -42.42 -29.77
N ASN F 211 -14.85 -41.41 -29.42
CA ASN F 211 -15.57 -40.65 -30.43
C ASN F 211 -14.57 -39.97 -31.37
N ASP F 212 -15.06 -39.36 -32.45
CA ASP F 212 -14.22 -38.81 -33.50
C ASP F 212 -13.41 -37.61 -33.01
N ASP F 213 -13.93 -36.94 -31.97
CA ASP F 213 -13.29 -35.77 -31.40
C ASP F 213 -12.75 -36.08 -29.99
N GLY F 214 -12.42 -37.35 -29.73
CA GLY F 214 -12.09 -37.78 -28.38
C GLY F 214 -10.65 -37.44 -27.97
N VAL F 215 -10.36 -37.57 -26.67
CA VAL F 215 -9.00 -37.37 -26.22
C VAL F 215 -8.58 -38.44 -25.23
N VAL F 216 -7.31 -38.83 -25.33
CA VAL F 216 -6.71 -39.75 -24.38
C VAL F 216 -5.58 -39.01 -23.66
N VAL F 217 -5.40 -39.35 -22.38
CA VAL F 217 -4.24 -38.90 -21.65
C VAL F 217 -3.72 -40.05 -20.81
N THR F 218 -2.39 -40.16 -20.72
CA THR F 218 -1.74 -41.20 -19.92
C THR F 218 -0.53 -40.60 -19.19
N GLN F 219 -0.21 -41.15 -18.02
CA GLN F 219 1.10 -40.86 -17.45
C GLN F 219 2.10 -41.79 -18.14
N ALA F 220 3.34 -41.33 -18.32
CA ALA F 220 4.34 -42.05 -19.11
C ALA F 220 5.65 -42.23 -18.34
N GLY F 221 5.56 -42.33 -17.00
CA GLY F 221 6.76 -42.51 -16.21
C GLY F 221 7.56 -41.21 -16.08
N ASN F 222 8.84 -41.27 -16.42
CA ASN F 222 9.72 -40.14 -16.24
C ASN F 222 10.78 -40.13 -17.33
N SER F 223 10.82 -39.03 -18.10
CA SER F 223 11.71 -38.89 -19.24
C SER F 223 13.16 -38.65 -18.83
N PHE F 224 13.39 -38.27 -17.55
CA PHE F 224 14.73 -37.97 -17.11
C PHE F 224 15.43 -39.27 -16.73
N TYR F 225 14.76 -40.08 -15.90
CA TYR F 225 15.37 -41.29 -15.38
C TYR F 225 15.12 -42.49 -16.31
N PHE F 226 14.00 -42.49 -17.05
CA PHE F 226 13.64 -43.62 -17.90
C PHE F 226 13.29 -43.15 -19.31
N PRO F 227 14.24 -42.53 -20.05
CA PRO F 227 13.96 -41.95 -21.36
C PRO F 227 13.49 -42.99 -22.39
N ALA F 228 14.09 -44.21 -22.34
CA ALA F 228 13.75 -45.23 -23.33
C ALA F 228 12.28 -45.63 -23.20
N GLU F 229 11.85 -45.92 -21.97
CA GLU F 229 10.46 -46.28 -21.73
C GLU F 229 9.55 -45.10 -22.08
N TYR F 230 10.00 -43.87 -21.78
CA TYR F 230 9.20 -42.70 -22.08
C TYR F 230 8.98 -42.58 -23.59
N ASP F 231 10.09 -42.64 -24.35
CA ASP F 231 10.06 -42.50 -25.80
C ASP F 231 9.17 -43.56 -26.46
N MET F 232 9.17 -44.78 -25.90
CA MET F 232 8.36 -45.85 -26.43
C MET F 232 6.87 -45.51 -26.29
N VAL F 233 6.47 -45.00 -25.13
CA VAL F 233 5.07 -44.62 -24.94
C VAL F 233 4.73 -43.47 -25.88
N LEU F 234 5.65 -42.50 -26.01
CA LEU F 234 5.42 -41.34 -26.86
C LEU F 234 5.21 -41.75 -28.32
N GLU F 235 6.11 -42.60 -28.84
CA GLU F 235 6.00 -43.12 -30.20
C GLU F 235 4.66 -43.80 -30.43
N GLY F 236 4.25 -44.63 -29.46
CA GLY F 236 2.95 -45.31 -29.49
C GLY F 236 1.78 -44.34 -29.65
N VAL F 237 1.82 -43.22 -28.92
CA VAL F 237 0.71 -42.29 -28.94
C VAL F 237 0.71 -41.53 -30.26
N LYS F 238 1.91 -41.13 -30.70
CA LYS F 238 2.10 -40.34 -31.91
C LYS F 238 1.66 -41.12 -33.16
N ALA F 239 1.87 -42.43 -33.17
CA ALA F 239 1.47 -43.28 -34.29
C ALA F 239 -0.05 -43.34 -34.42
N ASN F 240 -0.80 -42.92 -33.40
CA ASN F 240 -2.23 -43.14 -33.39
C ASN F 240 -3.03 -41.84 -33.28
N PHE F 241 -2.37 -40.73 -32.92
CA PHE F 241 -3.09 -39.50 -32.66
C PHE F 241 -2.39 -38.36 -33.37
N PRO F 242 -3.14 -37.49 -34.09
CA PRO F 242 -2.53 -36.38 -34.82
C PRO F 242 -2.04 -35.25 -33.92
N ILE F 243 -2.70 -35.06 -32.77
CA ILE F 243 -2.30 -34.00 -31.83
C ILE F 243 -1.80 -34.64 -30.55
N VAL F 244 -0.56 -34.32 -30.18
CA VAL F 244 0.07 -34.86 -29.00
C VAL F 244 0.72 -33.74 -28.18
N ALA F 245 0.36 -33.64 -26.90
CA ALA F 245 0.99 -32.70 -25.97
C ALA F 245 1.73 -33.48 -24.88
N GLU F 246 2.94 -33.03 -24.55
CA GLU F 246 3.76 -33.60 -23.49
C GLU F 246 3.92 -32.56 -22.38
N TYR F 247 3.69 -32.95 -21.13
CA TYR F 247 3.88 -32.02 -20.03
C TYR F 247 4.27 -32.81 -18.79
N GLU F 248 4.86 -32.13 -17.81
CA GLU F 248 5.33 -32.82 -16.63
C GLU F 248 5.03 -31.98 -15.39
N VAL F 249 4.95 -32.62 -14.22
CA VAL F 249 4.71 -31.94 -12.97
C VAL F 249 5.50 -32.67 -11.89
N TRP F 250 6.17 -31.88 -11.05
CA TRP F 250 6.94 -32.44 -9.95
C TRP F 250 5.99 -32.98 -8.87
N ILE F 251 6.15 -34.25 -8.49
CA ILE F 251 5.36 -34.83 -7.43
C ILE F 251 6.32 -35.19 -6.31
N PRO F 252 6.42 -34.41 -5.22
CA PRO F 252 7.43 -34.66 -4.20
C PRO F 252 7.52 -36.12 -3.73
N SER F 253 6.37 -36.77 -3.50
CA SER F 253 6.38 -38.11 -2.93
C SER F 253 6.96 -39.16 -3.88
N PHE F 254 6.95 -38.89 -5.20
CA PHE F 254 7.54 -39.83 -6.16
C PHE F 254 9.05 -39.62 -6.30
N GLY F 255 9.53 -38.42 -5.97
CA GLY F 255 10.94 -38.13 -6.18
C GLY F 255 11.23 -37.63 -7.60
N TYR F 256 10.21 -37.35 -8.41
CA TYR F 256 10.47 -36.88 -9.76
C TYR F 256 9.25 -36.18 -10.34
N ALA F 257 9.45 -35.55 -11.51
CA ALA F 257 8.38 -34.93 -12.26
C ALA F 257 7.74 -35.99 -13.16
N VAL F 258 6.46 -36.27 -12.93
CA VAL F 258 5.75 -37.26 -13.73
C VAL F 258 5.52 -36.65 -15.12
N ASN F 259 5.72 -37.46 -16.15
CA ASN F 259 5.43 -37.06 -17.52
C ASN F 259 4.04 -37.53 -17.93
N PHE F 260 3.28 -36.63 -18.56
CA PHE F 260 1.99 -36.97 -19.10
C PHE F 260 2.02 -36.78 -20.60
N ILE F 261 1.21 -37.56 -21.31
CA ILE F 261 1.10 -37.47 -22.76
C ILE F 261 -0.39 -37.41 -23.07
N LEU F 262 -0.80 -36.33 -23.73
CA LEU F 262 -2.17 -36.13 -24.13
C LEU F 262 -2.26 -36.33 -25.64
N GLY F 263 -3.14 -37.25 -26.07
CA GLY F 263 -3.41 -37.51 -27.47
C GLY F 263 -4.83 -37.05 -27.81
N SER F 264 -4.97 -36.32 -28.92
CA SER F 264 -6.26 -35.75 -29.28
C SER F 264 -6.55 -35.98 -30.76
N LEU F 265 -7.84 -36.17 -31.07
CA LEU F 265 -8.25 -36.44 -32.44
C LEU F 265 -8.64 -35.15 -33.17
N ARG F 266 -9.06 -34.11 -32.45
CA ARG F 266 -9.54 -32.90 -33.09
C ARG F 266 -9.05 -31.62 -32.38
N TYR F 267 -9.26 -31.52 -31.05
CA TYR F 267 -9.05 -30.28 -30.32
C TYR F 267 -7.63 -30.23 -29.75
N ASP F 268 -7.01 -29.04 -29.85
CA ASP F 268 -5.61 -28.85 -29.52
C ASP F 268 -5.50 -28.17 -28.16
N PRO F 269 -4.87 -28.81 -27.15
CA PRO F 269 -4.70 -28.16 -25.84
C PRO F 269 -3.83 -26.91 -25.92
N HIS F 270 -2.96 -26.82 -26.94
CA HIS F 270 -2.09 -25.67 -27.15
C HIS F 270 -2.86 -24.43 -27.59
N ALA F 271 -4.10 -24.60 -28.07
CA ALA F 271 -4.87 -23.49 -28.60
C ALA F 271 -5.72 -22.83 -27.51
N LEU F 272 -5.79 -23.45 -26.32
CA LEU F 272 -6.61 -22.92 -25.24
C LEU F 272 -5.93 -21.72 -24.58
N THR F 273 -6.67 -20.63 -24.40
CA THR F 273 -6.11 -19.51 -23.65
C THR F 273 -6.44 -19.71 -22.17
N PRO F 274 -5.69 -19.06 -21.24
CA PRO F 274 -6.02 -19.19 -19.82
C PRO F 274 -7.51 -18.85 -19.57
N SER F 275 -8.03 -17.81 -20.24
CA SER F 275 -9.39 -17.35 -20.04
C SER F 275 -10.40 -18.41 -20.44
N GLU F 276 -10.16 -19.09 -21.57
CA GLU F 276 -11.03 -20.15 -22.03
C GLU F 276 -11.01 -21.32 -21.05
N VAL F 277 -9.82 -21.64 -20.49
CA VAL F 277 -9.74 -22.73 -19.54
C VAL F 277 -10.58 -22.39 -18.31
N ASP F 278 -10.41 -21.17 -17.79
CA ASP F 278 -11.07 -20.75 -16.58
C ASP F 278 -12.59 -20.69 -16.79
N GLU F 279 -13.01 -20.28 -17.99
CA GLU F 279 -14.43 -20.19 -18.29
C GLU F 279 -15.05 -21.59 -18.34
N ARG F 280 -14.35 -22.56 -18.96
CA ARG F 280 -14.86 -23.92 -18.98
C ARG F 280 -14.92 -24.52 -17.57
N LEU F 281 -13.89 -24.27 -16.74
CA LEU F 281 -13.89 -24.80 -15.39
C LEU F 281 -15.08 -24.21 -14.61
N ARG F 282 -15.30 -22.90 -14.74
CA ARG F 282 -16.39 -22.23 -14.06
C ARG F 282 -17.74 -22.77 -14.53
N ALA F 283 -17.93 -22.86 -15.85
CA ALA F 283 -19.20 -23.28 -16.41
C ALA F 283 -19.57 -24.67 -15.92
N ARG F 284 -18.55 -25.51 -15.68
CA ARG F 284 -18.78 -26.91 -15.36
C ARG F 284 -18.76 -27.14 -13.84
N GLY F 285 -18.52 -26.08 -13.06
CA GLY F 285 -18.54 -26.15 -11.60
C GLY F 285 -17.31 -26.85 -11.01
N VAL F 286 -16.15 -26.73 -11.70
CA VAL F 286 -14.96 -27.49 -11.32
C VAL F 286 -14.14 -26.65 -10.34
N LYS F 287 -13.96 -27.17 -9.13
CA LYS F 287 -13.12 -26.52 -8.13
C LYS F 287 -11.85 -27.34 -8.01
N THR F 288 -10.70 -26.65 -7.96
CA THR F 288 -9.39 -27.31 -7.97
C THR F 288 -8.51 -26.66 -6.91
N ALA F 289 -7.46 -27.39 -6.48
CA ALA F 289 -6.46 -26.86 -5.58
C ALA F 289 -5.27 -26.30 -6.36
N PHE F 290 -5.15 -26.68 -7.65
CA PHE F 290 -3.94 -26.39 -8.39
C PHE F 290 -4.24 -25.87 -9.79
N TYR F 291 -4.95 -26.69 -10.57
CA TYR F 291 -5.12 -26.43 -11.99
C TYR F 291 -5.95 -25.18 -12.23
N THR F 292 -5.43 -24.29 -13.10
CA THR F 292 -6.10 -23.09 -13.56
C THR F 292 -5.66 -22.85 -15.01
N GLY F 293 -6.17 -21.78 -15.63
CA GLY F 293 -5.82 -21.43 -16.99
C GLY F 293 -4.33 -21.10 -17.11
N ARG F 294 -3.77 -20.42 -16.09
CA ARG F 294 -2.37 -20.08 -16.11
C ARG F 294 -1.51 -21.34 -15.95
N VAL F 295 -1.96 -22.30 -15.14
CA VAL F 295 -1.23 -23.56 -15.00
C VAL F 295 -1.22 -24.28 -16.36
N HIS F 296 -2.37 -24.28 -17.05
CA HIS F 296 -2.47 -24.93 -18.35
C HIS F 296 -1.42 -24.34 -19.29
N LEU F 297 -1.32 -23.00 -19.33
CA LEU F 297 -0.36 -22.33 -20.17
C LEU F 297 1.07 -22.77 -19.80
N ALA F 298 1.37 -22.82 -18.51
CA ALA F 298 2.70 -23.24 -18.06
C ALA F 298 2.99 -24.68 -18.50
N LEU F 299 2.03 -25.59 -18.30
CA LEU F 299 2.22 -26.99 -18.65
C LEU F 299 2.49 -27.13 -20.15
N MET F 300 1.80 -26.32 -20.96
CA MET F 300 1.89 -26.42 -22.41
C MET F 300 3.21 -25.85 -22.92
N ASN F 301 3.92 -25.05 -22.10
CA ASN F 301 5.08 -24.34 -22.61
C ASN F 301 6.39 -24.82 -21.98
N MET F 302 6.32 -25.60 -20.89
CA MET F 302 7.52 -26.03 -20.20
C MET F 302 8.04 -27.31 -20.86
N PRO F 303 9.27 -27.35 -21.42
CA PRO F 303 9.81 -28.57 -22.01
C PRO F 303 10.07 -29.59 -20.91
N ILE F 304 10.05 -30.87 -21.25
CA ILE F 304 10.25 -31.92 -20.26
C ILE F 304 11.74 -32.06 -19.97
N HIS F 305 12.08 -32.62 -18.81
CA HIS F 305 13.46 -32.79 -18.39
C HIS F 305 14.10 -33.99 -19.08
N ARG F 306 15.37 -33.84 -19.47
CA ARG F 306 16.20 -34.92 -19.99
C ARG F 306 17.56 -34.75 -19.32
N LYS F 307 18.32 -35.84 -19.19
CA LYS F 307 19.71 -35.72 -18.79
C LYS F 307 20.43 -34.89 -19.84
N LEU F 308 21.17 -33.86 -19.41
CA LEU F 308 21.73 -32.92 -20.38
C LEU F 308 23.17 -33.28 -20.73
N ARG F 309 23.80 -34.15 -19.93
CA ARG F 309 25.11 -34.67 -20.31
C ARG F 309 25.15 -36.20 -20.14
N VAL G 24 -25.19 23.62 -40.84
CA VAL G 24 -25.66 22.88 -42.08
C VAL G 24 -24.67 23.08 -43.26
N PRO G 25 -24.27 22.00 -43.99
CA PRO G 25 -23.07 22.03 -44.82
C PRO G 25 -23.34 22.81 -46.09
N GLY G 26 -22.28 23.48 -46.56
CA GLY G 26 -22.31 24.26 -47.78
C GLY G 26 -21.35 25.45 -47.66
N PRO G 27 -21.21 26.30 -48.69
CA PRO G 27 -22.05 26.20 -49.89
C PRO G 27 -21.78 25.06 -50.87
N ILE G 28 -20.52 24.57 -50.92
CA ILE G 28 -20.18 23.46 -51.80
C ILE G 28 -20.19 22.17 -50.98
N THR G 29 -20.80 21.13 -51.54
CA THR G 29 -21.23 19.96 -50.80
C THR G 29 -20.98 18.72 -51.65
N LEU G 30 -20.52 17.64 -51.01
CA LEU G 30 -20.55 16.33 -51.65
C LEU G 30 -21.82 15.63 -51.17
N ILE G 31 -22.57 15.05 -52.11
CA ILE G 31 -23.67 14.18 -51.74
C ILE G 31 -23.20 12.74 -51.84
N GLU G 32 -22.91 12.13 -50.69
CA GLU G 32 -22.37 10.77 -50.71
C GLU G 32 -23.52 9.79 -50.51
N PRO G 33 -23.77 8.88 -51.47
CA PRO G 33 -24.86 7.91 -51.34
C PRO G 33 -24.47 7.00 -50.19
N LEU G 34 -25.46 6.55 -49.45
CA LEU G 34 -25.18 5.61 -48.39
C LEU G 34 -25.98 4.35 -48.72
N SER G 35 -27.30 4.41 -48.51
CA SER G 35 -28.11 3.22 -48.67
C SER G 35 -29.05 3.32 -49.85
N GLY G 36 -29.13 4.49 -50.48
CA GLY G 36 -30.26 4.71 -51.36
C GLY G 36 -31.39 5.46 -50.64
N ASN G 37 -31.62 5.17 -49.35
CA ASN G 37 -32.67 5.83 -48.60
C ASN G 37 -32.10 6.83 -47.59
N THR G 38 -30.76 6.85 -47.50
CA THR G 38 -30.01 7.78 -46.68
C THR G 38 -28.79 8.16 -47.52
N SER G 39 -28.43 9.46 -47.50
CA SER G 39 -27.17 9.92 -48.08
C SER G 39 -26.52 10.88 -47.08
N LEU G 40 -25.22 11.17 -47.26
CA LEU G 40 -24.53 12.16 -46.45
C LEU G 40 -24.37 13.43 -47.27
N LEU G 41 -24.53 14.59 -46.61
CA LEU G 41 -24.13 15.86 -47.19
C LEU G 41 -22.86 16.31 -46.48
N ILE G 42 -21.78 16.51 -47.24
CA ILE G 42 -20.47 16.76 -46.65
C ILE G 42 -19.92 18.05 -47.25
N LYS G 43 -19.61 19.04 -46.39
CA LYS G 43 -19.02 20.28 -46.84
C LYS G 43 -17.64 20.04 -47.47
N ILE G 44 -17.44 20.62 -48.65
CA ILE G 44 -16.21 20.57 -49.43
C ILE G 44 -15.53 21.94 -49.34
N ASN G 45 -14.22 21.96 -49.05
CA ASN G 45 -13.46 23.22 -49.02
C ASN G 45 -12.75 23.48 -50.32
N ALA G 46 -12.35 22.43 -51.05
CA ALA G 46 -11.58 22.57 -52.29
C ALA G 46 -11.64 21.27 -53.05
N ILE G 47 -11.51 21.36 -54.38
CA ILE G 47 -11.38 20.20 -55.25
C ILE G 47 -10.00 20.25 -55.89
N HIS G 48 -9.17 19.22 -55.66
CA HIS G 48 -7.81 19.19 -56.16
C HIS G 48 -7.74 18.51 -57.52
N SER G 49 -8.68 17.61 -57.81
CA SER G 49 -8.63 16.87 -59.06
C SER G 49 -9.94 16.16 -59.35
N VAL G 50 -10.35 16.22 -60.63
CA VAL G 50 -11.49 15.48 -61.15
C VAL G 50 -11.02 14.77 -62.42
N LYS G 51 -11.22 13.45 -62.47
CA LYS G 51 -10.72 12.69 -63.60
C LYS G 51 -11.70 11.58 -63.91
N LYS G 52 -12.22 11.59 -65.14
CA LYS G 52 -13.01 10.48 -65.64
C LYS G 52 -12.04 9.47 -66.24
N SER G 53 -11.73 8.41 -65.48
CA SER G 53 -10.87 7.34 -65.95
C SER G 53 -11.69 6.39 -66.81
N PRO G 54 -11.07 5.43 -67.54
CA PRO G 54 -11.83 4.41 -68.26
C PRO G 54 -12.73 3.55 -67.36
N TYR G 55 -12.46 3.53 -66.04
CA TYR G 55 -13.15 2.59 -65.16
C TYR G 55 -14.15 3.29 -64.24
N GLN G 56 -13.85 4.53 -63.83
CA GLN G 56 -14.63 5.18 -62.78
C GLN G 56 -14.30 6.66 -62.72
N GLU G 57 -15.19 7.42 -62.09
CA GLU G 57 -15.02 8.86 -61.93
C GLU G 57 -14.28 9.08 -60.60
N ILE G 58 -13.18 9.85 -60.65
CA ILE G 58 -12.30 10.03 -59.51
C ILE G 58 -12.34 11.50 -59.10
N ILE G 59 -12.50 11.76 -57.80
CA ILE G 59 -12.37 13.11 -57.30
C ILE G 59 -11.46 13.10 -56.08
N ILE G 60 -10.55 14.07 -56.01
CA ILE G 60 -9.80 14.27 -54.78
C ILE G 60 -10.15 15.66 -54.28
N ALA G 61 -10.55 15.74 -52.99
CA ALA G 61 -11.14 16.97 -52.48
C ALA G 61 -10.71 17.12 -51.02
N ASP G 62 -10.86 18.33 -50.51
CA ASP G 62 -10.71 18.59 -49.08
C ASP G 62 -12.11 18.77 -48.51
N THR G 63 -12.38 18.04 -47.43
CA THR G 63 -13.65 18.19 -46.72
C THR G 63 -13.33 18.86 -45.40
N GLU G 64 -14.31 19.63 -44.89
CA GLU G 64 -14.12 20.25 -43.59
C GLU G 64 -13.96 19.19 -42.50
N ASP G 65 -14.85 18.18 -42.48
CA ASP G 65 -14.89 17.24 -41.38
C ASP G 65 -13.77 16.21 -41.44
N TYR G 66 -13.38 15.78 -42.65
CA TYR G 66 -12.58 14.58 -42.77
C TYR G 66 -11.23 14.87 -43.43
N GLY G 67 -10.96 16.14 -43.71
CA GLY G 67 -9.75 16.50 -44.43
C GLY G 67 -9.80 15.98 -45.86
N ARG G 68 -8.63 15.64 -46.40
CA ARG G 68 -8.57 15.20 -47.78
C ARG G 68 -9.19 13.83 -47.97
N VAL G 69 -9.92 13.64 -49.09
CA VAL G 69 -10.63 12.40 -49.37
C VAL G 69 -10.36 11.98 -50.80
N LEU G 70 -10.41 10.67 -51.04
CA LEU G 70 -10.53 10.13 -52.37
C LEU G 70 -11.98 9.68 -52.55
N ILE G 71 -12.59 10.06 -53.67
CA ILE G 71 -13.97 9.72 -53.99
C ILE G 71 -13.97 8.97 -55.33
N LEU G 72 -14.63 7.80 -55.36
CA LEU G 72 -14.80 7.06 -56.60
C LEU G 72 -16.29 6.81 -56.81
N ASP G 73 -16.82 7.30 -57.94
CA ASP G 73 -18.23 7.17 -58.28
C ASP G 73 -19.12 7.66 -57.13
N ASP G 74 -18.74 8.77 -56.49
CA ASP G 74 -19.54 9.46 -55.47
C ASP G 74 -19.30 8.94 -54.06
N TYR G 75 -18.60 7.80 -53.89
CA TYR G 75 -18.34 7.24 -52.58
C TYR G 75 -16.95 7.60 -52.08
N ILE G 76 -16.87 8.17 -50.87
CA ILE G 76 -15.60 8.36 -50.21
C ILE G 76 -14.94 6.98 -49.97
N GLN G 77 -13.68 6.87 -50.39
CA GLN G 77 -12.95 5.62 -50.27
C GLN G 77 -12.06 5.69 -49.05
N SER G 78 -11.71 6.91 -48.65
CA SER G 78 -10.63 7.11 -47.68
C SER G 78 -10.60 8.58 -47.30
N SER G 79 -10.35 8.88 -46.04
CA SER G 79 -10.19 10.27 -45.65
C SER G 79 -8.97 10.36 -44.75
N TYR G 80 -8.30 11.52 -44.75
CA TYR G 80 -7.14 11.72 -43.90
C TYR G 80 -7.48 11.50 -42.43
N VAL G 81 -8.66 11.95 -41.97
CA VAL G 81 -8.86 11.89 -40.52
C VAL G 81 -9.23 10.49 -40.04
N ASP G 82 -9.72 9.60 -40.90
CA ASP G 82 -10.21 8.33 -40.37
C ASP G 82 -9.73 7.10 -41.14
N GLU G 83 -8.91 7.26 -42.19
CA GLU G 83 -8.47 6.14 -43.01
C GLU G 83 -7.66 5.10 -42.20
N GLN G 84 -6.94 5.54 -41.17
CA GLN G 84 -6.17 4.62 -40.35
C GLN G 84 -7.06 3.61 -39.64
N TYR G 85 -8.27 4.02 -39.24
CA TYR G 85 -9.19 3.08 -38.62
C TYR G 85 -9.52 1.99 -39.63
N TYR G 86 -9.71 2.40 -40.89
CA TYR G 86 -10.10 1.44 -41.91
C TYR G 86 -8.93 0.51 -42.22
N HIS G 87 -7.75 1.08 -42.51
CA HIS G 87 -6.66 0.29 -43.07
C HIS G 87 -6.03 -0.59 -42.00
N GLU G 88 -5.98 -0.10 -40.75
CA GLU G 88 -5.47 -0.92 -39.67
C GLU G 88 -6.42 -2.07 -39.36
N SER G 89 -7.74 -1.81 -39.42
CA SER G 89 -8.73 -2.85 -39.19
C SER G 89 -8.71 -3.90 -40.29
N LEU G 90 -8.46 -3.48 -41.53
CA LEU G 90 -8.45 -4.40 -42.65
C LEU G 90 -7.23 -5.31 -42.60
N VAL G 91 -6.07 -4.75 -42.21
CA VAL G 91 -4.80 -5.43 -42.47
C VAL G 91 -4.33 -6.22 -41.25
N HIS G 92 -4.31 -5.58 -40.07
CA HIS G 92 -3.57 -6.13 -38.94
C HIS G 92 -4.20 -7.39 -38.34
N PRO G 93 -5.52 -7.53 -38.17
CA PRO G 93 -6.04 -8.78 -37.61
C PRO G 93 -5.56 -10.00 -38.41
N ALA G 94 -5.57 -9.90 -39.74
CA ALA G 94 -5.14 -11.01 -40.59
C ALA G 94 -3.64 -11.22 -40.46
N MET G 95 -2.86 -10.12 -40.53
CA MET G 95 -1.40 -10.25 -40.53
C MET G 95 -0.94 -10.78 -39.17
N ALA G 96 -1.64 -10.38 -38.09
CA ALA G 96 -1.27 -10.81 -36.76
C ALA G 96 -1.70 -12.25 -36.49
N THR G 97 -2.76 -12.71 -37.17
CA THR G 97 -3.23 -14.07 -37.04
C THR G 97 -2.22 -15.05 -37.62
N HIS G 98 -1.64 -14.69 -38.77
CA HIS G 98 -0.62 -15.49 -39.41
C HIS G 98 0.67 -15.39 -38.61
N PRO G 99 1.29 -16.52 -38.19
CA PRO G 99 2.51 -16.48 -37.39
C PRO G 99 3.75 -15.98 -38.13
N ASN G 100 3.73 -16.01 -39.48
CA ASN G 100 4.92 -15.61 -40.23
C ASN G 100 4.55 -15.21 -41.65
N PRO G 101 3.82 -14.09 -41.89
CA PRO G 101 3.41 -13.75 -43.26
C PRO G 101 4.56 -13.13 -44.05
N ARG G 102 4.98 -13.80 -45.14
CA ARG G 102 6.17 -13.39 -45.87
C ARG G 102 5.77 -12.83 -47.24
N ASP G 103 4.72 -13.42 -47.83
CA ASP G 103 4.23 -13.04 -49.15
C ASP G 103 2.78 -12.59 -49.04
N VAL G 104 2.52 -11.35 -49.45
CA VAL G 104 1.22 -10.71 -49.30
C VAL G 104 0.75 -10.25 -50.67
N LEU G 105 -0.53 -10.52 -50.97
CA LEU G 105 -1.18 -10.01 -52.15
C LEU G 105 -2.31 -9.07 -51.71
N ILE G 106 -2.42 -7.90 -52.35
CA ILE G 106 -3.46 -6.93 -52.12
C ILE G 106 -4.19 -6.70 -53.45
N LEU G 107 -5.51 -6.96 -53.48
CA LEU G 107 -6.33 -6.61 -54.62
C LEU G 107 -7.05 -5.30 -54.29
N GLY G 108 -6.90 -4.29 -55.16
CA GLY G 108 -7.39 -2.95 -54.91
C GLY G 108 -6.34 -2.09 -54.19
N GLY G 109 -6.79 -1.32 -53.19
CA GLY G 109 -5.86 -0.57 -52.35
C GLY G 109 -5.14 0.56 -53.11
N GLY G 110 -5.82 1.13 -54.10
CA GLY G 110 -5.26 2.10 -55.02
C GLY G 110 -4.60 3.32 -54.37
N GLU G 111 -5.00 3.69 -53.15
CA GLU G 111 -4.38 4.84 -52.52
C GLU G 111 -3.08 4.46 -51.81
N GLY G 112 -2.81 3.15 -51.64
CA GLY G 112 -1.53 2.72 -51.12
C GLY G 112 -1.48 2.59 -49.60
N ALA G 113 -2.59 2.88 -48.90
CA ALA G 113 -2.58 2.80 -47.43
C ALA G 113 -2.59 1.34 -46.97
N THR G 114 -3.22 0.44 -47.73
CA THR G 114 -3.26 -0.98 -47.38
C THR G 114 -1.84 -1.54 -47.46
N LEU G 115 -1.15 -1.23 -48.56
CA LEU G 115 0.26 -1.56 -48.75
C LEU G 115 1.11 -0.99 -47.61
N ARG G 116 0.89 0.29 -47.26
CA ARG G 116 1.59 0.92 -46.15
C ARG G 116 1.48 0.06 -44.87
N GLU G 117 0.26 -0.40 -44.54
CA GLU G 117 0.04 -1.14 -43.29
C GLU G 117 0.68 -2.52 -43.36
N ALA G 118 0.54 -3.21 -44.50
CA ALA G 118 1.09 -4.54 -44.64
C ALA G 118 2.62 -4.54 -44.53
N LEU G 119 3.27 -3.52 -45.12
CA LEU G 119 4.72 -3.44 -45.13
C LEU G 119 5.30 -3.21 -43.74
N LYS G 120 4.46 -2.82 -42.77
CA LYS G 120 4.95 -2.57 -41.42
C LYS G 120 5.39 -3.87 -40.74
N HIS G 121 4.83 -5.00 -41.17
CA HIS G 121 5.22 -6.29 -40.62
C HIS G 121 6.61 -6.67 -41.13
N GLY G 122 7.58 -6.75 -40.20
CA GLY G 122 8.98 -7.00 -40.53
C GLY G 122 9.19 -8.35 -41.21
N THR G 123 8.23 -9.28 -41.07
CA THR G 123 8.34 -10.59 -41.68
C THR G 123 8.09 -10.55 -43.20
N VAL G 124 7.45 -9.48 -43.68
CA VAL G 124 7.03 -9.45 -45.07
C VAL G 124 8.26 -9.25 -45.96
N LYS G 125 8.41 -10.14 -46.97
CA LYS G 125 9.52 -10.09 -47.89
C LYS G 125 9.06 -9.57 -49.24
N ARG G 126 7.80 -9.86 -49.59
CA ARG G 126 7.22 -9.51 -50.87
C ARG G 126 5.75 -9.15 -50.68
N ALA G 127 5.39 -7.93 -51.10
CA ALA G 127 4.00 -7.47 -51.09
C ALA G 127 3.64 -7.00 -52.49
N VAL G 128 2.61 -7.62 -53.08
CA VAL G 128 2.14 -7.25 -54.40
C VAL G 128 0.78 -6.58 -54.26
N MET G 129 0.63 -5.45 -54.94
CA MET G 129 -0.61 -4.68 -54.95
C MET G 129 -1.10 -4.60 -56.38
N VAL G 130 -2.34 -5.04 -56.61
CA VAL G 130 -2.92 -5.09 -57.95
C VAL G 130 -4.16 -4.21 -57.98
N ASP G 131 -4.13 -3.15 -58.79
CA ASP G 131 -5.28 -2.28 -58.98
C ASP G 131 -5.57 -2.18 -60.47
N ILE G 132 -6.86 -2.15 -60.83
CA ILE G 132 -7.28 -2.10 -62.22
C ILE G 132 -7.04 -0.71 -62.84
N ASP G 133 -6.85 0.33 -62.02
CA ASP G 133 -6.99 1.70 -62.52
C ASP G 133 -5.74 2.53 -62.24
N ARG G 134 -4.93 2.74 -63.30
CA ARG G 134 -3.68 3.50 -63.21
C ARG G 134 -3.92 4.92 -62.69
N ASP G 135 -5.05 5.51 -63.05
CA ASP G 135 -5.38 6.88 -62.67
C ASP G 135 -5.50 7.04 -61.16
N VAL G 136 -6.08 6.03 -60.48
CA VAL G 136 -6.25 6.10 -59.04
C VAL G 136 -4.86 6.13 -58.39
N VAL G 137 -4.00 5.20 -58.82
CA VAL G 137 -2.65 5.09 -58.26
C VAL G 137 -1.87 6.37 -58.52
N GLU G 138 -1.95 6.93 -59.74
CA GLU G 138 -1.23 8.14 -60.08
C GLU G 138 -1.72 9.34 -59.28
N LEU G 139 -3.04 9.51 -59.22
CA LEU G 139 -3.60 10.65 -58.48
C LEU G 139 -3.32 10.52 -56.98
N SER G 140 -3.26 9.27 -56.45
CA SER G 140 -2.90 9.09 -55.05
C SER G 140 -1.45 9.49 -54.82
N ARG G 141 -0.56 9.06 -55.72
CA ARG G 141 0.85 9.40 -55.60
C ARG G 141 0.98 10.90 -55.45
N ALA G 142 0.31 11.63 -56.35
CA ALA G 142 0.37 13.09 -56.39
C ALA G 142 -0.33 13.74 -55.18
N TYR G 143 -1.55 13.31 -54.84
CA TYR G 143 -2.39 14.14 -53.99
C TYR G 143 -2.68 13.56 -52.61
N LEU G 144 -2.32 12.29 -52.36
CA LEU G 144 -2.66 11.67 -51.08
C LEU G 144 -1.41 11.16 -50.37
N PRO G 145 -0.35 12.00 -50.19
CA PRO G 145 0.90 11.53 -49.60
C PRO G 145 0.76 10.92 -48.20
N GLN G 146 -0.19 11.43 -47.40
CA GLN G 146 -0.38 10.89 -46.05
C GLN G 146 -1.00 9.49 -46.07
N MET G 147 -1.53 9.07 -47.23
CA MET G 147 -2.03 7.71 -47.29
C MET G 147 -0.93 6.73 -47.65
N HIS G 148 -0.26 6.91 -48.80
CA HIS G 148 0.71 5.92 -49.25
C HIS G 148 1.99 6.01 -48.40
N GLN G 149 2.37 7.23 -48.01
CA GLN G 149 3.59 7.47 -47.25
C GLN G 149 4.80 6.75 -47.86
N GLY G 150 4.93 6.78 -49.18
CA GLY G 150 6.09 6.22 -49.86
C GLY G 150 6.04 4.70 -50.07
N ALA G 151 4.93 4.05 -49.67
CA ALA G 151 4.81 2.60 -49.76
C ALA G 151 4.97 2.10 -51.20
N PHE G 152 4.56 2.89 -52.20
CA PHE G 152 4.65 2.44 -53.59
C PHE G 152 6.11 2.18 -54.00
N ASP G 153 7.07 2.81 -53.31
CA ASP G 153 8.48 2.74 -53.69
C ASP G 153 9.28 1.90 -52.70
N ASP G 154 8.61 1.15 -51.82
CA ASP G 154 9.33 0.24 -50.94
C ASP G 154 9.91 -0.88 -51.81
N PRO G 155 11.21 -1.23 -51.63
CA PRO G 155 11.84 -2.30 -52.41
C PRO G 155 11.12 -3.65 -52.29
N ARG G 156 10.35 -3.85 -51.20
CA ARG G 156 9.60 -5.08 -51.00
C ARG G 156 8.27 -5.09 -51.73
N ALA G 157 7.89 -3.96 -52.33
CA ALA G 157 6.57 -3.80 -52.95
C ALA G 157 6.65 -3.89 -54.47
N LYS G 158 5.63 -4.49 -55.08
CA LYS G 158 5.42 -4.47 -56.51
C LYS G 158 4.00 -3.98 -56.78
N VAL G 159 3.85 -2.94 -57.60
CA VAL G 159 2.57 -2.38 -57.97
C VAL G 159 2.24 -2.82 -59.40
N VAL G 160 1.13 -3.55 -59.55
CA VAL G 160 0.68 -4.07 -60.83
C VAL G 160 -0.64 -3.40 -61.19
N ILE G 161 -0.74 -2.89 -62.42
CA ILE G 161 -1.99 -2.37 -62.93
C ILE G 161 -2.66 -3.45 -63.77
N GLN G 162 -3.74 -4.05 -63.24
CA GLN G 162 -4.43 -5.13 -63.92
C GLN G 162 -5.72 -5.41 -63.17
N ASP G 163 -6.73 -5.92 -63.88
CA ASP G 163 -7.91 -6.49 -63.25
C ASP G 163 -7.45 -7.64 -62.36
N GLY G 164 -7.90 -7.61 -61.10
CA GLY G 164 -7.50 -8.59 -60.10
C GLY G 164 -8.01 -9.98 -60.46
N PHE G 165 -9.12 -10.06 -61.20
CA PHE G 165 -9.65 -11.33 -61.66
C PHE G 165 -8.63 -12.01 -62.61
N VAL G 166 -8.08 -11.24 -63.56
CA VAL G 166 -7.11 -11.73 -64.52
C VAL G 166 -5.82 -12.10 -63.78
N TYR G 167 -5.41 -11.26 -62.83
CA TYR G 167 -4.16 -11.50 -62.11
C TYR G 167 -4.22 -12.83 -61.36
N VAL G 168 -5.37 -13.13 -60.74
CA VAL G 168 -5.49 -14.35 -59.97
C VAL G 168 -5.52 -15.57 -60.89
N GLU G 169 -6.17 -15.47 -62.04
CA GLU G 169 -6.14 -16.54 -63.05
C GLU G 169 -4.71 -16.84 -63.47
N GLU G 170 -3.92 -15.78 -63.70
CA GLU G 170 -2.54 -15.94 -64.12
C GLU G 170 -1.70 -16.53 -63.00
N ALA G 171 -2.03 -16.22 -61.75
CA ALA G 171 -1.29 -16.75 -60.62
C ALA G 171 -1.56 -18.25 -60.42
N ILE G 172 -2.79 -18.68 -60.71
CA ILE G 172 -3.14 -20.10 -60.66
C ILE G 172 -2.32 -20.87 -61.69
N LYS G 173 -2.30 -20.38 -62.94
CA LYS G 173 -1.50 -20.91 -64.04
C LYS G 173 -0.03 -21.03 -63.62
N ALA G 174 0.52 -20.00 -62.96
CA ALA G 174 1.93 -19.98 -62.60
C ALA G 174 2.19 -20.81 -61.35
N GLY G 175 1.11 -21.23 -60.65
CA GLY G 175 1.21 -21.86 -59.34
C GLY G 175 1.76 -20.93 -58.24
N ASP G 176 1.46 -19.62 -58.31
CA ASP G 176 1.90 -18.68 -57.28
C ASP G 176 1.19 -18.93 -55.97
N LYS G 177 1.85 -18.64 -54.85
CA LYS G 177 1.27 -18.86 -53.53
C LYS G 177 1.53 -17.66 -52.61
N TYR G 178 0.53 -17.31 -51.80
CA TYR G 178 0.66 -16.23 -50.84
C TYR G 178 0.31 -16.69 -49.44
N ASP G 179 0.85 -15.98 -48.43
CA ASP G 179 0.49 -16.21 -47.04
C ASP G 179 -0.81 -15.49 -46.67
N VAL G 180 -0.95 -14.24 -47.12
CA VAL G 180 -2.05 -13.38 -46.75
C VAL G 180 -2.54 -12.70 -48.02
N ILE G 181 -3.84 -12.82 -48.29
CA ILE G 181 -4.45 -12.06 -49.36
C ILE G 181 -5.48 -11.09 -48.76
N ILE G 182 -5.31 -9.81 -49.08
CA ILE G 182 -6.13 -8.72 -48.58
C ILE G 182 -6.91 -8.16 -49.76
N MET G 183 -8.24 -8.22 -49.69
CA MET G 183 -9.04 -7.61 -50.74
C MET G 183 -9.60 -6.27 -50.28
N ASP G 184 -9.15 -5.21 -50.96
CA ASP G 184 -9.45 -3.84 -50.60
C ASP G 184 -10.07 -3.15 -51.82
N LEU G 185 -11.26 -3.63 -52.20
CA LEU G 185 -11.89 -3.21 -53.45
C LEU G 185 -12.99 -2.20 -53.17
N THR G 186 -13.55 -1.67 -54.26
CA THR G 186 -14.78 -0.90 -54.20
C THR G 186 -15.90 -1.84 -53.76
N ASP G 187 -17.06 -1.29 -53.38
CA ASP G 187 -18.03 -2.03 -52.59
C ASP G 187 -18.70 -3.14 -53.39
N PRO G 188 -19.04 -4.27 -52.74
CA PRO G 188 -19.80 -5.34 -53.39
C PRO G 188 -21.25 -4.96 -53.73
N TYR G 189 -21.76 -3.87 -53.17
CA TYR G 189 -23.17 -3.56 -53.43
C TYR G 189 -23.30 -2.50 -54.50
N SER G 190 -22.20 -1.95 -55.00
CA SER G 190 -22.34 -0.79 -55.86
C SER G 190 -21.42 -0.84 -57.08
N SER G 191 -20.36 -1.67 -57.02
CA SER G 191 -19.25 -1.49 -57.95
C SER G 191 -19.27 -2.55 -59.05
N ASP G 192 -19.48 -2.09 -60.28
CA ASP G 192 -19.50 -2.96 -61.43
C ASP G 192 -18.13 -3.61 -61.63
N ILE G 193 -17.05 -2.81 -61.56
CA ILE G 193 -15.72 -3.30 -61.90
C ILE G 193 -15.25 -4.35 -60.91
N ALA G 194 -15.87 -4.46 -59.73
CA ALA G 194 -15.35 -5.38 -58.73
C ALA G 194 -16.25 -6.59 -58.53
N LYS G 195 -17.39 -6.66 -59.24
CA LYS G 195 -18.43 -7.62 -58.90
C LYS G 195 -17.93 -9.07 -58.98
N GLN G 196 -17.07 -9.35 -59.98
CA GLN G 196 -16.60 -10.70 -60.23
C GLN G 196 -15.67 -11.17 -59.09
N LEU G 197 -15.14 -10.22 -58.30
CA LEU G 197 -14.19 -10.63 -57.28
C LEU G 197 -14.91 -11.02 -55.99
N TYR G 198 -16.24 -10.94 -55.97
CA TYR G 198 -16.93 -11.20 -54.72
C TYR G 198 -17.75 -12.49 -54.75
N THR G 199 -17.54 -13.33 -55.77
CA THR G 199 -18.36 -14.54 -55.96
C THR G 199 -17.72 -15.72 -55.21
N ARG G 200 -18.54 -16.75 -54.95
CA ARG G 200 -18.16 -18.06 -54.43
C ARG G 200 -16.99 -18.64 -55.23
N GLU G 201 -17.06 -18.49 -56.56
CA GLU G 201 -16.11 -19.00 -57.52
C GLU G 201 -14.77 -18.26 -57.34
N PHE G 202 -14.81 -16.94 -57.14
CA PHE G 202 -13.57 -16.21 -56.95
C PHE G 202 -12.88 -16.63 -55.65
N PHE G 203 -13.64 -16.93 -54.59
CA PHE G 203 -13.02 -17.32 -53.34
C PHE G 203 -12.38 -18.71 -53.46
N ALA G 204 -12.93 -19.56 -54.34
CA ALA G 204 -12.32 -20.84 -54.68
C ALA G 204 -10.97 -20.61 -55.35
N LYS G 205 -10.89 -19.58 -56.20
CA LYS G 205 -9.62 -19.23 -56.84
C LYS G 205 -8.63 -18.68 -55.83
N ILE G 206 -9.11 -17.85 -54.89
CA ILE G 206 -8.27 -17.28 -53.85
C ILE G 206 -7.62 -18.41 -53.06
N ARG G 207 -8.43 -19.40 -52.67
CA ARG G 207 -7.91 -20.54 -51.94
C ARG G 207 -6.77 -21.23 -52.70
N ARG G 208 -6.85 -21.24 -54.03
CA ARG G 208 -5.86 -21.96 -54.83
C ARG G 208 -4.52 -21.23 -54.85
N ILE G 209 -4.50 -19.92 -54.52
CA ILE G 209 -3.26 -19.18 -54.52
C ILE G 209 -2.79 -18.87 -53.09
N LEU G 210 -3.39 -19.53 -52.09
CA LEU G 210 -2.91 -19.44 -50.72
C LEU G 210 -2.05 -20.66 -50.39
N ASN G 211 -1.00 -20.47 -49.57
CA ASN G 211 -0.36 -21.59 -48.91
C ASN G 211 -1.38 -22.31 -48.03
N ASP G 212 -0.99 -23.47 -47.47
CA ASP G 212 -1.88 -24.37 -46.75
C ASP G 212 -2.37 -23.71 -45.44
N ASP G 213 -1.58 -22.78 -44.91
CA ASP G 213 -1.91 -22.11 -43.67
C ASP G 213 -2.23 -20.63 -43.93
N GLY G 214 -2.73 -20.31 -45.13
CA GLY G 214 -2.90 -18.92 -45.53
C GLY G 214 -4.17 -18.27 -44.95
N VAL G 215 -4.25 -16.95 -45.08
CA VAL G 215 -5.45 -16.26 -44.66
C VAL G 215 -5.83 -15.20 -45.68
N VAL G 216 -7.15 -15.04 -45.85
CA VAL G 216 -7.71 -14.02 -46.69
C VAL G 216 -8.56 -13.12 -45.80
N VAL G 217 -8.58 -11.83 -46.13
CA VAL G 217 -9.48 -10.89 -45.49
C VAL G 217 -10.01 -9.96 -46.57
N THR G 218 -11.30 -9.62 -46.46
CA THR G 218 -11.95 -8.74 -47.41
C THR G 218 -12.91 -7.82 -46.66
N GLN G 219 -13.09 -6.60 -47.19
CA GLN G 219 -14.22 -5.81 -46.72
C GLN G 219 -15.44 -6.30 -47.47
N ALA G 220 -16.61 -6.27 -46.81
CA ALA G 220 -17.82 -6.91 -47.34
C ALA G 220 -18.99 -5.94 -47.33
N GLY G 221 -18.72 -4.63 -47.49
CA GLY G 221 -19.77 -3.64 -47.50
C GLY G 221 -20.29 -3.38 -46.09
N ASN G 222 -21.61 -3.50 -45.93
CA ASN G 222 -22.25 -3.20 -44.68
C ASN G 222 -23.45 -4.12 -44.49
N SER G 223 -23.46 -4.87 -43.39
CA SER G 223 -24.49 -5.85 -43.09
C SER G 223 -25.79 -5.21 -42.63
N PHE G 224 -25.74 -3.93 -42.25
CA PHE G 224 -26.94 -3.26 -41.76
C PHE G 224 -27.76 -2.77 -42.95
N TYR G 225 -27.11 -2.06 -43.87
CA TYR G 225 -27.79 -1.44 -44.99
C TYR G 225 -27.89 -2.39 -46.18
N PHE G 226 -26.91 -3.29 -46.34
CA PHE G 226 -26.88 -4.18 -47.50
C PHE G 226 -26.70 -5.62 -47.07
N PRO G 227 -27.65 -6.21 -46.30
CA PRO G 227 -27.49 -7.56 -45.75
C PRO G 227 -27.40 -8.61 -46.87
N ALA G 228 -28.14 -8.45 -47.97
CA ALA G 228 -28.13 -9.47 -49.02
C ALA G 228 -26.75 -9.57 -49.65
N GLU G 229 -26.17 -8.43 -50.02
CA GLU G 229 -24.83 -8.41 -50.58
C GLU G 229 -23.81 -8.92 -49.55
N TYR G 230 -24.01 -8.57 -48.27
CA TYR G 230 -23.11 -9.02 -47.22
C TYR G 230 -23.16 -10.54 -47.12
N ASP G 231 -24.36 -11.10 -47.01
CA ASP G 231 -24.58 -12.54 -46.85
C ASP G 231 -24.00 -13.32 -48.02
N MET G 232 -24.07 -12.76 -49.24
CA MET G 232 -23.51 -13.41 -50.41
C MET G 232 -22.00 -13.54 -50.26
N VAL G 233 -21.32 -12.46 -49.85
CA VAL G 233 -19.87 -12.53 -49.66
C VAL G 233 -19.55 -13.53 -48.55
N LEU G 234 -20.34 -13.51 -47.46
CA LEU G 234 -20.11 -14.39 -46.33
C LEU G 234 -20.24 -15.86 -46.74
N GLU G 235 -21.33 -16.20 -47.45
CA GLU G 235 -21.56 -17.56 -47.95
C GLU G 235 -20.39 -18.02 -48.81
N GLY G 236 -19.93 -17.12 -49.71
CA GLY G 236 -18.78 -17.40 -50.56
C GLY G 236 -17.53 -17.75 -49.77
N VAL G 237 -17.27 -17.04 -48.66
CA VAL G 237 -16.05 -17.26 -47.90
C VAL G 237 -16.19 -18.58 -47.14
N LYS G 238 -17.37 -18.79 -46.53
CA LYS G 238 -17.65 -19.97 -45.72
C LYS G 238 -17.55 -21.26 -46.54
N ALA G 239 -17.96 -21.22 -47.81
CA ALA G 239 -17.91 -22.38 -48.68
C ALA G 239 -16.46 -22.79 -48.96
N ASN G 240 -15.49 -21.91 -48.69
CA ASN G 240 -14.13 -22.14 -49.15
C ASN G 240 -13.14 -22.17 -47.99
N PHE G 241 -13.53 -21.74 -46.79
CA PHE G 241 -12.58 -21.60 -45.69
C PHE G 241 -13.20 -22.17 -44.43
N PRO G 242 -12.48 -23.02 -43.67
CA PRO G 242 -13.03 -23.63 -42.46
C PRO G 242 -13.17 -22.65 -41.28
N ILE G 243 -12.30 -21.64 -41.21
CA ILE G 243 -12.36 -20.66 -40.14
C ILE G 243 -12.74 -19.30 -40.73
N VAL G 244 -13.84 -18.74 -40.23
CA VAL G 244 -14.32 -17.45 -40.69
C VAL G 244 -14.63 -16.55 -39.51
N ALA G 245 -14.02 -15.35 -39.49
CA ALA G 245 -14.30 -14.34 -38.47
C ALA G 245 -14.94 -13.12 -39.15
N GLU G 246 -15.96 -12.56 -38.53
CA GLU G 246 -16.66 -11.36 -39.01
C GLU G 246 -16.44 -10.26 -37.97
N TYR G 247 -16.07 -9.06 -38.43
CA TYR G 247 -15.91 -7.95 -37.50
C TYR G 247 -16.20 -6.66 -38.25
N GLU G 248 -16.51 -5.58 -37.49
CA GLU G 248 -16.87 -4.34 -38.16
C GLU G 248 -16.24 -3.17 -37.41
N VAL G 249 -16.06 -2.03 -38.10
CA VAL G 249 -15.54 -0.83 -37.48
C VAL G 249 -16.26 0.37 -38.09
N TRP G 250 -16.66 1.30 -37.24
CA TRP G 250 -17.31 2.52 -37.69
C TRP G 250 -16.29 3.42 -38.39
N ILE G 251 -16.58 3.82 -39.63
CA ILE G 251 -15.71 4.74 -40.33
C ILE G 251 -16.53 6.01 -40.57
N PRO G 252 -16.30 7.10 -39.81
CA PRO G 252 -17.16 8.27 -39.92
C PRO G 252 -17.40 8.75 -41.35
N SER G 253 -16.35 8.80 -42.17
CA SER G 253 -16.47 9.36 -43.51
C SER G 253 -17.36 8.54 -44.43
N PHE G 254 -17.53 7.23 -44.14
CA PHE G 254 -18.40 6.38 -44.96
C PHE G 254 -19.86 6.50 -44.53
N GLY G 255 -20.11 6.90 -43.28
CA GLY G 255 -21.47 6.91 -42.78
C GLY G 255 -21.91 5.56 -42.19
N TYR G 256 -21.00 4.60 -42.06
CA TYR G 256 -21.41 3.31 -41.51
C TYR G 256 -20.20 2.52 -41.00
N ALA G 257 -20.50 1.39 -40.33
CA ALA G 257 -19.48 0.47 -39.86
C ALA G 257 -19.16 -0.51 -40.98
N VAL G 258 -17.93 -0.49 -41.47
CA VAL G 258 -17.53 -1.40 -42.54
C VAL G 258 -17.44 -2.80 -41.94
N ASN G 259 -17.94 -3.79 -42.70
CA ASN G 259 -17.82 -5.18 -42.32
C ASN G 259 -16.61 -5.82 -42.98
N PHE G 260 -15.84 -6.57 -42.20
CA PHE G 260 -14.72 -7.32 -42.71
C PHE G 260 -14.98 -8.80 -42.46
N ILE G 261 -14.45 -9.65 -43.35
CA ILE G 261 -14.59 -11.10 -43.25
C ILE G 261 -13.19 -11.67 -43.42
N LEU G 262 -12.74 -12.40 -42.40
CA LEU G 262 -11.45 -13.04 -42.40
C LEU G 262 -11.67 -14.54 -42.57
N GLY G 263 -11.05 -15.11 -43.61
CA GLY G 263 -11.07 -16.53 -43.90
C GLY G 263 -9.69 -17.12 -43.66
N SER G 264 -9.64 -18.23 -42.92
CA SER G 264 -8.36 -18.80 -42.55
C SER G 264 -8.37 -20.31 -42.78
N LEU G 265 -7.22 -20.85 -43.17
CA LEU G 265 -7.09 -22.27 -43.47
C LEU G 265 -6.62 -23.06 -42.23
N ARG G 266 -5.92 -22.41 -41.30
CA ARG G 266 -5.36 -23.12 -40.15
C ARG G 266 -5.49 -22.32 -38.86
N TYR G 267 -5.03 -21.06 -38.84
CA TYR G 267 -4.90 -20.30 -37.60
C TYR G 267 -6.17 -19.49 -37.30
N ASP G 268 -6.57 -19.50 -36.02
CA ASP G 268 -7.83 -18.95 -35.60
C ASP G 268 -7.60 -17.59 -34.93
N PRO G 269 -8.17 -16.48 -35.48
CA PRO G 269 -8.00 -15.18 -34.84
C PRO G 269 -8.64 -15.11 -33.46
N HIS G 270 -9.64 -15.98 -33.21
CA HIS G 270 -10.33 -16.03 -31.93
C HIS G 270 -9.45 -16.59 -30.82
N ALA G 271 -8.35 -17.28 -31.17
CA ALA G 271 -7.52 -17.96 -30.18
C ALA G 271 -6.39 -17.03 -29.72
N LEU G 272 -6.23 -15.86 -30.35
CA LEU G 272 -5.19 -14.92 -29.96
C LEU G 272 -5.59 -14.16 -28.69
N THR G 273 -4.71 -14.10 -27.70
CA THR G 273 -4.96 -13.23 -26.56
C THR G 273 -4.44 -11.82 -26.86
N PRO G 274 -4.90 -10.77 -26.16
CA PRO G 274 -4.33 -9.43 -26.35
C PRO G 274 -2.80 -9.43 -26.27
N SER G 275 -2.24 -10.18 -25.31
CA SER G 275 -0.81 -10.22 -25.06
C SER G 275 -0.07 -10.82 -26.24
N GLU G 276 -0.61 -11.88 -26.83
CA GLU G 276 -0.02 -12.51 -28.00
C GLU G 276 -0.04 -11.55 -29.20
N VAL G 277 -1.13 -10.78 -29.34
CA VAL G 277 -1.22 -9.84 -30.45
C VAL G 277 -0.15 -8.76 -30.27
N ASP G 278 -0.04 -8.22 -29.07
CA ASP G 278 0.90 -7.15 -28.77
C ASP G 278 2.32 -7.64 -28.95
N GLU G 279 2.60 -8.89 -28.58
CA GLU G 279 3.94 -9.44 -28.70
C GLU G 279 4.31 -9.60 -30.18
N ARG G 280 3.38 -10.09 -31.01
CA ARG G 280 3.65 -10.17 -32.44
C ARG G 280 3.85 -8.80 -33.07
N LEU G 281 3.04 -7.80 -32.69
CA LEU G 281 3.20 -6.46 -33.24
C LEU G 281 4.59 -5.92 -32.87
N ARG G 282 4.98 -6.10 -31.61
CA ARG G 282 6.27 -5.61 -31.13
C ARG G 282 7.40 -6.32 -31.87
N ALA G 283 7.35 -7.66 -31.94
CA ALA G 283 8.41 -8.44 -32.54
C ALA G 283 8.64 -8.03 -33.99
N ARG G 284 7.56 -7.61 -34.66
CA ARG G 284 7.62 -7.33 -36.08
C ARG G 284 7.84 -5.84 -36.36
N GLY G 285 7.92 -5.03 -35.30
CA GLY G 285 8.19 -3.59 -35.41
C GLY G 285 6.99 -2.79 -35.93
N VAL G 286 5.76 -3.24 -35.61
CA VAL G 286 4.55 -2.64 -36.16
C VAL G 286 4.08 -1.52 -35.25
N LYS G 287 4.03 -0.29 -35.75
CA LYS G 287 3.48 0.84 -35.03
C LYS G 287 2.12 1.19 -35.62
N THR G 288 1.12 1.44 -34.75
CA THR G 288 -0.25 1.66 -35.18
C THR G 288 -0.82 2.88 -34.46
N ALA G 289 -1.88 3.48 -35.02
CA ALA G 289 -2.62 4.55 -34.38
C ALA G 289 -3.82 3.98 -33.63
N PHE G 290 -4.22 2.76 -33.94
CA PHE G 290 -5.48 2.23 -33.43
C PHE G 290 -5.36 0.80 -32.95
N TYR G 291 -4.95 -0.10 -33.85
CA TYR G 291 -4.98 -1.53 -33.59
C TYR G 291 -4.01 -1.91 -32.46
N THR G 292 -4.51 -2.68 -31.48
CA THR G 292 -3.74 -3.26 -30.39
C THR G 292 -4.35 -4.62 -30.06
N GLY G 293 -3.79 -5.32 -29.08
CA GLY G 293 -4.32 -6.60 -28.64
C GLY G 293 -5.73 -6.47 -28.08
N ARG G 294 -5.98 -5.38 -27.35
CA ARG G 294 -7.30 -5.16 -26.79
C ARG G 294 -8.30 -4.88 -27.90
N VAL G 295 -7.89 -4.16 -28.96
CA VAL G 295 -8.77 -3.90 -30.08
C VAL G 295 -9.12 -5.22 -30.76
N HIS G 296 -8.11 -6.09 -30.92
CA HIS G 296 -8.32 -7.39 -31.52
C HIS G 296 -9.41 -8.14 -30.77
N LEU G 297 -9.30 -8.18 -29.43
CA LEU G 297 -10.26 -8.86 -28.59
C LEU G 297 -11.66 -8.26 -28.82
N ALA G 298 -11.76 -6.92 -28.85
CA ALA G 298 -13.05 -6.27 -29.06
C ALA G 298 -13.63 -6.65 -30.43
N LEU G 299 -12.81 -6.61 -31.48
CA LEU G 299 -13.28 -6.91 -32.82
C LEU G 299 -13.80 -8.35 -32.89
N MET G 300 -13.13 -9.26 -32.19
CA MET G 300 -13.48 -10.68 -32.23
C MET G 300 -14.75 -10.96 -31.44
N ASN G 301 -15.18 -10.06 -30.54
CA ASN G 301 -16.28 -10.35 -29.64
C ASN G 301 -17.52 -9.51 -29.93
N MET G 302 -17.39 -8.46 -30.75
CA MET G 302 -18.51 -7.56 -31.02
C MET G 302 -19.31 -8.13 -32.20
N PRO G 303 -20.62 -8.48 -32.02
CA PRO G 303 -21.42 -8.98 -33.14
C PRO G 303 -21.66 -7.84 -34.13
N ILE G 304 -21.91 -8.17 -35.39
CA ILE G 304 -22.09 -7.14 -36.41
C ILE G 304 -23.53 -6.63 -36.33
N HIS G 305 -23.76 -5.41 -36.86
CA HIS G 305 -25.06 -4.77 -36.79
C HIS G 305 -25.99 -5.32 -37.89
N ARG G 306 -27.25 -5.53 -37.51
CA ARG G 306 -28.33 -5.88 -38.42
C ARG G 306 -29.52 -5.02 -38.05
N LYS G 307 -30.43 -4.76 -39.01
CA LYS G 307 -31.70 -4.13 -38.67
C LYS G 307 -32.42 -5.07 -37.71
N LEU G 308 -32.90 -4.55 -36.58
CA LEU G 308 -33.43 -5.43 -35.54
C LEU G 308 -34.95 -5.54 -35.66
N ARG G 309 -35.58 -4.64 -36.43
CA ARG G 309 -37.01 -4.76 -36.68
C ARG G 309 -37.30 -4.60 -38.18
N ARG H 22 -30.65 5.48 -55.93
CA ARG H 22 -31.04 6.90 -55.58
C ARG H 22 -29.85 7.60 -54.93
N LYS H 23 -29.28 8.60 -55.63
CA LYS H 23 -28.23 9.44 -55.06
C LYS H 23 -28.83 10.38 -54.00
N VAL H 24 -30.04 10.89 -54.32
CA VAL H 24 -30.74 11.83 -53.45
C VAL H 24 -31.99 11.10 -52.94
N PRO H 25 -32.11 10.80 -51.62
CA PRO H 25 -33.30 10.13 -51.07
C PRO H 25 -34.47 11.11 -51.08
N GLY H 26 -35.67 10.63 -51.26
CA GLY H 26 -36.77 11.52 -51.54
C GLY H 26 -37.98 10.78 -52.07
N PRO H 27 -39.06 11.48 -52.48
CA PRO H 27 -39.04 12.96 -52.54
C PRO H 27 -39.11 13.74 -51.21
N ILE H 28 -39.68 13.13 -50.16
CA ILE H 28 -39.75 13.77 -48.85
C ILE H 28 -38.61 13.25 -47.99
N THR H 29 -37.91 14.17 -47.31
CA THR H 29 -36.59 13.91 -46.77
C THR H 29 -36.49 14.60 -45.42
N LEU H 30 -35.87 13.92 -44.44
CA LEU H 30 -35.43 14.59 -43.23
C LEU H 30 -33.96 14.99 -43.42
N ILE H 31 -33.64 16.24 -43.10
CA ILE H 31 -32.26 16.67 -43.05
C ILE H 31 -31.83 16.64 -41.60
N GLU H 32 -31.06 15.61 -41.23
CA GLU H 32 -30.68 15.46 -39.85
C GLU H 32 -29.27 16.06 -39.70
N PRO H 33 -29.10 17.08 -38.83
CA PRO H 33 -27.79 17.69 -38.63
C PRO H 33 -26.93 16.61 -37.99
N LEU H 34 -25.65 16.59 -38.32
CA LEU H 34 -24.77 15.64 -37.66
C LEU H 34 -23.70 16.47 -36.98
N SER H 35 -22.78 17.03 -37.76
CA SER H 35 -21.67 17.75 -37.15
C SER H 35 -21.75 19.24 -37.45
N GLY H 36 -22.69 19.66 -38.29
CA GLY H 36 -22.54 21.00 -38.82
C GLY H 36 -21.87 20.98 -40.20
N ASN H 37 -20.85 20.11 -40.38
CA ASN H 37 -20.18 20.03 -41.67
C ASN H 37 -20.58 18.76 -42.45
N THR H 38 -21.38 17.92 -41.81
CA THR H 38 -21.97 16.73 -42.39
C THR H 38 -23.40 16.67 -41.85
N SER H 39 -24.35 16.32 -42.71
CA SER H 39 -25.72 16.04 -42.31
C SER H 39 -26.19 14.76 -42.98
N LEU H 40 -27.27 14.15 -42.48
CA LEU H 40 -27.85 12.97 -43.10
C LEU H 40 -29.11 13.40 -43.85
N LEU H 41 -29.31 12.85 -45.05
CA LEU H 41 -30.55 12.99 -45.79
C LEU H 41 -31.27 11.65 -45.69
N ILE H 42 -32.49 11.65 -45.12
CA ILE H 42 -33.17 10.40 -44.80
C ILE H 42 -34.56 10.46 -45.41
N LYS H 43 -34.87 9.49 -46.29
CA LYS H 43 -36.20 9.40 -46.87
C LYS H 43 -37.28 9.18 -45.79
N ILE H 44 -38.33 9.98 -45.86
CA ILE H 44 -39.51 9.93 -44.99
C ILE H 44 -40.68 9.33 -45.78
N ASN H 45 -41.38 8.34 -45.20
CA ASN H 45 -42.55 7.74 -45.85
C ASN H 45 -43.86 8.38 -45.36
N ALA H 46 -43.88 8.85 -44.11
CA ALA H 46 -45.09 9.42 -43.52
C ALA H 46 -44.71 10.25 -42.30
N ILE H 47 -45.54 11.25 -41.99
CA ILE H 47 -45.42 12.00 -40.76
C ILE H 47 -46.67 11.74 -39.92
N HIS H 48 -46.49 11.18 -38.72
CA HIS H 48 -47.61 10.82 -37.86
C HIS H 48 -47.98 11.95 -36.91
N SER H 49 -47.02 12.82 -36.59
CA SER H 49 -47.31 13.91 -35.66
C SER H 49 -46.20 14.96 -35.70
N VAL H 50 -46.62 16.24 -35.64
CA VAL H 50 -45.72 17.38 -35.46
C VAL H 50 -46.29 18.23 -34.33
N LYS H 51 -45.47 18.51 -33.32
CA LYS H 51 -45.93 19.21 -32.14
C LYS H 51 -44.83 20.17 -31.69
N LYS H 52 -45.16 21.45 -31.63
CA LYS H 52 -44.28 22.41 -31.01
C LYS H 52 -44.64 22.45 -29.52
N SER H 53 -43.85 21.77 -28.70
CA SER H 53 -44.05 21.76 -27.25
C SER H 53 -43.42 23.02 -26.68
N PRO H 54 -43.66 23.37 -25.38
CA PRO H 54 -42.95 24.49 -24.77
C PRO H 54 -41.43 24.36 -24.77
N TYR H 55 -40.91 23.13 -24.94
CA TYR H 55 -39.49 22.87 -24.74
C TYR H 55 -38.76 22.64 -26.06
N GLN H 56 -39.43 22.02 -27.04
CA GLN H 56 -38.75 21.55 -28.23
C GLN H 56 -39.78 21.17 -29.29
N GLU H 57 -39.30 21.09 -30.54
CA GLU H 57 -40.13 20.68 -31.66
C GLU H 57 -40.05 19.17 -31.79
N ILE H 58 -41.21 18.51 -31.84
CA ILE H 58 -41.31 17.06 -31.83
C ILE H 58 -41.90 16.61 -33.15
N ILE H 59 -41.27 15.59 -33.77
CA ILE H 59 -41.86 14.97 -34.95
C ILE H 59 -41.80 13.47 -34.75
N ILE H 60 -42.90 12.79 -35.10
CA ILE H 60 -42.88 11.35 -35.19
C ILE H 60 -43.16 10.98 -36.65
N ALA H 61 -42.26 10.17 -37.23
CA ALA H 61 -42.29 9.94 -38.67
C ALA H 61 -41.90 8.50 -38.95
N ASP H 62 -42.23 8.04 -40.15
CA ASP H 62 -41.76 6.75 -40.64
C ASP H 62 -40.65 7.02 -41.65
N THR H 63 -39.51 6.36 -41.46
CA THR H 63 -38.42 6.47 -42.40
C THR H 63 -38.31 5.15 -43.14
N GLU H 64 -37.84 5.20 -44.38
CA GLU H 64 -37.64 3.96 -45.13
C GLU H 64 -36.58 3.09 -44.46
N ASP H 65 -35.43 3.67 -44.08
CA ASP H 65 -34.33 2.86 -43.61
C ASP H 65 -34.52 2.41 -42.17
N TYR H 66 -35.15 3.22 -41.32
CA TYR H 66 -35.05 3.03 -39.88
C TYR H 66 -36.42 2.78 -39.26
N GLY H 67 -37.47 2.71 -40.10
CA GLY H 67 -38.82 2.59 -39.58
C GLY H 67 -39.22 3.85 -38.81
N ARG H 68 -40.06 3.67 -37.79
CA ARG H 68 -40.57 4.82 -37.06
C ARG H 68 -39.48 5.47 -36.21
N VAL H 69 -39.48 6.81 -36.18
CA VAL H 69 -38.47 7.58 -35.47
C VAL H 69 -39.14 8.66 -34.63
N LEU H 70 -38.51 8.99 -33.51
CA LEU H 70 -38.83 10.20 -32.78
C LEU H 70 -37.72 11.22 -33.09
N ILE H 71 -38.12 12.45 -33.45
CA ILE H 71 -37.22 13.52 -33.81
C ILE H 71 -37.47 14.69 -32.87
N LEU H 72 -36.41 15.22 -32.23
CA LEU H 72 -36.51 16.40 -31.40
C LEU H 72 -35.51 17.43 -31.91
N ASP H 73 -36.03 18.60 -32.32
CA ASP H 73 -35.22 19.68 -32.85
C ASP H 73 -34.33 19.21 -34.00
N ASP H 74 -34.88 18.35 -34.88
CA ASP H 74 -34.21 17.91 -36.10
C ASP H 74 -33.35 16.65 -35.90
N TYR H 75 -33.08 16.24 -34.65
CA TYR H 75 -32.25 15.06 -34.40
C TYR H 75 -33.11 13.85 -34.09
N ILE H 76 -32.87 12.75 -34.82
CA ILE H 76 -33.45 11.46 -34.47
C ILE H 76 -32.97 11.05 -33.08
N GLN H 77 -33.93 10.70 -32.22
CA GLN H 77 -33.65 10.32 -30.85
C GLN H 77 -33.64 8.80 -30.75
N SER H 78 -34.33 8.15 -31.68
CA SER H 78 -34.68 6.75 -31.52
C SER H 78 -35.30 6.25 -32.81
N SER H 79 -34.97 5.03 -33.23
CA SER H 79 -35.65 4.48 -34.38
C SER H 79 -36.04 3.04 -34.06
N TYR H 80 -37.12 2.55 -34.67
CA TYR H 80 -37.55 1.18 -34.46
C TYR H 80 -36.45 0.19 -34.81
N VAL H 81 -35.71 0.41 -35.90
CA VAL H 81 -34.82 -0.66 -36.32
C VAL H 81 -33.54 -0.71 -35.50
N ASP H 82 -33.15 0.38 -34.80
CA ASP H 82 -31.85 0.34 -34.15
C ASP H 82 -31.88 0.82 -32.70
N GLU H 83 -33.05 1.19 -32.15
CA GLU H 83 -33.13 1.72 -30.79
C GLU H 83 -32.64 0.72 -29.73
N GLN H 84 -32.80 -0.57 -29.97
CA GLN H 84 -32.35 -1.57 -29.01
C GLN H 84 -30.82 -1.54 -28.83
N TYR H 85 -30.08 -1.21 -29.90
CA TYR H 85 -28.65 -1.08 -29.77
C TYR H 85 -28.34 0.05 -28.80
N TYR H 86 -29.11 1.14 -28.91
CA TYR H 86 -28.86 2.28 -28.06
C TYR H 86 -29.26 1.97 -26.61
N HIS H 87 -30.48 1.46 -26.41
CA HIS H 87 -31.04 1.38 -25.06
C HIS H 87 -30.39 0.24 -24.28
N GLU H 88 -30.06 -0.86 -24.96
CA GLU H 88 -29.38 -1.95 -24.29
C GLU H 88 -27.96 -1.54 -23.93
N SER H 89 -27.28 -0.78 -24.79
CA SER H 89 -25.93 -0.30 -24.51
C SER H 89 -25.92 0.71 -23.37
N LEU H 90 -26.96 1.54 -23.29
CA LEU H 90 -27.04 2.54 -22.24
C LEU H 90 -27.29 1.88 -20.87
N VAL H 91 -28.15 0.86 -20.84
CA VAL H 91 -28.73 0.42 -19.58
C VAL H 91 -27.96 -0.77 -18.99
N HIS H 92 -27.73 -1.81 -19.80
CA HIS H 92 -27.32 -3.10 -19.25
C HIS H 92 -25.89 -3.11 -18.68
N PRO H 93 -24.86 -2.48 -19.30
CA PRO H 93 -23.53 -2.51 -18.68
C PRO H 93 -23.58 -2.02 -17.23
N ALA H 94 -24.32 -0.92 -16.98
CA ALA H 94 -24.41 -0.37 -15.64
C ALA H 94 -25.20 -1.29 -14.72
N MET H 95 -26.35 -1.79 -15.20
CA MET H 95 -27.21 -2.62 -14.36
C MET H 95 -26.51 -3.94 -14.02
N ALA H 96 -25.73 -4.46 -14.98
CA ALA H 96 -25.03 -5.70 -14.77
C ALA H 96 -23.81 -5.53 -13.88
N THR H 97 -23.21 -4.32 -13.88
CA THR H 97 -22.07 -4.03 -13.04
C THR H 97 -22.47 -4.03 -11.57
N HIS H 98 -23.64 -3.44 -11.28
CA HIS H 98 -24.18 -3.41 -9.93
C HIS H 98 -24.65 -4.82 -9.56
N PRO H 99 -24.20 -5.39 -8.42
CA PRO H 99 -24.59 -6.75 -8.01
C PRO H 99 -26.06 -6.88 -7.59
N ASN H 100 -26.71 -5.76 -7.24
CA ASN H 100 -28.09 -5.85 -6.76
C ASN H 100 -28.82 -4.52 -6.93
N PRO H 101 -29.12 -4.05 -8.16
CA PRO H 101 -29.76 -2.73 -8.31
C PRO H 101 -31.26 -2.81 -8.02
N ARG H 102 -31.72 -2.09 -6.99
CA ARG H 102 -33.10 -2.20 -6.53
C ARG H 102 -33.87 -0.92 -6.85
N ASP H 103 -33.17 0.22 -6.78
CA ASP H 103 -33.75 1.53 -7.01
C ASP H 103 -33.01 2.21 -8.17
N VAL H 104 -33.76 2.53 -9.22
CA VAL H 104 -33.21 3.10 -10.45
C VAL H 104 -33.86 4.45 -10.72
N LEU H 105 -33.03 5.43 -11.06
CA LEU H 105 -33.53 6.72 -11.50
C LEU H 105 -33.08 6.93 -12.96
N ILE H 106 -34.01 7.38 -13.80
CA ILE H 106 -33.75 7.70 -15.19
C ILE H 106 -34.09 9.18 -15.41
N LEU H 107 -33.09 9.96 -15.87
CA LEU H 107 -33.34 11.33 -16.29
C LEU H 107 -33.44 11.36 -17.81
N GLY H 108 -34.55 11.88 -18.34
CA GLY H 108 -34.85 11.82 -19.77
C GLY H 108 -35.63 10.56 -20.12
N GLY H 109 -35.26 9.91 -21.23
CA GLY H 109 -35.84 8.62 -21.59
C GLY H 109 -37.32 8.71 -21.94
N GLY H 110 -37.73 9.85 -22.52
CA GLY H 110 -39.11 10.18 -22.79
C GLY H 110 -39.89 9.13 -23.59
N GLU H 111 -39.20 8.34 -24.42
CA GLU H 111 -39.92 7.33 -25.20
C GLU H 111 -40.17 6.05 -24.39
N GLY H 112 -39.53 5.91 -23.23
CA GLY H 112 -39.85 4.82 -22.34
C GLY H 112 -39.02 3.55 -22.58
N ALA H 113 -38.11 3.58 -23.56
CA ALA H 113 -37.30 2.39 -23.87
C ALA H 113 -36.24 2.15 -22.80
N THR H 114 -35.72 3.22 -22.19
CA THR H 114 -34.72 3.10 -21.13
C THR H 114 -35.35 2.42 -19.93
N LEU H 115 -36.54 2.90 -19.55
CA LEU H 115 -37.36 2.30 -18.50
C LEU H 115 -37.64 0.83 -18.83
N ARG H 116 -38.06 0.53 -20.07
CA ARG H 116 -38.29 -0.84 -20.51
C ARG H 116 -37.09 -1.73 -20.19
N GLU H 117 -35.87 -1.27 -20.54
CA GLU H 117 -34.67 -2.10 -20.37
C GLU H 117 -34.35 -2.28 -18.89
N ALA H 118 -34.45 -1.19 -18.10
CA ALA H 118 -34.12 -1.26 -16.70
C ALA H 118 -35.05 -2.22 -15.95
N LEU H 119 -36.35 -2.19 -16.28
CA LEU H 119 -37.35 -3.01 -15.60
C LEU H 119 -37.14 -4.50 -15.87
N LYS H 120 -36.34 -4.86 -16.87
CA LYS H 120 -36.08 -6.27 -17.17
C LYS H 120 -35.29 -6.94 -16.05
N HIS H 121 -34.51 -6.16 -15.29
CA HIS H 121 -33.75 -6.71 -14.18
C HIS H 121 -34.69 -7.03 -13.03
N GLY H 122 -34.81 -8.33 -12.70
CA GLY H 122 -35.73 -8.82 -11.69
C GLY H 122 -35.45 -8.25 -10.30
N THR H 123 -34.24 -7.74 -10.07
CA THR H 123 -33.89 -7.16 -8.78
C THR H 123 -34.53 -5.79 -8.57
N VAL H 124 -34.98 -5.14 -9.64
CA VAL H 124 -35.45 -3.76 -9.53
C VAL H 124 -36.81 -3.76 -8.84
N LYS H 125 -36.92 -2.93 -7.80
CA LYS H 125 -38.15 -2.83 -7.03
C LYS H 125 -38.84 -1.50 -7.35
N ARG H 126 -38.05 -0.48 -7.68
CA ARG H 126 -38.56 0.86 -7.95
C ARG H 126 -37.70 1.49 -9.06
N ALA H 127 -38.36 1.93 -10.14
CA ALA H 127 -37.73 2.67 -11.20
C ALA H 127 -38.49 3.98 -11.42
N VAL H 128 -37.77 5.10 -11.28
CA VAL H 128 -38.37 6.42 -11.48
C VAL H 128 -37.79 7.01 -12.77
N MET H 129 -38.68 7.52 -13.61
CA MET H 129 -38.30 8.17 -14.86
C MET H 129 -38.76 9.63 -14.80
N VAL H 130 -37.83 10.56 -15.02
CA VAL H 130 -38.11 11.98 -14.93
C VAL H 130 -37.83 12.62 -16.29
N ASP H 131 -38.86 13.15 -16.95
CA ASP H 131 -38.70 13.87 -18.21
C ASP H 131 -39.32 15.26 -18.07
N ILE H 132 -38.70 16.28 -18.67
CA ILE H 132 -39.17 17.65 -18.56
C ILE H 132 -40.41 17.88 -19.43
N ASP H 133 -40.68 17.00 -20.41
CA ASP H 133 -41.60 17.35 -21.50
C ASP H 133 -42.73 16.32 -21.62
N ARG H 134 -43.90 16.69 -21.12
CA ARG H 134 -45.10 15.85 -21.09
C ARG H 134 -45.48 15.40 -22.51
N ASP H 135 -45.26 16.28 -23.49
CA ASP H 135 -45.64 16.00 -24.88
C ASP H 135 -44.87 14.81 -25.45
N VAL H 136 -43.59 14.69 -25.09
CA VAL H 136 -42.78 13.58 -25.59
C VAL H 136 -43.36 12.27 -25.04
N VAL H 137 -43.61 12.24 -23.73
CA VAL H 137 -44.14 11.04 -23.09
C VAL H 137 -45.50 10.68 -23.67
N GLU H 138 -46.38 11.67 -23.87
CA GLU H 138 -47.72 11.41 -24.39
C GLU H 138 -47.66 10.90 -25.83
N LEU H 139 -46.87 11.57 -26.68
CA LEU H 139 -46.76 11.14 -28.07
C LEU H 139 -46.10 9.77 -28.18
N SER H 140 -45.18 9.43 -27.26
CA SER H 140 -44.59 8.10 -27.25
C SER H 140 -45.64 7.06 -26.89
N ARG H 141 -46.44 7.36 -25.86
CA ARG H 141 -47.48 6.44 -25.44
C ARG H 141 -48.35 6.07 -26.65
N ALA H 142 -48.77 7.11 -27.38
CA ALA H 142 -49.62 6.95 -28.55
C ALA H 142 -48.91 6.27 -29.73
N TYR H 143 -47.69 6.72 -30.09
CA TYR H 143 -47.17 6.40 -31.42
C TYR H 143 -45.95 5.49 -31.40
N LEU H 144 -45.35 5.23 -30.23
CA LEU H 144 -44.11 4.45 -30.20
C LEU H 144 -44.29 3.21 -29.32
N PRO H 145 -45.35 2.38 -29.52
CA PRO H 145 -45.58 1.23 -28.64
C PRO H 145 -44.42 0.22 -28.57
N GLN H 146 -43.67 0.07 -29.67
CA GLN H 146 -42.56 -0.89 -29.68
C GLN H 146 -41.38 -0.35 -28.84
N MET H 147 -41.41 0.93 -28.48
CA MET H 147 -40.33 1.44 -27.65
C MET H 147 -40.68 1.21 -26.16
N HIS H 148 -41.82 1.74 -25.69
CA HIS H 148 -42.13 1.66 -24.27
C HIS H 148 -42.53 0.22 -23.89
N GLN H 149 -43.26 -0.45 -24.78
CA GLN H 149 -43.76 -1.80 -24.55
C GLN H 149 -44.44 -1.92 -23.18
N GLY H 150 -45.27 -0.93 -22.82
CA GLY H 150 -46.05 -1.01 -21.60
C GLY H 150 -45.29 -0.58 -20.34
N ALA H 151 -44.02 -0.19 -20.47
CA ALA H 151 -43.18 0.13 -19.34
C ALA H 151 -43.74 1.26 -18.49
N PHE H 152 -44.44 2.22 -19.09
CA PHE H 152 -44.95 3.35 -18.34
C PHE H 152 -45.96 2.89 -17.27
N ASP H 153 -46.60 1.73 -17.49
CA ASP H 153 -47.68 1.26 -16.64
C ASP H 153 -47.23 0.07 -15.78
N ASP H 154 -45.92 -0.21 -15.73
CA ASP H 154 -45.43 -1.24 -14.84
C ASP H 154 -45.62 -0.75 -13.41
N PRO H 155 -46.18 -1.59 -12.51
CA PRO H 155 -46.38 -1.19 -11.10
C PRO H 155 -45.09 -0.75 -10.40
N ARG H 156 -43.92 -1.19 -10.91
CA ARG H 156 -42.63 -0.83 -10.33
C ARG H 156 -42.14 0.53 -10.83
N ALA H 157 -42.83 1.13 -11.81
CA ALA H 157 -42.41 2.36 -12.44
C ALA H 157 -43.20 3.57 -11.93
N LYS H 158 -42.54 4.72 -11.82
CA LYS H 158 -43.18 6.01 -11.61
C LYS H 158 -42.65 7.00 -12.65
N VAL H 159 -43.56 7.65 -13.37
CA VAL H 159 -43.21 8.67 -14.36
C VAL H 159 -43.48 10.06 -13.78
N VAL H 160 -42.43 10.86 -13.68
CA VAL H 160 -42.51 12.23 -13.18
C VAL H 160 -42.20 13.21 -14.32
N ILE H 161 -43.05 14.22 -14.50
CA ILE H 161 -42.78 15.27 -15.46
C ILE H 161 -42.19 16.47 -14.73
N GLN H 162 -40.90 16.69 -14.91
CA GLN H 162 -40.18 17.75 -14.21
C GLN H 162 -38.80 17.89 -14.82
N ASP H 163 -38.22 19.10 -14.74
CA ASP H 163 -36.82 19.31 -15.03
C ASP H 163 -36.00 18.44 -14.08
N GLY H 164 -35.08 17.65 -14.66
CA GLY H 164 -34.27 16.71 -13.89
C GLY H 164 -33.35 17.43 -12.91
N PHE H 165 -32.97 18.68 -13.24
CA PHE H 165 -32.16 19.49 -12.34
C PHE H 165 -32.92 19.75 -11.03
N VAL H 166 -34.19 20.13 -11.14
CA VAL H 166 -35.04 20.43 -10.00
C VAL H 166 -35.30 19.14 -9.22
N TYR H 167 -35.54 18.04 -9.93
CA TYR H 167 -35.84 16.76 -9.28
C TYR H 167 -34.68 16.32 -8.41
N VAL H 168 -33.46 16.49 -8.91
CA VAL H 168 -32.28 16.03 -8.18
C VAL H 168 -32.05 16.90 -6.94
N GLU H 169 -32.27 18.22 -7.07
CA GLU H 169 -32.17 19.12 -5.92
C GLU H 169 -33.17 18.72 -4.83
N GLU H 170 -34.40 18.36 -5.23
CA GLU H 170 -35.43 17.97 -4.30
C GLU H 170 -35.09 16.63 -3.66
N ALA H 171 -34.41 15.74 -4.41
CA ALA H 171 -34.04 14.44 -3.87
C ALA H 171 -32.93 14.57 -2.82
N ILE H 172 -32.02 15.53 -3.02
CA ILE H 172 -30.96 15.80 -2.04
C ILE H 172 -31.59 16.26 -0.73
N LYS H 173 -32.51 17.25 -0.82
CA LYS H 173 -33.27 17.77 0.31
C LYS H 173 -33.96 16.64 1.05
N ALA H 174 -34.59 15.70 0.31
CA ALA H 174 -35.35 14.62 0.92
C ALA H 174 -34.44 13.51 1.44
N GLY H 175 -33.15 13.55 1.07
CA GLY H 175 -32.22 12.46 1.30
C GLY H 175 -32.55 11.16 0.56
N ASP H 176 -33.09 11.25 -0.66
CA ASP H 176 -33.38 10.08 -1.48
C ASP H 176 -32.09 9.42 -1.96
N LYS H 177 -32.10 8.09 -2.14
CA LYS H 177 -30.91 7.39 -2.61
C LYS H 177 -31.27 6.37 -3.69
N TYR H 178 -30.41 6.23 -4.71
CA TYR H 178 -30.59 5.26 -5.77
C TYR H 178 -29.37 4.37 -5.93
N ASP H 179 -29.57 3.18 -6.50
CA ASP H 179 -28.49 2.27 -6.84
C ASP H 179 -27.85 2.63 -8.18
N VAL H 180 -28.68 2.93 -9.17
CA VAL H 180 -28.25 3.15 -10.55
C VAL H 180 -28.99 4.38 -11.07
N ILE H 181 -28.23 5.36 -11.56
CA ILE H 181 -28.81 6.53 -12.20
C ILE H 181 -28.38 6.54 -13.67
N ILE H 182 -29.37 6.57 -14.56
CA ILE H 182 -29.18 6.50 -15.98
C ILE H 182 -29.61 7.83 -16.56
N MET H 183 -28.69 8.53 -17.22
CA MET H 183 -29.05 9.80 -17.85
C MET H 183 -29.19 9.60 -19.36
N ASP H 184 -30.42 9.81 -19.83
CA ASP H 184 -30.81 9.56 -21.20
C ASP H 184 -31.41 10.85 -21.79
N LEU H 185 -30.57 11.87 -21.89
CA LEU H 185 -31.00 13.21 -22.23
C LEU H 185 -30.71 13.51 -23.70
N THR H 186 -31.21 14.67 -24.16
CA THR H 186 -30.83 15.25 -25.43
C THR H 186 -29.34 15.60 -25.35
N ASP H 187 -28.71 15.88 -26.51
CA ASP H 187 -27.27 15.87 -26.61
C ASP H 187 -26.63 17.03 -25.84
N PRO H 188 -25.44 16.82 -25.25
CA PRO H 188 -24.71 17.92 -24.59
C PRO H 188 -24.16 18.96 -25.58
N TYR H 189 -24.14 18.65 -26.89
CA TYR H 189 -23.53 19.61 -27.80
C TYR H 189 -24.59 20.47 -28.47
N SER H 190 -25.87 20.20 -28.23
CA SER H 190 -26.88 20.87 -29.04
C SER H 190 -28.07 21.34 -28.20
N SER H 191 -28.23 20.80 -26.99
CA SER H 191 -29.52 20.91 -26.31
C SER H 191 -29.44 21.91 -25.16
N ASP H 192 -30.18 23.01 -25.31
CA ASP H 192 -30.25 24.04 -24.30
C ASP H 192 -30.89 23.49 -23.02
N ILE H 193 -32.00 22.75 -23.15
CA ILE H 193 -32.78 22.32 -22.01
C ILE H 193 -31.99 21.33 -21.13
N ALA H 194 -30.92 20.74 -21.66
CA ALA H 194 -30.23 19.71 -20.89
C ALA H 194 -28.87 20.17 -20.41
N LYS H 195 -28.44 21.39 -20.76
CA LYS H 195 -27.03 21.78 -20.58
C LYS H 195 -26.59 21.73 -19.11
N GLN H 196 -27.49 22.09 -18.19
CA GLN H 196 -27.19 22.16 -16.78
C GLN H 196 -26.95 20.76 -16.20
N LEU H 197 -27.43 19.72 -16.90
CA LEU H 197 -27.31 18.39 -16.33
C LEU H 197 -25.97 17.75 -16.70
N TYR H 198 -25.13 18.46 -17.44
CA TYR H 198 -23.90 17.85 -17.91
C TYR H 198 -22.67 18.45 -17.24
N THR H 199 -22.85 19.27 -16.19
CA THR H 199 -21.75 19.98 -15.55
C THR H 199 -21.13 19.12 -14.44
N ARG H 200 -19.87 19.44 -14.08
CA ARG H 200 -19.16 18.87 -12.94
C ARG H 200 -19.99 18.99 -11.66
N GLU H 201 -20.65 20.12 -11.50
CA GLU H 201 -21.49 20.40 -10.34
C GLU H 201 -22.71 19.47 -10.31
N PHE H 202 -23.32 19.22 -11.48
CA PHE H 202 -24.46 18.31 -11.50
C PHE H 202 -24.03 16.89 -11.12
N PHE H 203 -22.82 16.46 -11.53
CA PHE H 203 -22.39 15.11 -11.21
C PHE H 203 -22.09 14.98 -9.72
N ALA H 204 -21.69 16.09 -9.07
CA ALA H 204 -21.53 16.14 -7.63
C ALA H 204 -22.89 15.91 -6.95
N LYS H 205 -23.96 16.49 -7.53
CA LYS H 205 -25.29 16.28 -7.01
C LYS H 205 -25.76 14.83 -7.23
N ILE H 206 -25.42 14.25 -8.39
CA ILE H 206 -25.78 12.88 -8.70
C ILE H 206 -25.17 11.97 -7.64
N ARG H 207 -23.89 12.18 -7.34
CA ARG H 207 -23.21 11.38 -6.34
C ARG H 207 -23.93 11.45 -4.99
N ARG H 208 -24.55 12.60 -4.67
CA ARG H 208 -25.20 12.77 -3.38
C ARG H 208 -26.50 11.95 -3.27
N ILE H 209 -27.07 11.56 -4.43
CA ILE H 209 -28.29 10.76 -4.38
C ILE H 209 -28.04 9.30 -4.77
N LEU H 210 -26.76 8.90 -4.78
CA LEU H 210 -26.40 7.49 -4.98
C LEU H 210 -26.11 6.84 -3.63
N ASN H 211 -26.44 5.56 -3.48
CA ASN H 211 -25.88 4.75 -2.41
C ASN H 211 -24.36 4.69 -2.57
N ASP H 212 -23.68 4.12 -1.56
CA ASP H 212 -22.22 4.14 -1.46
C ASP H 212 -21.58 3.31 -2.57
N ASP H 213 -22.32 2.32 -3.08
CA ASP H 213 -21.82 1.43 -4.12
C ASP H 213 -22.59 1.67 -5.43
N GLY H 214 -23.08 2.90 -5.65
CA GLY H 214 -23.96 3.20 -6.77
C GLY H 214 -23.23 3.39 -8.09
N VAL H 215 -24.00 3.39 -9.18
CA VAL H 215 -23.40 3.66 -10.48
C VAL H 215 -24.26 4.64 -11.28
N VAL H 216 -23.58 5.50 -12.02
CA VAL H 216 -24.21 6.41 -12.95
C VAL H 216 -23.73 6.05 -14.36
N VAL H 217 -24.62 6.20 -15.35
CA VAL H 217 -24.24 6.10 -16.73
C VAL H 217 -24.96 7.20 -17.51
N THR H 218 -24.26 7.80 -18.46
CA THR H 218 -24.82 8.87 -19.29
C THR H 218 -24.32 8.70 -20.73
N GLN H 219 -25.14 9.11 -21.70
CA GLN H 219 -24.62 9.30 -23.04
C GLN H 219 -23.93 10.66 -23.07
N ALA H 220 -22.85 10.79 -23.85
CA ALA H 220 -22.01 11.97 -23.82
C ALA H 220 -21.79 12.52 -25.24
N GLY H 221 -22.79 12.35 -26.12
CA GLY H 221 -22.65 12.85 -27.47
C GLY H 221 -21.73 11.98 -28.32
N ASN H 222 -20.71 12.61 -28.93
CA ASN H 222 -19.85 11.91 -29.84
C ASN H 222 -18.45 12.51 -29.76
N SER H 223 -17.45 11.69 -29.42
CA SER H 223 -16.08 12.14 -29.23
C SER H 223 -15.37 12.42 -30.54
N PHE H 224 -15.92 11.95 -31.67
CA PHE H 224 -15.28 12.14 -32.96
C PHE H 224 -15.64 13.52 -33.49
N TYR H 225 -16.94 13.83 -33.50
CA TYR H 225 -17.45 15.06 -34.08
C TYR H 225 -17.45 16.21 -33.07
N PHE H 226 -17.64 15.90 -31.78
CA PHE H 226 -17.75 16.92 -30.74
C PHE H 226 -16.82 16.61 -29.57
N PRO H 227 -15.48 16.59 -29.79
CA PRO H 227 -14.54 16.18 -28.74
C PRO H 227 -14.56 17.11 -27.53
N ALA H 228 -14.72 18.43 -27.78
CA ALA H 228 -14.67 19.38 -26.67
C ALA H 228 -15.83 19.14 -25.71
N GLU H 229 -17.05 19.02 -26.26
CA GLU H 229 -18.21 18.73 -25.43
C GLU H 229 -18.07 17.37 -24.75
N TYR H 230 -17.48 16.39 -25.47
CA TYR H 230 -17.30 15.07 -24.89
C TYR H 230 -16.36 15.16 -23.70
N ASP H 231 -15.20 15.79 -23.89
CA ASP H 231 -14.17 15.92 -22.85
C ASP H 231 -14.71 16.63 -21.60
N MET H 232 -15.58 17.61 -21.80
CA MET H 232 -16.17 18.34 -20.68
C MET H 232 -17.03 17.39 -19.84
N VAL H 233 -17.86 16.57 -20.49
CA VAL H 233 -18.68 15.63 -19.75
C VAL H 233 -17.79 14.62 -19.04
N LEU H 234 -16.73 14.16 -19.74
CA LEU H 234 -15.82 13.17 -19.17
C LEU H 234 -15.14 13.72 -17.90
N GLU H 235 -14.57 14.93 -18.00
CA GLU H 235 -13.92 15.59 -16.87
C GLU H 235 -14.88 15.70 -15.67
N GLY H 236 -16.13 16.10 -15.95
CA GLY H 236 -17.18 16.17 -14.95
C GLY H 236 -17.39 14.84 -14.21
N VAL H 237 -17.39 13.73 -14.94
CA VAL H 237 -17.67 12.44 -14.33
C VAL H 237 -16.46 12.01 -13.51
N LYS H 238 -15.27 12.20 -14.08
CA LYS H 238 -14.01 11.79 -13.48
C LYS H 238 -13.76 12.53 -12.16
N ALA H 239 -14.16 13.80 -12.07
CA ALA H 239 -13.98 14.59 -10.87
C ALA H 239 -14.83 14.04 -9.72
N ASN H 240 -15.82 13.19 -10.03
CA ASN H 240 -16.80 12.80 -9.02
C ASN H 240 -16.84 11.30 -8.77
N PHE H 241 -16.21 10.51 -9.66
CA PHE H 241 -16.34 9.07 -9.55
C PHE H 241 -14.96 8.46 -9.71
N PRO H 242 -14.56 7.51 -8.82
CA PRO H 242 -13.24 6.89 -8.91
C PRO H 242 -13.09 5.90 -10.06
N ILE H 243 -14.19 5.25 -10.46
CA ILE H 243 -14.15 4.30 -11.57
C ILE H 243 -14.98 4.85 -12.73
N VAL H 244 -14.33 5.00 -13.88
CA VAL H 244 -14.98 5.53 -15.07
C VAL H 244 -14.67 4.62 -16.26
N ALA H 245 -15.72 4.13 -16.94
CA ALA H 245 -15.57 3.39 -18.19
C ALA H 245 -16.20 4.20 -19.32
N GLU H 246 -15.50 4.24 -20.46
CA GLU H 246 -15.95 4.91 -21.68
C GLU H 246 -16.16 3.85 -22.76
N TYR H 247 -17.32 3.88 -23.42
CA TYR H 247 -17.56 2.93 -24.51
C TYR H 247 -18.48 3.58 -25.52
N GLU H 248 -18.49 3.04 -26.74
CA GLU H 248 -19.29 3.64 -27.79
C GLU H 248 -19.98 2.55 -28.61
N VAL H 249 -21.11 2.90 -29.24
CA VAL H 249 -21.82 1.96 -30.10
C VAL H 249 -22.34 2.73 -31.30
N TRP H 250 -22.15 2.14 -32.49
CA TRP H 250 -22.64 2.74 -33.72
C TRP H 250 -24.17 2.65 -33.76
N ILE H 251 -24.83 3.78 -33.94
CA ILE H 251 -26.28 3.78 -34.07
C ILE H 251 -26.58 4.31 -35.46
N PRO H 252 -26.96 3.44 -36.43
CA PRO H 252 -27.11 3.90 -37.81
C PRO H 252 -27.95 5.17 -37.96
N SER H 253 -29.09 5.24 -37.26
CA SER H 253 -30.02 6.35 -37.45
C SER H 253 -29.46 7.71 -36.98
N PHE H 254 -28.47 7.69 -36.07
CA PHE H 254 -27.84 8.93 -35.62
C PHE H 254 -26.74 9.39 -36.57
N GLY H 255 -26.16 8.46 -37.34
CA GLY H 255 -25.04 8.80 -38.19
C GLY H 255 -23.70 8.71 -37.47
N TYR H 256 -23.67 8.19 -36.24
CA TYR H 256 -22.39 8.11 -35.53
C TYR H 256 -22.48 7.11 -34.38
N ALA H 257 -21.32 6.83 -33.78
CA ALA H 257 -21.23 5.97 -32.62
C ALA H 257 -21.43 6.83 -31.38
N VAL H 258 -22.51 6.54 -30.62
CA VAL H 258 -22.80 7.29 -29.42
C VAL H 258 -21.77 6.90 -28.37
N ASN H 259 -21.28 7.90 -27.62
CA ASN H 259 -20.37 7.67 -26.51
C ASN H 259 -21.13 7.60 -25.20
N PHE H 260 -20.80 6.58 -24.39
CA PHE H 260 -21.38 6.45 -23.07
C PHE H 260 -20.25 6.56 -22.06
N ILE H 261 -20.59 7.05 -20.86
CA ILE H 261 -19.65 7.18 -19.77
C ILE H 261 -20.32 6.57 -18.55
N LEU H 262 -19.69 5.55 -17.99
CA LEU H 262 -20.18 4.88 -16.81
C LEU H 262 -19.28 5.27 -15.63
N GLY H 263 -19.89 5.83 -14.59
CA GLY H 263 -19.23 6.21 -13.35
C GLY H 263 -19.66 5.30 -12.21
N SER H 264 -18.70 4.78 -11.45
CA SER H 264 -19.00 3.80 -10.43
C SER H 264 -18.27 4.14 -9.13
N LEU H 265 -18.91 3.87 -8.00
CA LEU H 265 -18.36 4.19 -6.69
C LEU H 265 -17.58 3.01 -6.11
N ARG H 266 -17.90 1.78 -6.50
CA ARG H 266 -17.23 0.61 -5.94
C ARG H 266 -16.89 -0.44 -7.00
N TYR H 267 -17.88 -0.85 -7.81
CA TYR H 267 -17.74 -2.02 -8.68
C TYR H 267 -17.23 -1.62 -10.07
N ASP H 268 -16.31 -2.42 -10.61
CA ASP H 268 -15.59 -2.08 -11.82
C ASP H 268 -16.17 -2.89 -12.98
N PRO H 269 -16.72 -2.23 -14.03
CA PRO H 269 -17.25 -2.98 -15.18
C PRO H 269 -16.16 -3.72 -15.94
N HIS H 270 -14.91 -3.27 -15.82
CA HIS H 270 -13.77 -3.92 -16.47
C HIS H 270 -13.44 -5.28 -15.87
N ALA H 271 -13.92 -5.54 -14.64
CA ALA H 271 -13.57 -6.78 -13.95
C ALA H 271 -14.57 -7.89 -14.28
N LEU H 272 -15.67 -7.55 -14.95
CA LEU H 272 -16.71 -8.54 -15.25
C LEU H 272 -16.27 -9.43 -16.43
N THR H 273 -16.37 -10.74 -16.28
CA THR H 273 -16.08 -11.63 -17.39
C THR H 273 -17.36 -11.87 -18.18
N PRO H 274 -17.28 -12.30 -19.46
CA PRO H 274 -18.50 -12.65 -20.19
C PRO H 274 -19.43 -13.57 -19.41
N SER H 275 -18.86 -14.58 -18.74
CA SER H 275 -19.62 -15.61 -18.02
C SER H 275 -20.38 -14.98 -16.86
N GLU H 276 -19.73 -14.07 -16.13
CA GLU H 276 -20.38 -13.39 -15.02
C GLU H 276 -21.53 -12.53 -15.53
N VAL H 277 -21.35 -11.87 -16.67
CA VAL H 277 -22.40 -11.02 -17.21
C VAL H 277 -23.59 -11.91 -17.58
N ASP H 278 -23.34 -13.01 -18.27
CA ASP H 278 -24.40 -13.89 -18.74
C ASP H 278 -25.14 -14.51 -17.55
N GLU H 279 -24.40 -14.84 -16.49
CA GLU H 279 -25.02 -15.44 -15.31
C GLU H 279 -25.93 -14.42 -14.62
N ARG H 280 -25.48 -13.16 -14.49
CA ARG H 280 -26.33 -12.14 -13.89
C ARG H 280 -27.57 -11.88 -14.76
N LEU H 281 -27.42 -11.84 -16.09
CA LEU H 281 -28.57 -11.62 -16.97
C LEU H 281 -29.58 -12.75 -16.78
N ARG H 282 -29.09 -14.01 -16.74
CA ARG H 282 -29.95 -15.16 -16.58
C ARG H 282 -30.66 -15.10 -15.23
N ALA H 283 -29.90 -14.87 -14.15
CA ALA H 283 -30.45 -14.88 -12.80
C ALA H 283 -31.59 -13.87 -12.68
N ARG H 284 -31.47 -12.75 -13.41
CA ARG H 284 -32.40 -11.64 -13.26
C ARG H 284 -33.51 -11.69 -14.31
N GLY H 285 -33.47 -12.69 -15.20
CA GLY H 285 -34.52 -12.90 -16.20
C GLY H 285 -34.46 -11.89 -17.35
N VAL H 286 -33.24 -11.40 -17.68
CA VAL H 286 -33.09 -10.33 -18.66
C VAL H 286 -32.93 -10.92 -20.05
N LYS H 287 -33.87 -10.61 -20.94
CA LYS H 287 -33.76 -11.00 -22.34
C LYS H 287 -33.38 -9.77 -23.16
N THR H 288 -32.44 -9.96 -24.09
CA THR H 288 -31.90 -8.86 -24.88
C THR H 288 -31.82 -9.27 -26.34
N ALA H 289 -31.78 -8.27 -27.24
CA ALA H 289 -31.58 -8.51 -28.66
C ALA H 289 -30.10 -8.36 -29.01
N PHE H 290 -29.30 -7.75 -28.13
CA PHE H 290 -27.95 -7.39 -28.49
C PHE H 290 -26.97 -7.71 -27.37
N TYR H 291 -27.20 -7.13 -26.19
CA TYR H 291 -26.22 -7.16 -25.12
C TYR H 291 -26.06 -8.58 -24.59
N THR H 292 -24.80 -9.02 -24.47
CA THR H 292 -24.40 -10.29 -23.89
C THR H 292 -23.07 -10.07 -23.18
N GLY H 293 -22.52 -11.14 -22.57
CA GLY H 293 -21.24 -11.06 -21.90
C GLY H 293 -20.11 -10.70 -22.87
N ARG H 294 -20.18 -11.25 -24.09
CA ARG H 294 -19.16 -10.99 -25.09
C ARG H 294 -19.26 -9.53 -25.54
N VAL H 295 -20.48 -8.99 -25.64
CA VAL H 295 -20.65 -7.59 -26.02
C VAL H 295 -20.02 -6.71 -24.93
N HIS H 296 -20.27 -7.06 -23.67
CA HIS H 296 -19.71 -6.32 -22.55
C HIS H 296 -18.20 -6.23 -22.70
N LEU H 297 -17.56 -7.38 -22.95
CA LEU H 297 -16.13 -7.46 -23.10
C LEU H 297 -15.67 -6.54 -24.26
N ALA H 298 -16.38 -6.58 -25.38
CA ALA H 298 -16.04 -5.76 -26.53
C ALA H 298 -16.14 -4.29 -26.19
N LEU H 299 -17.23 -3.88 -25.53
CA LEU H 299 -17.44 -2.49 -25.17
C LEU H 299 -16.33 -1.99 -24.26
N MET H 300 -15.88 -2.86 -23.34
CA MET H 300 -14.90 -2.49 -22.34
C MET H 300 -13.51 -2.38 -22.96
N ASN H 301 -13.28 -2.97 -24.14
CA ASN H 301 -11.93 -3.06 -24.68
C ASN H 301 -11.75 -2.20 -25.94
N MET H 302 -12.84 -1.71 -26.53
CA MET H 302 -12.75 -0.95 -27.77
C MET H 302 -12.52 0.52 -27.43
N PRO H 303 -11.39 1.15 -27.85
CA PRO H 303 -11.16 2.57 -27.58
C PRO H 303 -12.15 3.40 -28.40
N ILE H 304 -12.46 4.62 -27.94
CA ILE H 304 -13.44 5.44 -28.63
C ILE H 304 -12.78 6.14 -29.81
N HIS H 305 -13.58 6.57 -30.79
CA HIS H 305 -13.06 7.19 -32.00
C HIS H 305 -12.72 8.67 -31.76
N ARG H 306 -11.59 9.11 -32.32
CA ARG H 306 -11.19 10.51 -32.36
C ARG H 306 -10.68 10.79 -33.77
N LYS H 307 -10.79 12.04 -34.23
CA LYS H 307 -10.15 12.44 -35.48
C LYS H 307 -8.65 12.19 -35.35
N LEU H 308 -8.06 11.48 -36.31
CA LEU H 308 -6.68 11.05 -36.14
C LEU H 308 -5.69 12.02 -36.79
N ARG H 309 -6.17 12.85 -37.72
CA ARG H 309 -5.31 13.86 -38.32
C ARG H 309 -6.04 15.21 -38.27
#